data_6E9Q
#
_entry.id   6E9Q
#
_cell.length_a   64.044
_cell.length_b   72.687
_cell.length_c   452.857
_cell.angle_alpha   90.00
_cell.angle_beta   90.00
_cell.angle_gamma   90.00
#
_symmetry.space_group_name_H-M   'P 21 21 21'
#
loop_
_entity.id
_entity.type
_entity.pdbx_description
1 polymer 'Bovine ultralong antibody BOV-6 heavy chain'
2 polymer 'Bovine ultralong antibody BOV-6 light chain'
#
loop_
_entity_poly.entity_id
_entity_poly.type
_entity_poly.pdbx_seq_one_letter_code
_entity_poly.pdbx_strand_id
1 'polypeptide(L)'
;QVQLRESGPSLVKPSQTLSLTCTASGFSLSDKAVGWVRQAPGKALEWLGSIDTGGNAGYNPGLKSRLSITQDNSKSQVSL
SVSTVTTEDSATYYCTTVHQKTTRNCPAGYSVHYDCSFGDGCTWTCVRHGRASSISVTYTYEWYVDAWGQGLLVTVSSAS
TTAPKVYPLSSCCGDKSSSTVTLGCLVSSYMPEPVTVTWNSGALKSGVHTFPAVLQSSGLYSLSSMVTVPGSTSGQTFTC
NVAHPASSTKVDKAVEPKSCDGS
;
A,C,E,G
2 'polypeptide(L)'
;EAVLNQPSSVSGSLGQRVSITCSGSSSNVGNGYVSWYQLIPGSAPRTLIYGDTSRASGVPDRFSGSRSGNTATLTISSLQ
AEDEADYFCASAEDSSSNAVFGSGTTLTVLGQPKSPPSVTLFPPSTEELNGNKATLVCLISDFYPGSVTVVWKADGSTIT
RNVETTRASKQSNSKYAASSYLSLTSSDWKSKGSYSCEVTHEGSTVTKTVKPSECS
;
B,D,F,H
#
# COMPACT_ATOMS: atom_id res chain seq x y z
N VAL A 2 17.47 9.73 26.74
CA VAL A 2 16.48 8.91 26.05
C VAL A 2 16.96 7.47 25.96
N GLN A 3 16.08 6.54 26.32
CA GLN A 3 16.36 5.11 26.26
C GLN A 3 15.34 4.43 25.35
N LEU A 4 15.62 3.18 25.01
CA LEU A 4 14.77 2.42 24.10
C LEU A 4 14.94 0.94 24.41
N ARG A 5 13.82 0.26 24.68
CA ARG A 5 13.83 -1.14 25.09
C ARG A 5 13.06 -1.97 24.08
N GLU A 6 13.60 -3.15 23.76
CA GLU A 6 12.95 -4.12 22.89
C GLU A 6 12.54 -5.33 23.70
N SER A 7 11.29 -5.76 23.55
CA SER A 7 10.76 -6.91 24.28
C SER A 7 10.13 -7.89 23.29
N GLY A 8 10.18 -9.17 23.66
CA GLY A 8 9.62 -10.22 22.83
C GLY A 8 10.27 -11.56 23.10
N PRO A 9 9.79 -12.60 22.43
CA PRO A 9 10.36 -13.94 22.63
C PRO A 9 11.67 -14.09 21.87
N SER A 10 12.69 -14.57 22.56
CA SER A 10 13.98 -14.83 21.93
C SER A 10 14.01 -16.13 21.15
N LEU A 11 12.92 -16.90 21.15
CA LEU A 11 12.84 -18.17 20.44
C LEU A 11 11.51 -18.27 19.73
N VAL A 12 11.55 -18.73 18.48
CA VAL A 12 10.35 -18.95 17.67
C VAL A 12 10.64 -20.09 16.71
N LYS A 13 9.72 -21.05 16.66
CA LYS A 13 9.88 -22.21 15.80
C LYS A 13 9.57 -21.84 14.35
N PRO A 14 10.11 -22.61 13.39
CA PRO A 14 9.80 -22.34 11.98
C PRO A 14 8.32 -22.48 11.68
N SER A 15 7.89 -21.78 10.63
CA SER A 15 6.49 -21.74 10.21
C SER A 15 5.59 -21.25 11.34
N GLN A 16 6.01 -20.15 11.97
CA GLN A 16 5.30 -19.58 13.10
C GLN A 16 5.50 -18.08 13.10
N THR A 17 4.42 -17.34 13.39
CA THR A 17 4.50 -15.89 13.42
C THR A 17 5.37 -15.42 14.57
N LEU A 18 6.12 -14.34 14.34
CA LEU A 18 6.99 -13.74 15.34
C LEU A 18 6.48 -12.33 15.62
N SER A 19 6.29 -12.02 16.91
CA SER A 19 5.76 -10.73 17.33
C SER A 19 6.66 -10.12 18.39
N LEU A 20 7.10 -8.89 18.14
CA LEU A 20 7.94 -8.15 19.08
C LEU A 20 7.23 -6.87 19.51
N THR A 21 7.83 -6.18 20.47
CA THR A 21 7.24 -4.95 21.02
C THR A 21 8.36 -4.00 21.40
N CYS A 22 8.16 -2.71 21.12
CA CYS A 22 9.15 -1.68 21.38
C CYS A 22 8.53 -0.57 22.23
N THR A 23 9.17 -0.27 23.35
CA THR A 23 8.77 0.83 24.21
C THR A 23 9.96 1.73 24.47
N ALA A 24 9.70 3.04 24.57
CA ALA A 24 10.76 4.01 24.78
C ALA A 24 10.19 5.23 25.49
N SER A 25 11.09 6.03 26.04
CA SER A 25 10.69 7.26 26.74
C SER A 25 10.14 8.30 25.78
N LEU A 29 6.61 9.39 23.24
CA LEU A 29 7.26 8.74 22.12
C LEU A 29 6.53 9.03 20.81
N SER A 30 6.26 10.31 20.55
CA SER A 30 5.58 10.72 19.33
C SER A 30 6.31 11.83 18.59
N ASP A 31 7.51 12.21 19.03
CA ASP A 31 8.25 13.26 18.36
C ASP A 31 8.78 12.81 17.00
N LYS A 32 9.28 11.57 16.93
CA LYS A 32 9.77 11.00 15.68
C LYS A 32 9.12 9.64 15.46
N ALA A 33 9.28 9.11 14.25
CA ALA A 33 8.73 7.82 13.90
C ALA A 33 9.51 6.70 14.60
N VAL A 34 9.00 5.48 14.49
CA VAL A 34 9.64 4.30 15.06
C VAL A 34 9.86 3.30 13.94
N GLY A 35 11.10 2.83 13.82
CA GLY A 35 11.45 1.87 12.78
C GLY A 35 12.02 0.58 13.31
N TRP A 36 12.07 -0.44 12.46
CA TRP A 36 12.60 -1.75 12.82
C TRP A 36 13.69 -2.14 11.83
N VAL A 37 14.87 -2.49 12.35
CA VAL A 37 15.98 -2.95 11.53
C VAL A 37 16.51 -4.25 12.14
N ARG A 38 16.68 -5.26 11.30
CA ARG A 38 17.22 -6.55 11.71
C ARG A 38 18.54 -6.80 11.01
N GLN A 39 19.41 -7.57 11.65
CA GLN A 39 20.71 -7.91 11.09
C GLN A 39 20.91 -9.41 11.19
N ALA A 40 20.89 -10.09 10.04
CA ALA A 40 21.23 -11.50 10.02
C ALA A 40 22.68 -11.69 10.44
N PRO A 41 22.99 -12.80 11.13
CA PRO A 41 24.37 -13.02 11.59
C PRO A 41 25.32 -13.17 10.42
N GLY A 42 26.35 -12.33 10.40
CA GLY A 42 27.30 -12.35 9.30
C GLY A 42 26.77 -11.77 8.01
N LYS A 43 25.80 -10.86 8.09
CA LYS A 43 25.23 -10.22 6.90
C LYS A 43 25.01 -8.74 7.21
N ALA A 44 24.54 -8.02 6.19
CA ALA A 44 24.31 -6.59 6.31
C ALA A 44 23.01 -6.31 7.07
N LEU A 45 22.85 -5.04 7.45
CA LEU A 45 21.62 -4.61 8.08
C LEU A 45 20.46 -4.66 7.08
N GLU A 46 19.28 -4.96 7.58
CA GLU A 46 18.10 -5.13 6.74
C GLU A 46 16.98 -4.24 7.26
N TRP A 47 16.54 -3.30 6.43
CA TRP A 47 15.42 -2.44 6.79
C TRP A 47 14.11 -3.23 6.71
N LEU A 48 13.37 -3.26 7.81
CA LEU A 48 12.10 -3.98 7.87
C LEU A 48 10.92 -3.05 7.59
N GLY A 49 10.77 -2.00 8.40
CA GLY A 49 9.67 -1.08 8.21
C GLY A 49 9.65 -0.02 9.28
N SER A 50 8.61 0.80 9.25
CA SER A 50 8.45 1.88 10.21
C SER A 50 7.01 2.37 10.19
N ILE A 51 6.69 3.24 11.14
CA ILE A 51 5.38 3.88 11.23
C ILE A 51 5.55 5.26 11.84
N ASP A 52 4.98 6.26 11.20
CA ASP A 52 5.19 7.66 11.59
C ASP A 52 4.09 8.08 12.57
N THR A 53 3.94 9.39 12.79
CA THR A 53 2.97 9.88 13.75
C THR A 53 1.54 9.72 13.25
N GLY A 54 1.30 10.05 11.98
CA GLY A 54 -0.03 9.94 11.42
C GLY A 54 -0.52 8.53 11.22
N GLY A 55 0.35 7.53 11.39
CA GLY A 55 -0.02 6.14 11.22
C GLY A 55 0.40 5.52 9.92
N ASN A 56 1.01 6.28 9.01
CA ASN A 56 1.46 5.73 7.74
C ASN A 56 2.64 4.79 7.97
N ALA A 57 2.51 3.56 7.47
CA ALA A 57 3.50 2.52 7.65
C ALA A 57 4.14 2.17 6.31
N GLY A 58 5.46 2.14 6.28
CA GLY A 58 6.21 1.72 5.09
C GLY A 58 6.91 0.41 5.37
N TYR A 59 6.97 -0.45 4.35
CA TYR A 59 7.53 -1.79 4.48
C TYR A 59 8.60 -2.01 3.43
N ASN A 60 9.47 -2.99 3.70
CA ASN A 60 10.46 -3.39 2.73
C ASN A 60 9.79 -4.13 1.58
N PRO A 61 10.15 -3.82 0.33
CA PRO A 61 9.44 -4.44 -0.80
C PRO A 61 9.67 -5.94 -0.91
N GLY A 62 10.83 -6.43 -0.50
CA GLY A 62 11.12 -7.85 -0.59
C GLY A 62 10.37 -8.71 0.42
N LEU A 63 9.91 -8.11 1.52
CA LEU A 63 9.23 -8.86 2.57
C LEU A 63 7.91 -8.23 2.97
N LYS A 64 7.39 -7.27 2.20
CA LYS A 64 6.19 -6.54 2.60
C LYS A 64 5.00 -7.45 2.86
N SER A 65 4.88 -8.55 2.12
CA SER A 65 3.78 -9.48 2.33
C SER A 65 3.94 -10.28 3.61
N ARG A 66 5.16 -10.44 4.10
CA ARG A 66 5.41 -11.29 5.25
C ARG A 66 5.29 -10.56 6.58
N LEU A 67 5.79 -9.33 6.66
CA LEU A 67 5.80 -8.59 7.92
C LEU A 67 4.70 -7.55 7.96
N SER A 68 4.38 -7.09 9.17
CA SER A 68 3.39 -6.06 9.40
C SER A 68 3.72 -5.34 10.69
N ILE A 69 3.46 -4.04 10.73
CA ILE A 69 3.80 -3.20 11.86
C ILE A 69 2.55 -2.48 12.34
N THR A 70 2.23 -2.62 13.63
CA THR A 70 1.12 -1.94 14.25
C THR A 70 1.63 -0.98 15.32
N GLN A 71 0.81 0.03 15.61
CA GLN A 71 1.19 1.06 16.57
C GLN A 71 -0.01 1.46 17.41
N ASP A 72 0.24 1.72 18.69
CA ASP A 72 -0.78 2.22 19.62
C ASP A 72 -0.22 3.46 20.29
N ASN A 73 -0.58 4.63 19.78
CA ASN A 73 -0.06 5.90 20.29
C ASN A 73 -0.52 6.15 21.72
N SER A 76 2.44 4.17 23.40
CA SER A 76 3.79 4.38 22.91
C SER A 76 4.50 3.05 22.65
N GLN A 77 3.79 2.11 22.03
CA GLN A 77 4.31 0.78 21.75
C GLN A 77 4.09 0.46 20.28
N VAL A 78 5.17 0.18 19.57
CA VAL A 78 5.12 -0.20 18.15
C VAL A 78 5.54 -1.66 18.06
N SER A 79 4.65 -2.49 17.55
CA SER A 79 4.86 -3.94 17.47
C SER A 79 5.14 -4.34 16.03
N LEU A 80 6.18 -5.16 15.85
CA LEU A 80 6.54 -5.71 14.54
C LEU A 80 6.18 -7.18 14.51
N SER A 81 5.46 -7.60 13.47
CA SER A 81 4.98 -8.97 13.35
C SER A 81 5.39 -9.51 11.98
N VAL A 82 6.35 -10.44 11.97
CA VAL A 82 6.81 -11.09 10.75
C VAL A 82 6.24 -12.51 10.77
N SER A 83 5.26 -12.77 9.91
CA SER A 83 4.61 -14.07 9.88
C SER A 83 5.40 -15.08 9.07
N THR A 84 5.18 -16.35 9.38
CA THR A 84 5.82 -17.48 8.71
C THR A 84 7.34 -17.35 8.74
N VAL A 85 7.89 -17.49 9.95
CA VAL A 85 9.33 -17.39 10.13
C VAL A 85 10.02 -18.64 9.60
N THR A 86 11.31 -18.49 9.33
CA THR A 86 12.14 -19.59 8.84
C THR A 86 13.53 -19.47 9.46
N THR A 87 14.41 -20.39 9.09
CA THR A 87 15.78 -20.36 9.62
C THR A 87 16.54 -19.13 9.18
N GLU A 88 16.09 -18.45 8.13
CA GLU A 88 16.75 -17.24 7.65
C GLU A 88 16.28 -15.98 8.35
N ASP A 89 15.31 -16.08 9.26
CA ASP A 89 14.83 -14.93 10.01
C ASP A 89 15.56 -14.74 11.34
N SER A 90 16.39 -15.70 11.75
CA SER A 90 17.17 -15.56 12.97
C SER A 90 18.10 -14.36 12.85
N ALA A 91 17.86 -13.33 13.66
CA ALA A 91 18.61 -12.08 13.55
C ALA A 91 18.41 -11.28 14.82
N THR A 92 19.21 -10.22 14.96
CA THR A 92 19.06 -9.27 16.04
C THR A 92 18.18 -8.11 15.56
N TYR A 93 17.03 -7.94 16.21
CA TYR A 93 16.02 -6.97 15.78
C TYR A 93 16.17 -5.70 16.61
N TYR A 94 16.66 -4.63 15.97
CA TYR A 94 16.82 -3.34 16.61
C TYR A 94 15.58 -2.48 16.36
N CYS A 95 15.00 -1.95 17.43
CA CYS A 95 13.99 -0.92 17.32
C CYS A 95 14.68 0.43 17.28
N THR A 96 14.26 1.29 16.35
CA THR A 96 14.94 2.55 16.11
C THR A 96 13.94 3.65 15.85
N THR A 97 14.34 4.88 16.17
CA THR A 97 13.57 6.08 15.86
C THR A 97 14.19 6.72 14.62
N VAL A 98 13.50 6.62 13.49
CA VAL A 98 14.02 7.03 12.20
C VAL A 98 13.28 8.28 11.73
N HIS A 99 14.01 9.18 11.09
CA HIS A 99 13.45 10.41 10.53
C HIS A 99 13.09 10.19 9.06
N GLN A 100 11.84 10.49 8.71
CA GLN A 100 11.35 10.33 7.35
C GLN A 100 10.73 11.64 6.88
N LYS A 101 11.02 12.01 5.64
CA LYS A 101 10.51 13.24 5.06
C LYS A 101 10.70 13.20 3.55
N THR A 102 9.62 13.43 2.82
CA THR A 102 9.63 13.44 1.37
C THR A 102 9.48 14.89 0.91
N THR A 103 10.51 15.42 0.25
CA THR A 103 10.53 16.80 -0.21
C THR A 103 10.46 16.83 -1.73
N ARG A 104 9.34 17.29 -2.26
CA ARG A 104 9.22 17.50 -3.70
C ARG A 104 9.94 18.78 -4.08
N ASN A 105 11.01 18.65 -4.87
CA ASN A 105 11.88 19.78 -5.18
C ASN A 105 11.63 20.29 -6.59
N CYS A 106 11.74 21.60 -6.75
CA CYS A 106 11.65 22.31 -8.01
C CYS A 106 12.83 23.27 -8.13
N PRO A 107 13.25 23.62 -9.36
CA PRO A 107 14.48 24.39 -9.51
C PRO A 107 14.33 25.85 -9.10
N ALA A 108 15.29 26.69 -9.50
CA ALA A 108 15.25 28.10 -9.14
C ALA A 108 14.07 28.78 -9.79
N GLY A 109 13.29 29.50 -8.98
CA GLY A 109 12.10 30.17 -9.45
C GLY A 109 10.98 30.12 -8.45
N TYR A 110 11.06 29.17 -7.50
CA TYR A 110 10.08 29.00 -6.44
C TYR A 110 8.67 28.81 -7.01
N SER A 111 8.51 27.70 -7.74
CA SER A 111 7.24 27.37 -8.38
C SER A 111 7.02 25.86 -8.26
N VAL A 112 6.07 25.46 -7.44
CA VAL A 112 5.71 24.06 -7.26
C VAL A 112 4.20 23.95 -7.18
N HIS A 113 3.68 22.79 -7.58
CA HIS A 113 2.24 22.59 -7.60
C HIS A 113 1.94 21.09 -7.67
N TYR A 114 0.71 20.74 -7.27
CA TYR A 114 0.22 19.38 -7.36
C TYR A 114 -1.22 19.37 -7.86
N ASP A 115 -2.06 18.56 -7.22
CA ASP A 115 -3.49 18.48 -7.55
C ASP A 115 -3.73 18.22 -9.02
N CYS A 116 -3.51 16.99 -9.46
CA CYS A 116 -3.71 16.62 -10.85
C CYS A 116 -5.18 16.33 -11.15
N GLY A 130 9.90 32.41 -12.99
CA GLY A 130 8.71 32.37 -13.81
C GLY A 130 7.62 31.47 -13.25
N ARG A 131 6.37 31.87 -13.43
CA ARG A 131 5.25 31.08 -12.91
C ARG A 131 5.12 29.77 -13.67
N ALA A 132 5.14 29.82 -14.99
CA ALA A 132 5.06 28.61 -15.81
C ALA A 132 6.45 28.01 -15.98
N SER A 133 6.53 26.69 -15.93
CA SER A 133 7.80 25.99 -16.04
C SER A 133 7.58 24.64 -16.67
N SER A 134 8.59 24.17 -17.41
CA SER A 134 8.54 22.87 -18.07
C SER A 134 9.66 21.96 -17.56
N ILE A 135 10.11 22.18 -16.34
CA ILE A 135 11.09 21.32 -15.68
C ILE A 135 10.35 20.37 -14.76
N SER A 136 10.53 19.07 -14.99
CA SER A 136 9.80 18.07 -14.22
C SER A 136 10.15 18.15 -12.75
N VAL A 137 9.22 17.70 -11.91
CA VAL A 137 9.38 17.77 -10.46
C VAL A 137 10.13 16.51 -10.01
N THR A 138 11.34 16.71 -9.48
CA THR A 138 12.15 15.64 -8.91
C THR A 138 12.22 15.84 -7.40
N TYR A 139 12.00 14.77 -6.65
CA TYR A 139 11.87 14.84 -5.20
C TYR A 139 13.06 14.16 -4.52
N THR A 140 13.34 14.59 -3.30
CA THR A 140 14.40 14.03 -2.48
C THR A 140 13.78 13.44 -1.21
N TYR A 141 14.12 12.19 -0.93
CA TYR A 141 13.58 11.48 0.24
C TYR A 141 14.60 11.51 1.36
N GLU A 142 14.22 12.10 2.49
CA GLU A 142 15.10 12.20 3.65
C GLU A 142 14.87 11.01 4.57
N TRP A 143 15.94 10.28 4.87
CA TRP A 143 15.84 9.09 5.71
C TRP A 143 17.16 8.87 6.43
N TYR A 144 17.10 8.71 7.75
CA TYR A 144 18.26 8.33 8.55
C TYR A 144 17.79 7.93 9.94
N VAL A 145 18.46 6.94 10.52
CA VAL A 145 18.12 6.48 11.86
C VAL A 145 18.72 7.43 12.88
N ASP A 146 17.86 8.04 13.70
CA ASP A 146 18.34 9.02 14.68
C ASP A 146 18.94 8.31 15.90
N ALA A 147 18.18 7.39 16.50
CA ALA A 147 18.62 6.68 17.69
C ALA A 147 18.37 5.19 17.51
N TRP A 148 19.27 4.38 18.06
CA TRP A 148 19.20 2.93 17.99
C TRP A 148 18.84 2.35 19.35
N GLY A 149 18.37 1.10 19.33
CA GLY A 149 18.12 0.34 20.53
C GLY A 149 19.23 -0.65 20.81
N GLN A 150 19.23 -1.17 22.04
CA GLN A 150 20.25 -2.14 22.44
C GLN A 150 20.19 -3.39 21.59
N GLY A 151 18.99 -3.82 21.23
CA GLY A 151 18.80 -4.97 20.36
C GLY A 151 18.12 -6.12 21.07
N LEU A 152 17.82 -7.15 20.28
CA LEU A 152 17.17 -8.36 20.78
C LEU A 152 17.41 -9.47 19.77
N LEU A 153 18.00 -10.57 20.21
CA LEU A 153 18.29 -11.69 19.33
C LEU A 153 17.12 -12.67 19.38
N VAL A 154 16.55 -12.98 18.22
CA VAL A 154 15.47 -13.93 18.08
C VAL A 154 15.97 -15.10 17.23
N THR A 155 16.05 -16.29 17.85
CA THR A 155 16.50 -17.48 17.16
C THR A 155 15.31 -18.23 16.56
N VAL A 156 15.58 -18.95 15.48
CA VAL A 156 14.55 -19.66 14.73
C VAL A 156 14.99 -21.12 14.58
N SER A 157 14.36 -22.00 15.36
CA SER A 157 14.61 -23.44 15.31
C SER A 157 13.59 -24.14 16.18
N SER A 158 13.25 -25.38 15.80
CA SER A 158 12.38 -26.21 16.63
C SER A 158 13.05 -26.45 17.97
N ALA A 159 14.12 -27.25 17.97
CA ALA A 159 15.02 -27.41 19.11
C ALA A 159 14.28 -27.67 20.42
N SER A 160 14.81 -27.12 21.52
CA SER A 160 14.21 -27.24 22.84
C SER A 160 14.90 -26.28 23.80
N THR A 161 14.11 -25.55 24.59
CA THR A 161 14.65 -24.55 25.51
C THR A 161 15.22 -25.26 26.72
N THR A 162 16.55 -25.41 26.76
CA THR A 162 17.24 -26.02 27.88
C THR A 162 17.87 -24.93 28.74
N ALA A 163 17.45 -24.84 29.99
CA ALA A 163 17.89 -23.78 30.88
C ALA A 163 19.34 -24.00 31.32
N PRO A 164 20.04 -22.94 31.71
CA PRO A 164 21.41 -23.08 32.18
C PRO A 164 21.52 -23.34 33.68
N LYS A 165 22.68 -23.85 34.07
CA LYS A 165 23.05 -24.04 35.47
C LYS A 165 24.24 -23.14 35.76
N VAL A 166 24.08 -22.24 36.72
CA VAL A 166 25.08 -21.23 37.04
C VAL A 166 25.92 -21.71 38.21
N TYR A 167 27.24 -21.64 38.08
CA TYR A 167 28.16 -22.06 39.12
C TYR A 167 29.14 -20.92 39.40
N PRO A 168 29.40 -20.61 40.67
CA PRO A 168 30.32 -19.52 40.99
C PRO A 168 31.77 -19.89 40.68
N LEU A 169 32.54 -18.89 40.28
CA LEU A 169 33.93 -19.06 39.91
C LEU A 169 34.82 -18.26 40.85
N SER A 170 35.89 -18.90 41.34
CA SER A 170 36.86 -18.24 42.20
C SER A 170 38.20 -18.93 42.05
N SER A 171 39.26 -18.21 42.41
CA SER A 171 40.62 -18.71 42.22
C SER A 171 40.95 -19.78 43.27
N CYS A 172 42.16 -20.33 43.16
CA CYS A 172 42.58 -21.44 44.02
C CYS A 172 43.39 -20.99 45.23
N CYS A 173 44.00 -19.82 45.19
CA CYS A 173 44.88 -19.29 46.24
C CYS A 173 45.77 -20.36 46.87
N THR A 180 45.78 -8.40 41.56
CA THR A 180 44.34 -8.36 41.41
C THR A 180 43.70 -9.70 41.77
N VAL A 181 42.39 -9.70 41.99
CA VAL A 181 41.62 -10.89 42.30
C VAL A 181 40.63 -11.13 41.19
N THR A 182 40.48 -12.40 40.79
CA THR A 182 39.63 -12.78 39.67
C THR A 182 38.51 -13.68 40.16
N LEU A 183 37.27 -13.29 39.85
CA LEU A 183 36.08 -14.08 40.12
C LEU A 183 35.22 -14.10 38.86
N GLY A 184 34.09 -14.80 38.92
CA GLY A 184 33.22 -14.86 37.78
C GLY A 184 32.08 -15.83 38.00
N CYS A 185 31.39 -16.14 36.90
CA CYS A 185 30.27 -17.07 36.91
C CYS A 185 30.35 -17.95 35.67
N LEU A 186 29.82 -19.16 35.78
CA LEU A 186 29.85 -20.15 34.70
C LEU A 186 28.44 -20.47 34.26
N VAL A 187 28.08 -20.05 33.05
CA VAL A 187 26.77 -20.34 32.48
C VAL A 187 26.95 -21.60 31.64
N SER A 188 26.70 -22.75 32.27
CA SER A 188 27.01 -24.05 31.69
C SER A 188 25.74 -24.76 31.22
N SER A 189 25.86 -25.47 30.10
CA SER A 189 24.82 -26.36 29.59
C SER A 189 23.49 -25.64 29.39
N TYR A 190 23.32 -24.98 28.25
CA TYR A 190 22.07 -24.31 27.94
C TYR A 190 21.88 -24.21 26.44
N MET A 191 20.64 -23.99 26.03
CA MET A 191 20.24 -23.80 24.64
C MET A 191 18.79 -23.33 24.60
N PRO A 192 18.42 -22.42 23.69
CA PRO A 192 19.34 -21.78 22.74
C PRO A 192 19.84 -20.42 23.22
N GLU A 193 20.70 -19.80 22.41
CA GLU A 193 21.20 -18.47 22.70
C GLU A 193 20.06 -17.45 22.65
N PRO A 194 20.25 -16.27 23.26
CA PRO A 194 21.42 -15.78 24.02
C PRO A 194 21.23 -15.82 25.53
N VAL A 195 22.20 -15.25 26.24
CA VAL A 195 22.15 -15.12 27.69
C VAL A 195 22.83 -13.81 28.08
N THR A 196 22.14 -12.99 28.87
CA THR A 196 22.67 -11.73 29.36
C THR A 196 23.10 -11.90 30.81
N VAL A 197 24.37 -11.60 31.09
CA VAL A 197 24.93 -11.72 32.43
C VAL A 197 25.25 -10.31 32.92
N THR A 198 24.54 -9.87 33.96
CA THR A 198 24.76 -8.58 34.57
C THR A 198 25.26 -8.77 35.99
N TRP A 199 26.35 -8.11 36.34
CA TRP A 199 26.92 -8.18 37.68
C TRP A 199 26.34 -7.07 38.55
N ASN A 200 25.76 -7.46 39.69
CA ASN A 200 25.17 -6.52 40.65
C ASN A 200 24.06 -5.70 40.02
N SER A 201 23.26 -6.34 39.16
CA SER A 201 22.10 -5.71 38.53
C SER A 201 22.49 -4.42 37.79
N GLY A 202 23.70 -4.39 37.25
CA GLY A 202 24.19 -3.24 36.53
C GLY A 202 25.05 -2.31 37.36
N ALA A 203 25.10 -2.49 38.69
CA ALA A 203 25.93 -1.63 39.52
C ALA A 203 27.41 -1.83 39.23
N LEU A 204 27.84 -3.08 39.09
CA LEU A 204 29.23 -3.41 38.78
C LEU A 204 29.40 -3.46 37.27
N LYS A 205 30.16 -2.52 36.72
CA LYS A 205 30.42 -2.48 35.29
C LYS A 205 31.89 -2.26 34.94
N SER A 206 32.69 -1.67 35.82
CA SER A 206 34.11 -1.46 35.56
C SER A 206 34.88 -2.70 35.98
N GLY A 207 35.38 -3.44 35.00
CA GLY A 207 36.12 -4.67 35.26
C GLY A 207 35.38 -5.94 34.89
N VAL A 208 34.19 -5.84 34.32
CA VAL A 208 33.40 -7.01 33.93
C VAL A 208 33.74 -7.38 32.49
N HIS A 209 33.90 -8.67 32.24
CA HIS A 209 34.21 -9.17 30.91
C HIS A 209 33.44 -10.47 30.70
N THR A 210 32.42 -10.42 29.85
CA THR A 210 31.60 -11.58 29.51
C THR A 210 32.10 -12.16 28.19
N PHE A 211 32.54 -13.41 28.22
CA PHE A 211 33.10 -14.09 27.05
C PHE A 211 32.00 -14.70 26.20
N PRO A 212 32.23 -14.82 24.90
CA PRO A 212 31.26 -15.51 24.04
C PRO A 212 31.15 -16.99 24.40
N ALA A 213 29.99 -17.56 24.06
CA ALA A 213 29.71 -18.95 24.40
C ALA A 213 30.46 -19.90 23.49
N VAL A 214 30.69 -21.10 23.99
CA VAL A 214 31.29 -22.18 23.22
C VAL A 214 30.26 -23.27 23.01
N LEU A 215 30.32 -23.93 21.86
CA LEU A 215 29.38 -24.99 21.51
C LEU A 215 30.06 -26.33 21.76
N GLN A 216 29.56 -27.07 22.74
CA GLN A 216 30.15 -28.34 23.13
C GLN A 216 29.61 -29.47 22.26
N SER A 217 30.04 -30.69 22.56
CA SER A 217 29.65 -31.84 21.75
C SER A 217 28.19 -32.22 21.97
N SER A 218 27.66 -31.98 23.17
CA SER A 218 26.27 -32.33 23.47
C SER A 218 25.28 -31.47 22.70
N GLY A 219 25.70 -30.33 22.19
CA GLY A 219 24.82 -29.41 21.49
C GLY A 219 24.39 -28.19 22.27
N LEU A 220 24.79 -28.10 23.54
CA LEU A 220 24.45 -26.96 24.38
C LEU A 220 25.61 -25.97 24.41
N TYR A 221 25.27 -24.70 24.60
CA TYR A 221 26.26 -23.65 24.70
C TYR A 221 26.76 -23.53 26.15
N SER A 222 27.84 -22.76 26.32
CA SER A 222 28.41 -22.53 27.64
C SER A 222 29.33 -21.32 27.56
N LEU A 223 28.99 -20.26 28.30
CA LEU A 223 29.80 -19.06 28.35
C LEU A 223 30.19 -18.77 29.79
N SER A 224 31.15 -17.84 29.94
CA SER A 224 31.61 -17.40 31.24
C SER A 224 31.55 -15.88 31.30
N SER A 225 31.56 -15.34 32.52
CA SER A 225 31.50 -13.90 32.74
C SER A 225 32.31 -13.60 34.00
N MET A 226 33.54 -13.12 33.81
CA MET A 226 34.45 -12.87 34.92
C MET A 226 34.50 -11.38 35.25
N VAL A 227 34.86 -11.09 36.49
CA VAL A 227 35.03 -9.72 36.98
C VAL A 227 36.35 -9.66 37.73
N THR A 228 37.18 -8.67 37.39
CA THR A 228 38.51 -8.53 37.98
C THR A 228 38.49 -7.41 39.02
N VAL A 229 38.96 -7.71 40.22
CA VAL A 229 39.00 -6.75 41.31
C VAL A 229 40.44 -6.56 41.76
N PRO A 230 40.84 -5.33 42.14
CA PRO A 230 42.26 -5.12 42.48
C PRO A 230 42.67 -5.73 43.80
N GLY A 231 41.88 -5.55 44.85
CA GLY A 231 42.24 -6.07 46.16
C GLY A 231 41.05 -6.46 47.02
N PHE A 238 29.57 -9.47 45.53
CA PHE A 238 29.56 -9.79 44.11
C PHE A 238 28.51 -10.84 43.80
N THR A 239 27.53 -10.47 42.98
CA THR A 239 26.42 -11.35 42.62
C THR A 239 26.13 -11.17 41.14
N CYS A 240 26.39 -12.21 40.35
CA CYS A 240 26.08 -12.17 38.92
C CYS A 240 24.61 -12.53 38.70
N ASN A 241 23.96 -11.80 37.81
CA ASN A 241 22.54 -11.99 37.50
C ASN A 241 22.44 -12.54 36.09
N VAL A 242 22.39 -13.86 35.99
CA VAL A 242 22.33 -14.55 34.69
C VAL A 242 20.88 -14.67 34.27
N ALA A 243 20.58 -14.21 33.06
CA ALA A 243 19.24 -14.27 32.50
C ALA A 243 19.25 -15.05 31.20
N HIS A 244 18.33 -16.01 31.07
CA HIS A 244 18.21 -16.84 29.89
C HIS A 244 16.78 -16.72 29.37
N PRO A 245 16.56 -15.92 28.32
CA PRO A 245 15.18 -15.56 27.96
C PRO A 245 14.35 -16.73 27.42
N ALA A 246 14.98 -17.69 26.74
CA ALA A 246 14.21 -18.76 26.11
C ALA A 246 13.47 -19.60 27.13
N SER A 247 14.04 -19.80 28.32
CA SER A 247 13.38 -20.56 29.38
C SER A 247 12.74 -19.66 30.44
N SER A 248 12.68 -18.35 30.18
CA SER A 248 12.17 -17.37 31.15
C SER A 248 12.88 -17.53 32.49
N THR A 249 14.20 -17.58 32.43
CA THR A 249 15.04 -17.89 33.58
C THR A 249 15.86 -16.67 33.98
N LYS A 250 15.84 -16.35 35.27
CA LYS A 250 16.65 -15.28 35.84
C LYS A 250 17.16 -15.78 37.19
N VAL A 251 18.41 -16.26 37.23
CA VAL A 251 19.00 -16.83 38.42
C VAL A 251 20.09 -15.89 38.92
N ASP A 252 20.04 -15.57 40.21
CA ASP A 252 21.04 -14.71 40.84
C ASP A 252 21.97 -15.57 41.69
N LYS A 253 23.27 -15.45 41.44
CA LYS A 253 24.27 -16.29 42.08
C LYS A 253 25.29 -15.41 42.79
N ALA A 254 25.40 -15.57 44.11
CA ALA A 254 26.39 -14.84 44.87
C ALA A 254 27.76 -15.50 44.75
N VAL A 255 28.79 -14.68 44.52
CA VAL A 255 30.15 -15.16 44.37
C VAL A 255 31.03 -14.43 45.37
N GLU A 256 31.87 -15.19 46.07
CA GLU A 256 32.83 -14.63 47.02
C GLU A 256 34.10 -15.47 46.97
N PRO A 257 35.27 -14.84 47.07
CA PRO A 257 36.53 -15.59 46.98
C PRO A 257 36.65 -16.62 48.09
N LYS A 258 37.51 -17.60 47.85
CA LYS A 258 37.70 -18.68 48.81
C LYS A 258 38.34 -18.16 50.09
N SER A 259 38.10 -18.88 51.19
CA SER A 259 38.60 -18.46 52.49
C SER A 259 40.12 -18.60 52.57
N CYS A 260 40.66 -19.64 51.96
CA CYS A 260 42.11 -19.91 51.96
C CYS A 260 42.66 -20.04 53.39
N ALA B 2 19.39 -6.50 -3.41
CA ALA B 2 18.96 -5.11 -3.25
C ALA B 2 19.72 -4.45 -2.10
N VAL B 3 21.04 -4.44 -2.20
CA VAL B 3 21.91 -3.88 -1.17
C VAL B 3 22.98 -3.04 -1.84
N LEU B 4 23.24 -1.86 -1.30
CA LEU B 4 24.25 -0.97 -1.85
C LEU B 4 25.63 -1.61 -1.78
N ASN B 5 26.41 -1.43 -2.84
CA ASN B 5 27.72 -2.08 -2.94
C ASN B 5 28.74 -1.34 -2.10
N GLN B 6 29.40 -2.08 -1.20
CA GLN B 6 30.50 -1.59 -0.39
C GLN B 6 31.68 -2.53 -0.50
N PRO B 7 32.90 -2.03 -0.31
CA PRO B 7 34.06 -2.93 -0.28
C PRO B 7 34.02 -3.83 0.95
N SER B 8 34.43 -5.08 0.76
CA SER B 8 34.40 -6.04 1.86
C SER B 8 35.37 -5.67 2.97
N SER B 9 36.65 -5.51 2.61
CA SER B 9 37.70 -5.19 3.57
C SER B 9 38.35 -3.87 3.20
N VAL B 10 38.65 -3.06 4.22
CA VAL B 10 39.39 -1.81 4.06
C VAL B 10 40.39 -1.72 5.19
N SER B 11 41.67 -1.52 4.84
CA SER B 11 42.75 -1.49 5.82
C SER B 11 43.45 -0.14 5.73
N GLY B 12 43.68 0.48 6.89
CA GLY B 12 44.40 1.73 6.96
C GLY B 12 45.39 1.71 8.10
N SER B 13 46.49 2.42 7.89
CA SER B 13 47.53 2.49 8.91
C SER B 13 47.10 3.42 10.05
N LEU B 14 47.79 3.28 11.19
CA LEU B 14 47.48 4.09 12.35
C LEU B 14 47.83 5.55 12.09
N GLY B 15 46.87 6.44 12.34
CA GLY B 15 47.06 7.86 12.11
C GLY B 15 46.88 8.31 10.69
N GLN B 16 46.58 7.39 9.77
CA GLN B 16 46.47 7.71 8.36
C GLN B 16 45.01 7.84 7.94
N ARG B 17 44.81 8.18 6.67
CA ARG B 17 43.48 8.39 6.10
C ARG B 17 42.91 7.07 5.60
N VAL B 18 41.58 7.02 5.48
CA VAL B 18 40.89 5.83 5.01
C VAL B 18 39.55 6.23 4.41
N SER B 19 39.26 5.74 3.21
CA SER B 19 38.04 6.07 2.48
C SER B 19 37.24 4.81 2.22
N ILE B 20 35.91 4.92 2.30
CA ILE B 20 34.99 3.82 2.08
C ILE B 20 33.94 4.27 1.08
N THR B 21 33.92 3.67 -0.10
CA THR B 21 32.99 4.04 -1.15
C THR B 21 31.68 3.26 -1.00
N CYS B 22 30.58 3.91 -1.37
CA CYS B 22 29.24 3.32 -1.33
C CYS B 22 28.64 3.45 -2.73
N SER B 23 29.04 2.55 -3.62
CA SER B 23 28.59 2.58 -5.01
C SER B 23 27.11 2.22 -5.09
N GLY B 24 26.29 3.19 -5.50
CA GLY B 24 24.86 2.96 -5.60
C GLY B 24 24.29 3.35 -6.95
N SER B 25 22.97 3.53 -7.01
CA SER B 25 22.27 3.85 -8.25
C SER B 25 21.57 5.21 -8.10
N SER B 26 20.77 5.56 -9.12
CA SER B 26 20.12 6.87 -9.16
C SER B 26 18.85 6.93 -8.33
N SER B 27 18.25 5.78 -7.98
CA SER B 27 17.05 5.79 -7.15
C SER B 27 17.36 5.94 -5.68
N ASN B 28 18.57 5.56 -5.24
CA ASN B 28 18.93 5.58 -3.83
C ASN B 28 20.00 6.62 -3.55
N VAL B 29 21.24 6.39 -3.99
CA VAL B 29 22.29 7.39 -3.80
C VAL B 29 22.12 8.56 -4.75
N GLY B 30 21.45 8.36 -5.89
CA GLY B 30 21.08 9.49 -6.73
C GLY B 30 20.22 10.49 -5.98
N ASN B 31 19.27 10.00 -5.20
CA ASN B 31 18.60 10.84 -4.22
C ASN B 31 19.60 11.26 -3.15
N GLY B 32 19.86 12.56 -3.08
CA GLY B 32 20.93 13.06 -2.23
C GLY B 32 20.66 12.97 -0.74
N TYR B 33 20.57 11.76 -0.20
CA TYR B 33 20.41 11.58 1.24
C TYR B 33 21.04 10.24 1.65
N VAL B 34 22.37 10.23 1.69
CA VAL B 34 23.13 9.07 2.14
C VAL B 34 23.43 9.22 3.62
N SER B 35 23.26 8.13 4.36
CA SER B 35 23.58 8.08 5.78
C SER B 35 24.62 7.01 6.03
N TRP B 36 25.39 7.17 7.11
CA TRP B 36 26.46 6.25 7.46
C TRP B 36 26.30 5.80 8.90
N TYR B 37 26.67 4.54 9.14
CA TYR B 37 26.50 3.92 10.45
C TYR B 37 27.74 3.12 10.80
N GLN B 38 28.04 3.07 12.10
CA GLN B 38 29.21 2.36 12.62
C GLN B 38 28.74 1.25 13.55
N LEU B 39 29.30 0.05 13.36
CA LEU B 39 28.92 -1.14 14.12
C LEU B 39 30.13 -1.65 14.89
N ILE B 40 30.21 -1.34 16.18
CA ILE B 40 31.29 -1.81 17.05
C ILE B 40 30.80 -3.04 17.81
N PRO B 41 31.61 -4.09 17.92
CA PRO B 41 31.17 -5.29 18.66
C PRO B 41 30.86 -4.96 20.11
N GLY B 42 29.70 -5.42 20.57
CA GLY B 42 29.27 -5.20 21.93
C GLY B 42 28.56 -3.89 22.19
N SER B 43 28.19 -3.16 21.15
CA SER B 43 27.51 -1.88 21.30
C SER B 43 26.41 -1.76 20.25
N ALA B 44 25.42 -0.93 20.56
CA ALA B 44 24.37 -0.64 19.60
C ALA B 44 24.93 0.15 18.42
N PRO B 45 24.35 -0.01 17.23
CA PRO B 45 24.85 0.73 16.07
C PRO B 45 24.84 2.24 16.30
N ARG B 46 25.83 2.90 15.73
CA ARG B 46 26.07 4.32 15.94
C ARG B 46 25.86 5.08 14.63
N THR B 47 24.90 5.99 14.63
CA THR B 47 24.69 6.85 13.47
C THR B 47 25.84 7.84 13.35
N LEU B 48 26.53 7.81 12.21
CA LEU B 48 27.71 8.63 11.99
C LEU B 48 27.39 9.92 11.23
N ILE B 49 26.85 9.79 10.01
CA ILE B 49 26.52 10.93 9.17
C ILE B 49 25.12 10.75 8.64
N TYR B 50 24.39 11.86 8.50
CA TYR B 50 23.05 11.87 7.92
C TYR B 50 22.98 12.97 6.88
N GLY B 51 22.25 12.70 5.80
CA GLY B 51 22.13 13.68 4.73
C GLY B 51 23.46 14.03 4.10
N ASP B 52 24.15 13.01 3.57
CA ASP B 52 25.41 13.17 2.84
C ASP B 52 26.53 13.68 3.75
N THR B 53 26.46 14.96 4.15
CA THR B 53 27.60 15.62 4.76
C THR B 53 27.37 16.08 6.19
N SER B 54 26.17 15.95 6.75
CA SER B 54 25.88 16.43 8.09
C SER B 54 26.27 15.38 9.12
N ARG B 55 27.19 15.74 10.01
CA ARG B 55 27.59 14.84 11.08
C ARG B 55 26.51 14.74 12.15
N ALA B 56 26.51 13.61 12.86
CA ALA B 56 25.57 13.41 13.95
C ALA B 56 26.07 14.15 15.19
N SER B 57 25.51 13.82 16.35
CA SER B 57 25.91 14.44 17.61
C SER B 57 26.99 13.60 18.27
N GLY B 58 28.09 14.25 18.65
CA GLY B 58 29.16 13.56 19.34
C GLY B 58 30.07 12.74 18.46
N VAL B 59 30.11 13.01 17.17
CA VAL B 59 30.99 12.33 16.22
C VAL B 59 32.09 13.30 15.81
N PRO B 60 33.36 12.91 15.86
CA PRO B 60 34.45 13.88 15.63
C PRO B 60 34.47 14.38 14.19
N ASP B 61 35.29 15.41 13.97
CA ASP B 61 35.45 16.00 12.65
C ASP B 61 36.18 15.07 11.69
N ARG B 62 36.87 14.05 12.21
CA ARG B 62 37.59 13.13 11.36
C ARG B 62 36.65 12.34 10.46
N PHE B 63 35.42 12.14 10.89
CA PHE B 63 34.43 11.39 10.12
C PHE B 63 33.72 12.37 9.18
N SER B 64 34.20 12.45 7.95
CA SER B 64 33.64 13.32 6.94
C SER B 64 32.92 12.50 5.87
N GLY B 65 31.73 12.95 5.48
CA GLY B 65 30.94 12.29 4.47
C GLY B 65 30.91 13.11 3.19
N SER B 66 30.74 12.43 2.07
CA SER B 66 30.74 13.08 0.77
C SER B 66 29.95 12.22 -0.22
N ARG B 67 29.64 12.81 -1.37
CA ARG B 67 28.98 12.11 -2.45
C ARG B 67 29.16 12.88 -3.74
N SER B 68 29.48 12.17 -4.82
CA SER B 68 29.57 12.73 -6.17
C SER B 68 28.63 11.94 -7.06
N GLY B 69 27.47 12.52 -7.36
CA GLY B 69 26.50 11.84 -8.21
C GLY B 69 25.94 10.62 -7.51
N ASN B 70 26.20 9.45 -8.08
CA ASN B 70 25.63 8.20 -7.61
C ASN B 70 26.54 7.45 -6.65
N THR B 71 27.59 8.08 -6.15
CA THR B 71 28.58 7.41 -5.30
C THR B 71 28.87 8.27 -4.08
N ALA B 72 28.65 7.71 -2.90
CA ALA B 72 28.94 8.38 -1.64
C ALA B 72 30.12 7.71 -0.95
N THR B 73 31.00 8.52 -0.37
CA THR B 73 32.18 8.02 0.31
C THR B 73 32.22 8.55 1.74
N LEU B 74 32.80 7.75 2.63
CA LEU B 74 33.02 8.13 4.02
C LEU B 74 34.52 8.12 4.28
N THR B 75 35.05 9.26 4.72
CA THR B 75 36.48 9.44 4.94
C THR B 75 36.77 9.52 6.43
N ILE B 76 37.68 8.67 6.89
CA ILE B 76 38.14 8.68 8.28
C ILE B 76 39.59 9.15 8.28
N SER B 77 39.83 10.34 8.81
CA SER B 77 41.16 10.90 8.91
C SER B 77 41.72 10.66 10.30
N SER B 78 43.04 10.48 10.38
CA SER B 78 43.73 10.18 11.62
C SER B 78 43.09 8.98 12.33
N LEU B 79 43.10 7.85 11.63
CA LEU B 79 42.43 6.66 12.11
C LEU B 79 43.05 6.18 13.43
N GLN B 80 42.19 5.71 14.33
CA GLN B 80 42.59 5.23 15.64
C GLN B 80 42.25 3.75 15.79
N ALA B 81 42.63 3.18 16.92
CA ALA B 81 42.32 1.77 17.18
C ALA B 81 40.85 1.57 17.51
N GLU B 82 40.19 2.60 18.03
CA GLU B 82 38.77 2.52 18.35
C GLU B 82 37.87 2.75 17.14
N ASP B 83 38.45 3.00 15.97
CA ASP B 83 37.68 3.13 14.73
C ASP B 83 37.45 1.79 14.05
N GLU B 84 38.13 0.73 14.49
CA GLU B 84 37.94 -0.60 13.92
C GLU B 84 36.53 -1.09 14.17
N ALA B 85 35.72 -1.18 13.11
CA ALA B 85 34.32 -1.56 13.23
C ALA B 85 33.82 -1.91 11.83
N ASP B 86 32.52 -2.17 11.72
CA ASP B 86 31.86 -2.36 10.43
C ASP B 86 31.05 -1.11 10.11
N TYR B 87 31.22 -0.59 8.91
CA TYR B 87 30.57 0.65 8.49
C TYR B 87 29.58 0.35 7.38
N PHE B 88 28.38 0.93 7.50
CA PHE B 88 27.29 0.70 6.56
C PHE B 88 26.76 2.04 6.05
N CYS B 89 26.49 2.10 4.75
CA CYS B 89 25.83 3.25 4.14
C CYS B 89 24.38 2.91 3.85
N ALA B 90 23.51 3.92 3.91
CA ALA B 90 22.09 3.71 3.69
C ALA B 90 21.47 4.96 3.11
N SER B 91 20.38 4.77 2.37
CA SER B 91 19.64 5.87 1.76
C SER B 91 18.26 5.37 1.38
N ALA B 92 17.33 6.31 1.28
CA ALA B 92 15.97 5.98 0.85
C ALA B 92 15.96 5.65 -0.64
N GLU B 93 14.89 4.99 -1.07
CA GLU B 93 14.75 4.59 -2.46
C GLU B 93 13.27 4.52 -2.82
N ASP B 94 12.84 5.38 -3.75
CA ASP B 94 11.48 5.40 -4.29
C ASP B 94 10.43 5.77 -3.24
N SER B 95 10.86 5.94 -1.99
CA SER B 95 9.94 6.28 -0.90
C SER B 95 10.75 6.72 0.30
N SER B 96 10.13 7.54 1.14
CA SER B 96 10.77 8.00 2.37
C SER B 96 10.80 6.93 3.46
N SER B 97 10.00 5.87 3.31
CA SER B 97 9.97 4.78 4.27
C SER B 97 10.53 3.48 3.71
N ASN B 98 11.24 3.55 2.58
CA ASN B 98 11.89 2.39 1.98
C ASN B 98 13.36 2.71 1.82
N ALA B 99 14.20 2.09 2.65
CA ALA B 99 15.63 2.33 2.65
C ALA B 99 16.40 1.05 2.39
N VAL B 100 17.56 1.19 1.78
CA VAL B 100 18.47 0.08 1.52
C VAL B 100 19.79 0.38 2.19
N PHE B 101 20.42 -0.65 2.73
CA PHE B 101 21.71 -0.52 3.40
C PHE B 101 22.83 -0.94 2.46
N GLY B 102 24.06 -0.82 2.94
CA GLY B 102 25.23 -1.24 2.20
C GLY B 102 25.69 -2.63 2.58
N SER B 103 26.53 -3.22 1.74
CA SER B 103 26.99 -4.58 1.97
C SER B 103 27.90 -4.69 3.19
N GLY B 104 28.44 -3.58 3.66
CA GLY B 104 29.29 -3.60 4.84
C GLY B 104 30.76 -3.48 4.51
N THR B 105 31.51 -2.76 5.35
CA THR B 105 32.94 -2.56 5.18
C THR B 105 33.62 -2.71 6.54
N THR B 106 34.51 -3.67 6.65
CA THR B 106 35.22 -3.94 7.90
C THR B 106 36.53 -3.15 7.91
N LEU B 107 36.67 -2.24 8.87
CA LEU B 107 37.87 -1.42 9.00
C LEU B 107 38.83 -2.08 9.99
N THR B 108 40.01 -2.45 9.50
CA THR B 108 41.08 -2.99 10.34
C THR B 108 42.24 -2.01 10.30
N VAL B 109 42.55 -1.41 11.45
CA VAL B 109 43.60 -0.42 11.55
C VAL B 109 44.92 -1.12 11.81
N LEU B 110 45.90 -0.92 10.94
CA LEU B 110 47.20 -1.54 11.06
C LEU B 110 48.12 -0.70 11.94
N GLY B 111 49.24 -1.30 12.34
CA GLY B 111 50.24 -0.62 13.14
C GLY B 111 50.02 -0.67 14.63
N GLN B 112 49.06 -1.46 15.11
CA GLN B 112 48.82 -1.53 16.54
C GLN B 112 49.91 -2.33 17.23
N PRO B 113 50.27 -1.97 18.46
CA PRO B 113 51.27 -2.75 19.19
C PRO B 113 50.69 -4.06 19.70
N LYS B 114 51.55 -5.08 19.72
CA LYS B 114 51.12 -6.39 20.18
C LYS B 114 51.08 -6.42 21.70
N SER B 115 50.16 -7.22 22.24
CA SER B 115 49.96 -7.33 23.68
C SER B 115 49.90 -8.78 24.10
N PRO B 116 50.50 -9.14 25.24
CA PRO B 116 50.49 -10.52 25.67
C PRO B 116 49.10 -10.92 26.17
N PRO B 117 48.75 -12.20 26.08
CA PRO B 117 47.42 -12.63 26.54
C PRO B 117 47.36 -12.71 28.06
N SER B 118 46.19 -12.35 28.59
CA SER B 118 45.91 -12.46 30.02
C SER B 118 45.15 -13.76 30.26
N VAL B 119 45.77 -14.68 31.00
CA VAL B 119 45.23 -16.02 31.20
C VAL B 119 44.74 -16.15 32.64
N THR B 120 43.54 -16.70 32.80
CA THR B 120 42.98 -16.98 34.12
C THR B 120 42.32 -18.35 34.08
N LEU B 121 42.66 -19.20 35.04
CA LEU B 121 42.16 -20.57 35.10
C LEU B 121 41.39 -20.76 36.39
N PHE B 122 40.12 -21.17 36.27
CA PHE B 122 39.27 -21.40 37.42
C PHE B 122 39.05 -22.89 37.66
N PRO B 123 39.13 -23.34 38.90
CA PRO B 123 38.86 -24.75 39.21
C PRO B 123 37.37 -25.03 39.13
N PRO B 124 36.98 -26.30 39.10
CA PRO B 124 35.54 -26.62 39.16
C PRO B 124 34.96 -26.23 40.52
N SER B 125 33.80 -25.58 40.49
CA SER B 125 33.17 -25.13 41.72
C SER B 125 32.75 -26.31 42.57
N THR B 126 32.66 -26.08 43.89
CA THR B 126 32.21 -27.12 44.80
C THR B 126 30.77 -27.51 44.50
N GLU B 127 29.94 -26.56 44.10
CA GLU B 127 28.55 -26.85 43.77
C GLU B 127 28.46 -27.78 42.56
N GLU B 128 29.32 -27.57 41.56
CA GLU B 128 29.32 -28.45 40.39
C GLU B 128 29.91 -29.81 40.73
N LEU B 129 30.89 -29.86 41.63
CA LEU B 129 31.47 -31.13 42.04
C LEU B 129 30.45 -32.01 42.77
N ASN B 130 29.38 -31.42 43.30
CA ASN B 130 28.33 -32.18 43.96
C ASN B 130 27.38 -32.86 42.98
N GLY B 131 27.61 -32.71 41.67
CA GLY B 131 26.82 -33.41 40.67
C GLY B 131 27.65 -34.40 39.89
N ASN B 132 28.79 -34.79 40.47
CA ASN B 132 29.72 -35.72 39.84
C ASN B 132 30.20 -35.20 38.49
N LYS B 133 30.49 -33.91 38.42
CA LYS B 133 30.96 -33.28 37.19
C LYS B 133 31.91 -32.14 37.54
N ALA B 134 32.87 -31.91 36.64
CA ALA B 134 33.88 -30.88 36.83
C ALA B 134 34.20 -30.23 35.50
N THR B 135 34.27 -28.90 35.49
CA THR B 135 34.57 -28.14 34.27
C THR B 135 35.60 -27.08 34.60
N LEU B 136 36.76 -27.14 33.93
CA LEU B 136 37.83 -26.17 34.12
C LEU B 136 37.68 -25.06 33.08
N VAL B 137 37.53 -23.82 33.55
CA VAL B 137 37.32 -22.67 32.69
C VAL B 137 38.63 -21.89 32.61
N CYS B 138 39.15 -21.74 31.39
CA CYS B 138 40.36 -20.98 31.14
C CYS B 138 40.00 -19.80 30.23
N LEU B 139 40.10 -18.59 30.78
CA LEU B 139 39.69 -17.38 30.09
C LEU B 139 40.92 -16.60 29.63
N ILE B 140 40.97 -16.30 28.33
CA ILE B 140 42.07 -15.55 27.73
C ILE B 140 41.50 -14.23 27.21
N SER B 141 42.17 -13.12 27.53
CA SER B 141 41.65 -11.82 27.16
C SER B 141 42.80 -10.86 26.92
N ASP B 142 42.51 -9.83 26.12
CA ASP B 142 43.42 -8.71 25.89
C ASP B 142 44.74 -9.18 25.27
N PHE B 143 44.64 -9.79 24.10
CA PHE B 143 45.81 -10.17 23.33
C PHE B 143 45.66 -9.71 21.88
N TYR B 144 46.74 -9.15 21.33
CA TYR B 144 46.77 -8.69 19.96
C TYR B 144 48.13 -9.10 19.39
N PRO B 145 48.17 -9.69 18.19
CA PRO B 145 47.03 -10.06 17.34
C PRO B 145 46.19 -11.21 17.91
N GLY B 146 45.11 -11.56 17.22
CA GLY B 146 44.14 -12.49 17.76
C GLY B 146 44.35 -13.95 17.41
N SER B 147 45.61 -14.34 17.18
CA SER B 147 45.94 -15.74 16.92
C SER B 147 46.55 -16.32 18.20
N VAL B 148 45.83 -17.25 18.82
CA VAL B 148 46.25 -17.86 20.08
C VAL B 148 46.09 -19.38 19.97
N THR B 149 47.14 -20.11 20.29
CA THR B 149 47.11 -21.56 20.33
C THR B 149 47.10 -22.02 21.78
N VAL B 150 46.17 -22.91 22.11
CA VAL B 150 45.91 -23.33 23.49
C VAL B 150 46.13 -24.83 23.59
N VAL B 151 46.91 -25.24 24.59
CA VAL B 151 47.12 -26.65 24.91
C VAL B 151 46.98 -26.84 26.41
N TRP B 152 46.34 -27.93 26.81
CA TRP B 152 46.19 -28.29 28.20
C TRP B 152 47.19 -29.39 28.58
N LYS B 153 47.48 -29.47 29.87
CA LYS B 153 48.38 -30.49 30.39
C LYS B 153 47.91 -30.95 31.75
N ALA B 154 48.20 -32.21 32.08
CA ALA B 154 47.87 -32.80 33.36
C ALA B 154 49.12 -33.49 33.90
N ASP B 155 49.80 -32.85 34.86
CA ASP B 155 51.04 -33.35 35.43
C ASP B 155 52.10 -33.58 34.35
N GLY B 156 52.19 -32.64 33.41
CA GLY B 156 53.14 -32.72 32.33
C GLY B 156 52.65 -33.47 31.10
N SER B 157 51.58 -34.26 31.22
CA SER B 157 51.04 -35.02 30.10
C SER B 157 50.01 -34.17 29.36
N THR B 158 50.18 -34.08 28.04
CA THR B 158 49.32 -33.24 27.22
C THR B 158 47.92 -33.83 27.13
N ILE B 159 46.91 -33.04 27.50
CA ILE B 159 45.52 -33.45 27.32
C ILE B 159 45.09 -33.13 25.90
N THR B 160 44.20 -33.95 25.36
CA THR B 160 43.56 -33.73 24.06
C THR B 160 42.05 -33.87 24.14
N ARG B 161 41.56 -34.86 24.88
CA ARG B 161 40.14 -35.19 24.88
C ARG B 161 39.36 -34.17 25.71
N ASN B 162 38.06 -34.07 25.40
CA ASN B 162 37.09 -33.30 26.18
C ASN B 162 37.42 -31.81 26.23
N VAL B 163 38.21 -31.31 25.28
CA VAL B 163 38.63 -29.92 25.24
C VAL B 163 37.85 -29.21 24.14
N GLU B 164 37.23 -28.08 24.47
CA GLU B 164 36.50 -27.26 23.51
C GLU B 164 36.94 -25.82 23.68
N THR B 165 37.48 -25.24 22.61
CA THR B 165 38.04 -23.89 22.65
C THR B 165 37.31 -23.01 21.64
N THR B 166 36.90 -21.83 22.09
CA THR B 166 36.23 -20.87 21.22
C THR B 166 37.25 -20.09 20.39
N ARG B 167 36.76 -19.52 19.29
CA ARG B 167 37.61 -18.68 18.45
C ARG B 167 37.84 -17.33 19.13
N ALA B 168 38.85 -16.61 18.64
CA ALA B 168 39.20 -15.32 19.20
C ALA B 168 38.16 -14.29 18.81
N SER B 169 37.40 -13.80 19.79
CA SER B 169 36.39 -12.78 19.58
C SER B 169 36.99 -11.41 19.88
N LYS B 170 36.75 -10.46 18.98
CA LYS B 170 37.32 -9.13 19.13
C LYS B 170 36.61 -8.36 20.24
N GLN B 171 37.39 -7.79 21.15
CA GLN B 171 36.84 -7.01 22.24
C GLN B 171 36.50 -5.60 21.76
N SER B 172 36.05 -4.75 22.68
CA SER B 172 35.72 -3.38 22.33
C SER B 172 36.96 -2.50 22.18
N ASN B 173 38.09 -2.90 22.76
CA ASN B 173 39.33 -2.14 22.69
C ASN B 173 40.31 -2.72 21.68
N SER B 174 39.79 -3.14 20.52
CA SER B 174 40.59 -3.61 19.38
C SER B 174 41.32 -4.93 19.65
N LYS B 175 41.45 -5.31 20.92
CA LYS B 175 42.10 -6.57 21.27
C LYS B 175 41.12 -7.73 21.21
N TYR B 176 41.64 -8.93 21.36
CA TYR B 176 40.86 -10.15 21.19
C TYR B 176 40.78 -10.93 22.50
N ALA B 177 39.79 -11.83 22.56
CA ALA B 177 39.56 -12.66 23.73
C ALA B 177 39.08 -14.03 23.28
N ALA B 178 39.38 -15.05 24.09
CA ALA B 178 38.96 -16.40 23.80
C ALA B 178 38.91 -17.19 25.09
N SER B 179 38.12 -18.26 25.08
CA SER B 179 37.96 -19.12 26.25
C SER B 179 38.21 -20.57 25.86
N SER B 180 38.41 -21.40 26.88
CA SER B 180 38.65 -22.82 26.68
C SER B 180 38.09 -23.57 27.89
N TYR B 181 37.39 -24.66 27.64
CA TYR B 181 36.70 -25.42 28.67
C TYR B 181 37.17 -26.86 28.66
N LEU B 182 37.51 -27.38 29.84
CA LEU B 182 37.91 -28.77 30.03
C LEU B 182 36.86 -29.44 30.91
N SER B 183 35.87 -30.06 30.26
CA SER B 183 34.82 -30.77 30.98
C SER B 183 35.35 -32.14 31.39
N LEU B 184 35.34 -32.41 32.70
CA LEU B 184 35.90 -33.64 33.25
C LEU B 184 34.88 -34.31 34.16
N THR B 185 35.09 -35.60 34.37
CA THR B 185 34.35 -36.30 35.42
C THR B 185 34.89 -35.88 36.79
N SER B 186 34.02 -35.94 37.80
CA SER B 186 34.44 -35.54 39.14
C SER B 186 35.59 -36.40 39.64
N SER B 187 35.57 -37.69 39.31
CA SER B 187 36.71 -38.55 39.66
C SER B 187 37.95 -38.16 38.87
N ASP B 188 37.77 -37.74 37.61
CA ASP B 188 38.90 -37.33 36.80
C ASP B 188 39.50 -35.99 37.25
N TRP B 189 38.71 -35.16 37.93
CA TRP B 189 39.25 -33.90 38.43
C TRP B 189 40.25 -34.12 39.55
N LYS B 190 39.88 -34.97 40.52
CA LYS B 190 40.74 -35.28 41.66
C LYS B 190 41.71 -36.41 41.38
N SER B 191 41.86 -36.82 40.12
CA SER B 191 42.73 -37.93 39.76
C SER B 191 44.13 -37.49 39.36
N LYS B 192 44.40 -36.18 39.36
CA LYS B 192 45.71 -35.67 38.96
C LYS B 192 46.19 -34.69 40.02
N GLY B 193 47.46 -34.30 39.90
CA GLY B 193 48.08 -33.40 40.85
C GLY B 193 48.04 -31.94 40.40
N SER B 194 48.20 -31.71 39.10
CA SER B 194 48.24 -30.36 38.56
C SER B 194 47.57 -30.33 37.19
N TYR B 195 46.82 -29.26 36.94
CA TYR B 195 46.22 -29.00 35.63
C TYR B 195 46.67 -27.63 35.17
N SER B 196 47.15 -27.54 33.93
CA SER B 196 47.69 -26.31 33.39
C SER B 196 46.98 -25.93 32.10
N CYS B 197 46.72 -24.63 31.94
CA CYS B 197 46.18 -24.07 30.71
C CYS B 197 47.30 -23.26 30.06
N GLU B 198 48.01 -23.89 29.12
CA GLU B 198 49.16 -23.27 28.46
C GLU B 198 48.68 -22.53 27.22
N VAL B 199 48.86 -21.21 27.22
CA VAL B 199 48.42 -20.34 26.13
C VAL B 199 49.66 -19.78 25.45
N THR B 200 49.77 -20.00 24.15
CA THR B 200 50.89 -19.52 23.35
C THR B 200 50.39 -18.44 22.38
N HIS B 201 51.10 -17.32 22.33
CA HIS B 201 50.69 -16.19 21.50
C HIS B 201 51.95 -15.47 21.03
N GLU B 202 52.21 -15.53 19.72
CA GLU B 202 53.35 -14.84 19.11
C GLU B 202 54.68 -15.26 19.73
N GLY B 203 54.79 -16.55 20.05
CA GLY B 203 55.98 -17.10 20.68
C GLY B 203 55.98 -17.02 22.20
N SER B 204 55.50 -15.90 22.73
CA SER B 204 55.41 -15.74 24.19
C SER B 204 54.29 -16.62 24.72
N THR B 205 54.64 -17.49 25.66
CA THR B 205 53.71 -18.47 26.22
C THR B 205 53.37 -18.10 27.66
N VAL B 206 52.07 -18.02 27.96
CA VAL B 206 51.56 -17.76 29.30
C VAL B 206 50.83 -19.01 29.78
N THR B 207 51.08 -19.37 31.04
CA THR B 207 50.53 -20.61 31.59
C THR B 207 49.99 -20.36 32.99
N LYS B 208 48.82 -20.92 33.28
CA LYS B 208 48.24 -20.92 34.61
C LYS B 208 47.99 -22.36 35.04
N THR B 209 48.23 -22.65 36.32
CA THR B 209 48.14 -24.01 36.84
C THR B 209 47.25 -24.04 38.08
N VAL B 210 46.46 -25.10 38.19
CA VAL B 210 45.62 -25.36 39.35
C VAL B 210 45.95 -26.73 39.90
N LYS B 211 45.95 -26.85 41.22
CA LYS B 211 46.26 -28.11 41.90
C LYS B 211 45.08 -28.52 42.78
N PRO B 212 44.41 -29.64 42.47
CA PRO B 212 43.21 -30.00 43.25
C PRO B 212 43.50 -30.21 44.73
N SER B 213 44.71 -30.60 45.10
CA SER B 213 45.02 -30.84 46.51
C SER B 213 45.06 -29.54 47.29
N GLU B 214 45.72 -28.52 46.75
CA GLU B 214 45.89 -27.24 47.42
C GLU B 214 44.86 -26.20 46.99
N CYS B 215 43.70 -26.64 46.50
CA CYS B 215 42.64 -25.75 46.03
C CYS B 215 41.33 -26.15 46.70
N SER B 216 40.98 -25.45 47.77
CA SER B 216 39.74 -25.74 48.49
C SER B 216 39.14 -24.47 49.07
N VAL C 2 32.40 -8.77 -38.28
CA VAL C 2 32.76 -7.52 -37.61
C VAL C 2 34.17 -7.61 -37.05
N GLN C 3 35.07 -6.82 -37.61
CA GLN C 3 36.47 -6.79 -37.18
C GLN C 3 36.69 -5.59 -36.26
N LEU C 4 37.02 -5.86 -35.00
CA LEU C 4 37.27 -4.82 -34.00
C LEU C 4 38.67 -5.04 -33.44
N ARG C 5 39.63 -4.24 -33.91
CA ARG C 5 41.02 -4.32 -33.48
C ARG C 5 41.34 -3.14 -32.58
N GLU C 6 41.90 -3.43 -31.40
CA GLU C 6 42.36 -2.42 -30.47
C GLU C 6 43.86 -2.19 -30.66
N SER C 7 44.24 -0.92 -30.86
CA SER C 7 45.63 -0.54 -31.01
C SER C 7 45.94 0.58 -30.03
N GLY C 8 47.09 0.49 -29.38
CA GLY C 8 47.51 1.48 -28.41
C GLY C 8 48.75 1.08 -27.66
N PRO C 9 49.23 1.95 -26.79
CA PRO C 9 50.44 1.64 -26.02
C PRO C 9 50.20 0.52 -25.02
N SER C 10 51.25 -0.28 -24.80
CA SER C 10 51.16 -1.39 -23.87
C SER C 10 51.35 -0.97 -22.42
N LEU C 11 51.96 0.18 -22.19
CA LEU C 11 52.31 0.61 -20.83
C LEU C 11 52.55 2.11 -20.83
N VAL C 12 51.81 2.84 -20.00
CA VAL C 12 51.96 4.28 -19.88
C VAL C 12 52.30 4.61 -18.42
N LYS C 13 52.88 5.79 -18.23
CA LYS C 13 53.27 6.28 -16.92
C LYS C 13 52.13 7.04 -16.26
N PRO C 14 52.12 7.11 -14.92
CA PRO C 14 51.03 7.82 -14.24
C PRO C 14 51.03 9.31 -14.58
N SER C 15 49.88 9.94 -14.34
CA SER C 15 49.59 11.35 -14.60
C SER C 15 49.57 11.69 -16.09
N GLN C 16 49.74 10.71 -16.96
CA GLN C 16 49.69 10.94 -18.41
C GLN C 16 48.30 10.64 -18.95
N THR C 17 48.09 10.98 -20.21
CA THR C 17 46.84 10.70 -20.90
C THR C 17 46.94 9.38 -21.65
N LEU C 18 45.90 8.56 -21.53
CA LEU C 18 45.87 7.24 -22.16
C LEU C 18 45.11 7.35 -23.48
N SER C 19 45.85 7.27 -24.59
CA SER C 19 45.27 7.38 -25.93
C SER C 19 45.20 5.99 -26.56
N LEU C 20 43.98 5.55 -26.86
CA LEU C 20 43.75 4.28 -27.54
C LEU C 20 42.97 4.52 -28.82
N THR C 21 43.09 3.59 -29.76
CA THR C 21 42.42 3.69 -31.05
C THR C 21 41.80 2.35 -31.41
N CYS C 22 40.61 2.40 -31.99
CA CYS C 22 39.89 1.20 -32.41
C CYS C 22 39.44 1.36 -33.86
N THR C 23 39.52 0.27 -34.62
CA THR C 23 39.11 0.24 -36.02
C THR C 23 38.05 -0.82 -36.22
N ALA C 24 36.99 -0.48 -36.94
CA ALA C 24 35.87 -1.38 -37.18
C ALA C 24 35.82 -1.78 -38.65
N SER C 25 35.02 -2.81 -38.93
CA SER C 25 34.84 -3.32 -40.30
C SER C 25 33.46 -4.00 -40.34
N GLY C 26 32.42 -3.19 -40.48
CA GLY C 26 31.06 -3.69 -40.54
C GLY C 26 30.10 -2.92 -39.66
N SER C 30 28.60 1.42 -39.87
CA SER C 30 27.82 2.62 -39.64
C SER C 30 26.38 2.29 -39.23
N ASP C 31 26.15 1.02 -38.90
CA ASP C 31 24.81 0.59 -38.51
C ASP C 31 24.51 0.92 -37.05
N LYS C 32 25.47 0.69 -36.17
CA LYS C 32 25.26 0.94 -34.74
C LYS C 32 26.28 1.93 -34.19
N ALA C 33 26.68 1.76 -32.94
CA ALA C 33 27.62 2.64 -32.29
C ALA C 33 28.82 1.85 -31.78
N VAL C 34 29.93 2.56 -31.57
CA VAL C 34 31.17 1.97 -31.08
C VAL C 34 31.40 2.47 -29.66
N GLY C 35 31.60 1.53 -28.72
CA GLY C 35 31.78 1.86 -27.33
C GLY C 35 33.06 1.27 -26.77
N TRP C 36 33.39 1.68 -25.55
CA TRP C 36 34.57 1.23 -24.85
C TRP C 36 34.18 0.68 -23.49
N VAL C 37 34.71 -0.49 -23.15
CA VAL C 37 34.51 -1.12 -21.84
C VAL C 37 35.85 -1.68 -21.39
N ARG C 38 36.20 -1.44 -20.13
CA ARG C 38 37.41 -1.99 -19.54
C ARG C 38 37.05 -2.89 -18.37
N GLN C 39 37.98 -3.77 -18.01
CA GLN C 39 37.83 -4.63 -16.84
C GLN C 39 39.18 -4.75 -16.15
N ALA C 40 39.29 -4.15 -14.96
CA ALA C 40 40.48 -4.36 -14.15
C ALA C 40 40.43 -5.76 -13.54
N PRO C 41 41.57 -6.45 -13.45
CA PRO C 41 41.57 -7.84 -12.98
C PRO C 41 41.00 -7.95 -11.56
N GLY C 42 40.08 -8.88 -11.39
CA GLY C 42 39.41 -9.06 -10.12
C GLY C 42 38.24 -8.12 -9.88
N LYS C 43 37.91 -7.26 -10.83
CA LYS C 43 36.83 -6.29 -10.68
C LYS C 43 35.85 -6.43 -11.85
N ALA C 44 34.69 -5.80 -11.69
CA ALA C 44 33.62 -5.93 -12.67
C ALA C 44 33.93 -5.13 -13.93
N LEU C 45 33.19 -5.44 -14.98
CA LEU C 45 33.25 -4.63 -16.20
C LEU C 45 32.80 -3.21 -15.88
N GLU C 46 33.43 -2.23 -16.53
CA GLU C 46 33.14 -0.83 -16.27
C GLU C 46 32.88 -0.11 -17.57
N TRP C 47 31.82 0.70 -17.61
CA TRP C 47 31.44 1.42 -18.81
C TRP C 47 32.25 2.70 -18.91
N LEU C 48 32.79 2.96 -20.11
CA LEU C 48 33.55 4.19 -20.34
C LEU C 48 32.72 5.18 -21.15
N GLY C 49 32.49 4.88 -22.42
CA GLY C 49 31.69 5.76 -23.25
C GLY C 49 31.54 5.18 -24.64
N SER C 50 30.72 5.87 -25.44
CA SER C 50 30.47 5.44 -26.81
C SER C 50 30.17 6.67 -27.66
N ILE C 51 30.09 6.44 -28.97
CA ILE C 51 29.76 7.50 -29.92
C ILE C 51 29.11 6.88 -31.14
N ASP C 52 27.89 7.31 -31.45
CA ASP C 52 27.14 6.75 -32.57
C ASP C 52 27.61 7.39 -33.88
N THR C 53 26.92 7.08 -34.97
CA THR C 53 27.30 7.63 -36.27
C THR C 53 27.08 9.15 -36.33
N GLY C 54 26.07 9.65 -35.63
CA GLY C 54 25.72 11.06 -35.69
C GLY C 54 26.62 11.94 -34.85
N GLY C 55 27.74 11.37 -34.37
CA GLY C 55 28.71 12.12 -33.59
C GLY C 55 28.36 12.31 -32.14
N ASN C 56 27.14 11.97 -31.72
CA ASN C 56 26.75 12.12 -30.32
C ASN C 56 27.55 11.15 -29.46
N ALA C 57 28.25 11.68 -28.47
CA ALA C 57 29.12 10.89 -27.59
C ALA C 57 28.55 10.86 -26.18
N GLY C 58 28.44 9.66 -25.62
CA GLY C 58 28.03 9.50 -24.24
C GLY C 58 29.18 9.06 -23.36
N TYR C 59 29.07 9.30 -22.05
CA TYR C 59 30.15 9.00 -21.14
C TYR C 59 29.59 8.52 -19.81
N ASN C 60 30.44 7.83 -19.06
CA ASN C 60 30.10 7.45 -17.69
C ASN C 60 30.20 8.67 -16.79
N PRO C 61 29.21 8.94 -15.93
CA PRO C 61 29.23 10.19 -15.15
C PRO C 61 30.42 10.30 -14.21
N GLY C 62 30.84 9.18 -13.60
CA GLY C 62 31.97 9.22 -12.69
C GLY C 62 33.31 9.44 -13.37
N LEU C 63 33.40 9.16 -14.67
CA LEU C 63 34.64 9.29 -15.41
C LEU C 63 34.53 10.26 -16.58
N LYS C 64 33.43 11.02 -16.66
CA LYS C 64 33.21 11.88 -17.82
C LYS C 64 34.28 12.96 -17.94
N SER C 65 34.74 13.50 -16.81
CA SER C 65 35.74 14.56 -16.83
C SER C 65 37.11 14.07 -17.27
N ARG C 66 37.29 12.77 -17.47
CA ARG C 66 38.57 12.22 -17.89
C ARG C 66 38.53 11.55 -19.25
N LEU C 67 37.35 11.27 -19.80
CA LEU C 67 37.24 10.52 -21.04
C LEU C 67 36.95 11.44 -22.21
N SER C 68 37.61 11.17 -23.33
CA SER C 68 37.39 11.91 -24.58
C SER C 68 37.38 10.90 -25.71
N ILE C 69 36.22 10.76 -26.36
CA ILE C 69 36.03 9.78 -27.44
C ILE C 69 35.63 10.53 -28.69
N THR C 70 36.45 10.42 -29.73
CA THR C 70 36.22 11.08 -31.01
C THR C 70 36.03 10.03 -32.11
N GLN C 71 35.88 10.51 -33.34
CA GLN C 71 35.62 9.63 -34.47
C GLN C 71 36.33 10.18 -35.70
N ASP C 72 36.58 9.28 -36.67
CA ASP C 72 37.22 9.67 -37.92
C ASP C 72 36.84 8.62 -38.97
N ASN C 73 35.74 8.88 -39.68
CA ASN C 73 35.23 7.93 -40.66
C ASN C 73 36.18 7.73 -41.83
N SER C 74 37.06 8.70 -42.10
CA SER C 74 38.00 8.56 -43.21
C SER C 74 39.02 7.46 -42.96
N LYS C 75 39.28 7.11 -41.69
CA LYS C 75 40.19 6.03 -41.35
C LYS C 75 39.52 4.94 -40.53
N SER C 76 38.20 5.01 -40.37
CA SER C 76 37.43 4.03 -39.61
C SER C 76 37.94 3.88 -38.18
N GLN C 77 38.42 4.97 -37.60
CA GLN C 77 39.02 4.95 -36.27
C GLN C 77 38.11 5.62 -35.26
N VAL C 78 38.03 5.02 -34.07
CA VAL C 78 37.34 5.61 -32.93
C VAL C 78 38.33 5.61 -31.77
N SER C 79 38.72 6.80 -31.32
CA SER C 79 39.76 6.95 -30.33
C SER C 79 39.18 7.14 -28.93
N LEU C 80 39.96 6.74 -27.93
CA LEU C 80 39.61 6.89 -26.52
C LEU C 80 40.77 7.55 -25.79
N SER C 81 40.49 8.63 -25.09
CA SER C 81 41.51 9.40 -24.36
C SER C 81 41.10 9.48 -22.89
N VAL C 82 41.93 8.91 -22.02
CA VAL C 82 41.70 8.93 -20.58
C VAL C 82 42.78 9.83 -19.98
N SER C 83 42.40 11.07 -19.64
CA SER C 83 43.34 12.03 -19.08
C SER C 83 43.60 11.72 -17.61
N THR C 84 44.80 12.09 -17.15
CA THR C 84 45.24 11.85 -15.78
C THR C 84 45.08 10.38 -15.42
N VAL C 85 46.04 9.56 -15.83
CA VAL C 85 45.98 8.12 -15.59
C VAL C 85 46.51 7.83 -14.19
N THR C 86 45.79 6.97 -13.47
CA THR C 86 46.21 6.49 -12.16
C THR C 86 46.44 4.99 -12.22
N THR C 87 46.97 4.44 -11.13
CA THR C 87 47.17 2.99 -11.06
C THR C 87 45.86 2.23 -11.12
N GLU C 88 44.73 2.89 -10.87
CA GLU C 88 43.42 2.26 -10.94
C GLU C 88 42.99 1.97 -12.37
N ASP C 89 43.66 2.56 -13.36
CA ASP C 89 43.29 2.39 -14.76
C ASP C 89 44.00 1.22 -15.43
N SER C 90 44.83 0.49 -14.70
CA SER C 90 45.47 -0.72 -15.22
C SER C 90 44.40 -1.77 -15.46
N ALA C 91 43.96 -1.90 -16.70
CA ALA C 91 42.85 -2.79 -17.05
C ALA C 91 42.98 -3.21 -18.50
N THR C 92 42.04 -4.04 -18.95
CA THR C 92 41.95 -4.49 -20.33
C THR C 92 40.78 -3.76 -20.98
N TYR C 93 41.09 -2.88 -21.93
CA TYR C 93 40.09 -2.05 -22.58
C TYR C 93 39.54 -2.76 -23.81
N TYR C 94 38.23 -3.04 -23.79
CA TYR C 94 37.56 -3.73 -24.88
C TYR C 94 36.80 -2.73 -25.74
N CYS C 95 37.13 -2.68 -27.02
CA CYS C 95 36.37 -1.89 -27.98
C CYS C 95 35.13 -2.69 -28.41
N THR C 96 33.95 -2.15 -28.15
CA THR C 96 32.71 -2.87 -28.37
C THR C 96 31.81 -2.12 -29.34
N THR C 97 31.02 -2.87 -30.10
CA THR C 97 29.92 -2.33 -30.89
C THR C 97 28.65 -2.41 -30.04
N VAL C 98 28.06 -1.26 -29.75
CA VAL C 98 26.94 -1.19 -28.83
C VAL C 98 25.70 -0.69 -29.55
N HIS C 99 24.55 -1.17 -29.11
CA HIS C 99 23.25 -0.73 -29.62
C HIS C 99 22.61 0.21 -28.59
N GLN C 100 22.27 1.42 -29.03
CA GLN C 100 21.67 2.43 -28.17
C GLN C 100 20.41 2.95 -28.83
N LYS C 101 19.33 3.06 -28.05
CA LYS C 101 18.05 3.53 -28.57
C LYS C 101 17.18 3.99 -27.40
N THR C 102 16.91 5.28 -27.35
CA THR C 102 15.98 5.84 -26.37
C THR C 102 14.58 5.75 -26.94
N THR C 103 13.75 4.87 -26.37
CA THR C 103 12.40 4.60 -26.86
C THR C 103 11.40 5.17 -25.84
N ARG C 104 11.11 6.46 -25.97
CA ARG C 104 10.10 7.08 -25.12
C ARG C 104 8.74 6.43 -25.37
N ASN C 105 7.86 6.51 -24.37
CA ASN C 105 6.59 5.82 -24.47
C ASN C 105 5.57 6.41 -23.51
N CYS C 106 4.34 6.55 -24.00
CA CYS C 106 3.12 6.79 -23.23
C CYS C 106 2.18 5.61 -23.42
N PRO C 107 1.29 5.36 -22.46
CA PRO C 107 0.58 4.09 -22.46
C PRO C 107 -0.93 4.16 -22.70
N ALA C 108 -1.53 3.00 -22.90
CA ALA C 108 -2.99 2.83 -22.89
C ALA C 108 -3.67 3.60 -24.01
N GLY C 109 -3.16 3.42 -25.23
CA GLY C 109 -3.75 4.05 -26.39
C GLY C 109 -3.50 5.53 -26.54
N TYR C 110 -2.56 6.08 -25.77
CA TYR C 110 -2.17 7.48 -25.90
C TYR C 110 -1.10 7.63 -26.98
N SER C 111 -0.77 8.88 -27.28
CA SER C 111 0.27 9.20 -28.25
C SER C 111 1.20 10.25 -27.66
N VAL C 112 2.51 10.05 -27.86
CA VAL C 112 3.54 10.89 -27.27
C VAL C 112 3.83 12.05 -28.20
N HIS C 113 3.93 13.26 -27.67
CA HIS C 113 4.19 14.42 -28.52
C HIS C 113 4.82 15.56 -27.73
N TYR C 114 5.58 16.37 -28.46
CA TYR C 114 6.36 17.48 -27.92
C TYR C 114 5.43 18.60 -27.44
N ASP C 115 5.48 18.92 -26.16
CA ASP C 115 4.65 19.97 -25.58
C ASP C 115 5.51 21.21 -25.36
N CYS C 116 5.19 22.30 -26.07
CA CYS C 116 5.93 23.54 -25.95
C CYS C 116 5.11 24.62 -25.26
N SER C 117 4.62 24.32 -24.05
CA SER C 117 3.94 25.34 -23.26
C SER C 117 4.95 26.39 -22.78
N PHE C 118 4.42 27.48 -22.24
CA PHE C 118 5.28 28.57 -21.79
C PHE C 118 6.13 28.13 -20.59
N GLY C 119 7.35 28.65 -20.55
CA GLY C 119 8.27 28.32 -19.48
C GLY C 119 9.72 28.46 -19.88
N ASP C 120 10.53 27.43 -19.59
CA ASP C 120 11.94 27.40 -19.93
C ASP C 120 12.20 26.14 -20.77
N GLY C 121 12.04 26.27 -22.08
CA GLY C 121 12.19 25.16 -22.98
C GLY C 121 11.01 24.22 -22.95
N CYS C 122 10.96 23.35 -23.96
CA CYS C 122 9.89 22.37 -24.08
C CYS C 122 10.32 21.03 -23.51
N THR C 123 9.36 20.10 -23.42
CA THR C 123 9.61 18.76 -22.92
C THR C 123 8.66 17.81 -23.63
N TRP C 124 8.64 16.55 -23.19
CA TRP C 124 7.81 15.52 -23.76
C TRP C 124 6.67 15.19 -22.80
N THR C 125 5.43 15.41 -23.25
CA THR C 125 4.24 14.94 -22.56
C THR C 125 3.35 14.22 -23.56
N CYS C 126 2.05 14.14 -23.31
CA CYS C 126 1.21 13.27 -24.12
C CYS C 126 -0.18 13.86 -24.29
N VAL C 127 -1.05 13.10 -24.94
CA VAL C 127 -2.37 13.59 -25.30
C VAL C 127 -3.27 12.39 -25.60
N ARG C 128 -4.46 12.39 -24.99
CA ARG C 128 -5.51 11.42 -25.30
C ARG C 128 -6.69 12.21 -25.87
N HIS C 129 -6.89 12.09 -27.18
CA HIS C 129 -7.96 12.81 -27.89
C HIS C 129 -7.79 14.32 -27.73
N GLY C 130 -6.53 14.77 -27.78
CA GLY C 130 -6.22 16.18 -27.72
C GLY C 130 -6.02 16.77 -26.34
N ARG C 131 -6.41 16.05 -25.28
CA ARG C 131 -6.27 16.57 -23.94
C ARG C 131 -4.82 16.52 -23.48
N ALA C 132 -4.56 17.05 -22.29
CA ALA C 132 -3.21 17.07 -21.75
C ALA C 132 -2.80 15.67 -21.31
N SER C 133 -1.53 15.54 -20.92
CA SER C 133 -0.97 14.25 -20.53
C SER C 133 -1.62 13.76 -19.25
N SER C 134 -2.28 12.59 -19.32
CA SER C 134 -2.84 11.99 -18.12
C SER C 134 -1.74 11.39 -17.25
N ILE C 135 -0.74 10.77 -17.88
CA ILE C 135 0.40 10.19 -17.18
C ILE C 135 1.67 10.69 -17.83
N SER C 136 2.70 10.93 -17.02
CA SER C 136 3.98 11.38 -17.54
C SER C 136 4.65 10.27 -18.34
N VAL C 137 5.57 10.69 -19.23
CA VAL C 137 6.21 9.74 -20.12
C VAL C 137 7.15 8.82 -19.34
N THR C 138 7.33 7.61 -19.84
CA THR C 138 8.22 6.61 -19.25
C THR C 138 9.26 6.23 -20.28
N TYR C 139 10.52 6.57 -20.01
CA TYR C 139 11.61 6.34 -20.96
C TYR C 139 12.21 4.96 -20.73
N THR C 140 12.37 4.20 -21.82
CA THR C 140 13.02 2.90 -21.79
C THR C 140 14.31 3.02 -22.61
N TYR C 141 15.44 2.72 -21.96
CA TYR C 141 16.76 2.90 -22.56
C TYR C 141 17.28 1.54 -23.00
N GLU C 142 17.42 1.34 -24.32
CA GLU C 142 17.90 0.09 -24.88
C GLU C 142 19.41 0.17 -25.04
N TRP C 143 20.14 -0.64 -24.27
CA TRP C 143 21.59 -0.68 -24.35
C TRP C 143 22.07 -2.12 -24.23
N TYR C 144 22.91 -2.55 -25.18
CA TYR C 144 23.55 -3.85 -25.10
C TYR C 144 24.74 -3.85 -26.05
N VAL C 145 25.80 -4.56 -25.66
CA VAL C 145 27.00 -4.65 -26.48
C VAL C 145 26.78 -5.74 -27.53
N ASP C 146 26.83 -5.33 -28.80
CA ASP C 146 26.62 -6.29 -29.89
C ASP C 146 27.81 -7.22 -30.03
N ALA C 147 29.00 -6.66 -30.25
CA ALA C 147 30.21 -7.43 -30.41
C ALA C 147 31.27 -6.96 -29.41
N TRP C 148 32.26 -7.81 -29.19
CA TRP C 148 33.35 -7.52 -28.25
C TRP C 148 34.69 -7.72 -28.95
N GLY C 149 35.59 -6.76 -28.77
CA GLY C 149 36.92 -6.88 -29.33
C GLY C 149 37.80 -7.82 -28.51
N GLN C 150 39.00 -8.07 -29.06
CA GLN C 150 39.93 -8.96 -28.37
C GLN C 150 40.41 -8.36 -27.06
N GLY C 151 40.44 -7.03 -26.94
CA GLY C 151 40.84 -6.38 -25.71
C GLY C 151 42.33 -6.11 -25.62
N LEU C 152 42.69 -4.84 -25.41
CA LEU C 152 44.08 -4.44 -25.25
C LEU C 152 44.41 -4.32 -23.77
N LEU C 153 45.56 -4.86 -23.38
CA LEU C 153 45.99 -4.83 -21.99
C LEU C 153 46.89 -3.61 -21.78
N VAL C 154 46.47 -2.71 -20.90
CA VAL C 154 47.23 -1.52 -20.53
C VAL C 154 47.53 -1.57 -19.05
N THR C 155 48.81 -1.47 -18.70
CA THR C 155 49.25 -1.39 -17.32
C THR C 155 49.83 -0.01 -17.06
N VAL C 156 49.38 0.64 -15.99
CA VAL C 156 49.79 1.99 -15.65
C VAL C 156 50.71 1.91 -14.44
N SER C 157 51.97 2.28 -14.62
CA SER C 157 52.94 2.25 -13.53
C SER C 157 54.13 3.12 -13.91
N SER C 158 54.87 3.54 -12.88
CA SER C 158 56.09 4.31 -13.04
C SER C 158 57.34 3.44 -12.97
N ALA C 159 57.22 2.16 -13.33
CA ALA C 159 58.31 1.21 -13.20
C ALA C 159 59.00 0.90 -14.53
N SER C 160 58.62 1.60 -15.60
CA SER C 160 59.17 1.35 -16.94
C SER C 160 59.03 -0.11 -17.31
N THR C 161 60.02 -0.67 -18.01
CA THR C 161 60.01 -2.07 -18.42
C THR C 161 61.14 -2.80 -17.72
N THR C 162 60.81 -3.93 -17.08
CA THR C 162 61.79 -4.72 -16.32
C THR C 162 61.71 -6.17 -16.77
N ALA C 163 62.88 -6.76 -17.03
CA ALA C 163 62.94 -8.16 -17.43
C ALA C 163 62.95 -9.06 -16.19
N PRO C 164 62.30 -10.22 -16.25
CA PRO C 164 62.21 -11.08 -15.07
C PRO C 164 63.52 -11.81 -14.78
N LYS C 165 63.73 -12.09 -13.50
CA LYS C 165 64.86 -12.89 -13.04
C LYS C 165 64.32 -14.24 -12.57
N VAL C 166 64.69 -15.31 -13.26
CA VAL C 166 64.18 -16.63 -12.98
C VAL C 166 65.04 -17.29 -11.91
N TYR C 167 64.39 -17.85 -10.89
CA TYR C 167 65.07 -18.57 -9.82
C TYR C 167 64.40 -19.93 -9.62
N PRO C 168 65.19 -20.97 -9.34
CA PRO C 168 64.61 -22.29 -9.09
C PRO C 168 63.99 -22.40 -7.71
N LEU C 169 63.12 -23.38 -7.56
CA LEU C 169 62.43 -23.65 -6.30
C LEU C 169 62.57 -25.13 -5.96
N SER C 170 63.20 -25.41 -4.83
CA SER C 170 63.39 -26.79 -4.37
C SER C 170 63.13 -26.86 -2.87
N SER C 171 62.77 -28.05 -2.41
CA SER C 171 62.40 -28.24 -1.02
C SER C 171 63.64 -28.23 -0.13
N CYS C 172 63.42 -28.40 1.18
CA CYS C 172 64.49 -28.40 2.17
C CYS C 172 64.87 -29.80 2.64
N CYS C 173 64.26 -30.84 2.08
CA CYS C 173 64.52 -32.24 2.45
C CYS C 173 64.59 -32.46 3.95
N SER C 179 56.77 -40.90 -0.98
CA SER C 179 56.34 -39.51 -1.12
C SER C 179 56.66 -38.99 -2.51
N THR C 180 56.00 -37.91 -2.90
CA THR C 180 56.20 -37.27 -4.20
C THR C 180 57.03 -36.01 -4.05
N VAL C 181 57.72 -35.64 -5.13
CA VAL C 181 58.60 -34.49 -5.16
C VAL C 181 57.89 -33.33 -5.85
N THR C 182 58.09 -32.12 -5.32
CA THR C 182 57.48 -30.92 -5.87
C THR C 182 58.58 -29.90 -6.15
N LEU C 183 58.75 -29.56 -7.42
CA LEU C 183 59.72 -28.56 -7.86
C LEU C 183 58.99 -27.35 -8.42
N GLY C 184 59.76 -26.31 -8.73
CA GLY C 184 59.14 -25.10 -9.25
C GLY C 184 60.17 -24.12 -9.76
N CYS C 185 59.66 -23.02 -10.31
CA CYS C 185 60.49 -21.93 -10.82
C CYS C 185 59.84 -20.61 -10.46
N LEU C 186 60.65 -19.65 -10.00
CA LEU C 186 60.17 -18.35 -9.57
C LEU C 186 60.49 -17.32 -10.64
N VAL C 187 59.46 -16.70 -11.20
CA VAL C 187 59.61 -15.62 -12.17
C VAL C 187 59.39 -14.33 -11.39
N SER C 188 60.48 -13.78 -10.86
CA SER C 188 60.41 -12.68 -9.89
C SER C 188 60.71 -11.34 -10.54
N SER C 189 59.92 -10.33 -10.15
CA SER C 189 60.15 -8.94 -10.51
C SER C 189 60.18 -8.71 -12.01
N TYR C 190 59.00 -8.60 -12.64
CA TYR C 190 58.93 -8.27 -14.05
C TYR C 190 57.80 -7.28 -14.28
N MET C 191 57.85 -6.62 -15.44
CA MET C 191 56.89 -5.59 -15.82
C MET C 191 56.92 -5.40 -17.33
N PRO C 192 55.75 -5.41 -17.99
CA PRO C 192 54.41 -5.66 -17.47
C PRO C 192 54.00 -7.12 -17.60
N GLU C 193 52.71 -7.40 -17.42
CA GLU C 193 52.17 -8.69 -17.79
C GLU C 193 52.12 -8.80 -19.32
N PRO C 194 52.18 -10.01 -19.88
CA PRO C 194 52.25 -11.34 -19.27
C PRO C 194 53.63 -12.01 -19.37
N VAL C 195 53.71 -13.26 -18.90
CA VAL C 195 54.90 -14.08 -19.08
C VAL C 195 54.45 -15.52 -19.35
N THR C 196 55.24 -16.23 -20.15
CA THR C 196 54.93 -17.59 -20.57
C THR C 196 55.89 -18.56 -19.91
N VAL C 197 55.36 -19.63 -19.33
CA VAL C 197 56.15 -20.65 -18.65
C VAL C 197 55.86 -22.00 -19.27
N THR C 198 56.91 -22.70 -19.68
CA THR C 198 56.84 -24.06 -20.17
C THR C 198 57.95 -24.87 -19.52
N TRP C 199 57.85 -26.20 -19.62
CA TRP C 199 58.83 -27.09 -19.02
C TRP C 199 59.35 -28.06 -20.06
N ASN C 200 60.68 -28.16 -20.16
CA ASN C 200 61.35 -29.09 -21.09
C ASN C 200 60.92 -28.84 -22.52
N SER C 201 60.76 -27.56 -22.89
CA SER C 201 60.37 -27.16 -24.25
C SER C 201 59.04 -27.80 -24.65
N GLY C 202 58.07 -27.74 -23.74
CA GLY C 202 56.75 -28.28 -24.00
C GLY C 202 56.64 -29.78 -23.92
N ALA C 203 57.72 -30.48 -23.56
CA ALA C 203 57.64 -31.95 -23.46
C ALA C 203 56.88 -32.37 -22.21
N LEU C 204 57.14 -31.72 -21.08
CA LEU C 204 56.47 -32.02 -19.83
C LEU C 204 55.28 -31.10 -19.65
N LYS C 205 54.08 -31.68 -19.51
CA LYS C 205 52.88 -30.91 -19.27
C LYS C 205 51.98 -31.48 -18.19
N SER C 206 52.01 -32.78 -17.95
CA SER C 206 51.20 -33.37 -16.91
C SER C 206 51.76 -33.03 -15.53
N GLY C 207 50.86 -32.78 -14.58
CA GLY C 207 51.29 -32.43 -13.23
C GLY C 207 51.97 -31.08 -13.13
N VAL C 208 51.65 -30.15 -14.03
CA VAL C 208 52.26 -28.83 -14.04
C VAL C 208 51.16 -27.78 -13.83
N HIS C 209 51.47 -26.77 -13.03
CA HIS C 209 50.56 -25.66 -12.79
C HIS C 209 51.34 -24.36 -12.78
N THR C 210 50.87 -23.39 -13.55
CA THR C 210 51.42 -22.03 -13.55
C THR C 210 50.43 -21.11 -12.86
N PHE C 211 50.84 -20.55 -11.73
CA PHE C 211 49.96 -19.73 -10.93
C PHE C 211 49.84 -18.32 -11.50
N PRO C 212 48.76 -17.62 -11.19
CA PRO C 212 48.65 -16.21 -11.59
C PRO C 212 49.69 -15.34 -10.91
N ALA C 213 49.87 -14.15 -11.45
CA ALA C 213 50.90 -13.24 -10.96
C ALA C 213 50.39 -12.46 -9.75
N VAL C 214 51.33 -12.05 -8.91
CA VAL C 214 51.06 -11.20 -7.76
C VAL C 214 51.90 -9.94 -7.88
N LEU C 215 51.35 -8.82 -7.43
CA LEU C 215 52.02 -7.53 -7.49
C LEU C 215 52.59 -7.21 -6.12
N GLN C 216 53.91 -7.21 -6.01
CA GLN C 216 54.58 -6.97 -4.74
C GLN C 216 54.65 -5.48 -4.45
N SER C 217 55.31 -5.13 -3.33
CA SER C 217 55.41 -3.74 -2.93
C SER C 217 56.37 -2.95 -3.80
N SER C 218 57.22 -3.62 -4.56
CA SER C 218 58.19 -2.95 -5.43
C SER C 218 57.57 -2.47 -6.73
N GLY C 219 56.30 -2.73 -6.96
CA GLY C 219 55.66 -2.33 -8.20
C GLY C 219 55.88 -3.25 -9.37
N LEU C 220 56.51 -4.40 -9.16
CA LEU C 220 56.80 -5.37 -10.21
C LEU C 220 56.06 -6.67 -9.93
N TYR C 221 55.59 -7.31 -11.00
CA TYR C 221 54.86 -8.57 -10.87
C TYR C 221 55.82 -9.72 -10.60
N SER C 222 55.24 -10.84 -10.14
CA SER C 222 55.99 -12.06 -9.90
C SER C 222 55.01 -13.23 -9.82
N LEU C 223 55.42 -14.37 -10.37
CA LEU C 223 54.62 -15.58 -10.28
C LEU C 223 55.55 -16.78 -10.21
N SER C 224 54.95 -17.95 -10.02
CA SER C 224 55.69 -19.20 -9.91
C SER C 224 54.94 -20.30 -10.62
N SER C 225 55.70 -21.22 -11.21
CA SER C 225 55.16 -22.42 -11.84
C SER C 225 55.81 -23.65 -11.21
N MET C 226 55.01 -24.66 -10.91
CA MET C 226 55.48 -25.85 -10.22
C MET C 226 55.19 -27.10 -11.04
N VAL C 227 55.97 -28.14 -10.78
CA VAL C 227 55.80 -29.44 -11.42
C VAL C 227 55.86 -30.51 -10.33
N THR C 228 54.77 -31.25 -10.17
CA THR C 228 54.68 -32.30 -9.17
C THR C 228 55.06 -33.63 -9.81
N VAL C 229 56.10 -34.27 -9.29
CA VAL C 229 56.60 -35.53 -9.83
C VAL C 229 56.85 -36.50 -8.68
N PRO C 230 56.43 -37.77 -8.80
CA PRO C 230 56.62 -38.79 -7.75
C PRO C 230 58.08 -39.00 -7.38
N THR C 237 66.65 -34.28 -14.52
CA THR C 237 66.63 -32.83 -14.35
C THR C 237 65.41 -32.21 -15.04
N PHE C 238 65.03 -31.01 -14.62
CA PHE C 238 63.89 -30.29 -15.18
C PHE C 238 64.30 -28.87 -15.48
N THR C 239 64.02 -28.41 -16.69
CA THR C 239 64.31 -27.04 -17.12
C THR C 239 63.00 -26.32 -17.39
N CYS C 240 62.80 -25.19 -16.74
CA CYS C 240 61.62 -24.37 -16.95
C CYS C 240 61.92 -23.29 -17.98
N ASN C 241 61.07 -23.19 -19.00
CA ASN C 241 61.25 -22.25 -20.10
C ASN C 241 60.31 -21.07 -19.88
N VAL C 242 60.89 -19.89 -19.65
CA VAL C 242 60.14 -18.66 -19.41
C VAL C 242 60.57 -17.62 -20.42
N ALA C 243 59.61 -16.85 -20.93
CA ALA C 243 59.87 -15.81 -21.91
C ALA C 243 58.97 -14.61 -21.65
N HIS C 244 59.56 -13.42 -21.66
CA HIS C 244 58.81 -12.18 -21.43
C HIS C 244 58.71 -11.41 -22.74
N PRO C 245 57.53 -11.33 -23.36
CA PRO C 245 57.44 -10.70 -24.68
C PRO C 245 57.70 -9.21 -24.67
N ALA C 246 57.22 -8.49 -23.65
CA ALA C 246 57.32 -7.04 -23.64
C ALA C 246 58.76 -6.58 -23.62
N SER C 247 59.61 -7.25 -22.86
CA SER C 247 61.03 -6.91 -22.79
C SER C 247 61.87 -7.69 -23.78
N SER C 248 61.25 -8.49 -24.64
CA SER C 248 61.95 -9.35 -25.60
C SER C 248 63.00 -10.21 -24.89
N THR C 249 62.55 -10.89 -23.84
CA THR C 249 63.44 -11.65 -22.97
C THR C 249 63.02 -13.11 -22.95
N LYS C 250 64.01 -13.99 -22.95
CA LYS C 250 63.80 -15.43 -22.81
C LYS C 250 64.89 -16.00 -21.92
N VAL C 251 64.49 -16.81 -20.94
CA VAL C 251 65.43 -17.38 -19.97
C VAL C 251 65.00 -18.80 -19.66
N ASP C 252 66.00 -19.69 -19.50
CA ASP C 252 65.76 -21.07 -19.15
C ASP C 252 66.66 -21.43 -17.97
N LYS C 253 66.07 -22.02 -16.94
CA LYS C 253 66.80 -22.40 -15.74
C LYS C 253 66.53 -23.86 -15.42
N ALA C 254 67.57 -24.57 -14.98
CA ALA C 254 67.47 -25.98 -14.61
C ALA C 254 67.15 -26.11 -13.13
N VAL C 255 66.22 -27.00 -12.81
CA VAL C 255 65.78 -27.24 -11.44
C VAL C 255 65.92 -28.72 -11.15
N GLU C 256 66.85 -29.08 -10.27
CA GLU C 256 67.03 -30.46 -9.85
C GLU C 256 66.91 -30.55 -8.32
N PRO C 257 66.43 -31.67 -7.80
CA PRO C 257 66.28 -31.79 -6.34
C PRO C 257 67.64 -31.76 -5.64
N LYS C 258 67.60 -31.44 -4.35
CA LYS C 258 68.81 -31.36 -3.57
C LYS C 258 69.35 -32.76 -3.28
N SER C 259 70.64 -32.81 -2.92
CA SER C 259 71.30 -34.09 -2.64
C SER C 259 70.90 -34.60 -1.26
N CYS C 260 71.27 -33.85 -0.21
CA CYS C 260 70.96 -34.21 1.17
C CYS C 260 71.48 -35.60 1.53
N ALA D 2 31.11 -1.47 -9.01
CA ALA D 2 29.93 -2.12 -9.58
C ALA D 2 28.66 -1.65 -8.88
N VAL D 3 27.62 -1.39 -9.67
CA VAL D 3 26.35 -0.88 -9.15
C VAL D 3 25.34 -1.99 -8.93
N LEU D 4 25.20 -2.90 -9.90
CA LEU D 4 24.20 -3.95 -9.82
C LEU D 4 24.67 -5.07 -8.89
N ASN D 5 23.82 -5.45 -7.95
CA ASN D 5 24.14 -6.53 -7.04
C ASN D 5 24.01 -7.88 -7.74
N GLN D 6 24.88 -8.82 -7.34
CA GLN D 6 24.95 -10.12 -7.99
C GLN D 6 25.65 -11.08 -7.05
N PRO D 7 25.21 -12.35 -6.98
CA PRO D 7 25.88 -13.30 -6.09
C PRO D 7 27.35 -13.50 -6.45
N SER D 8 28.17 -13.70 -5.43
CA SER D 8 29.60 -13.81 -5.63
C SER D 8 29.98 -15.08 -6.39
N SER D 9 29.35 -16.20 -6.04
CA SER D 9 29.65 -17.46 -6.69
C SER D 9 28.40 -18.33 -6.73
N VAL D 10 28.23 -19.07 -7.81
CA VAL D 10 27.09 -19.96 -8.00
C VAL D 10 27.59 -21.28 -8.57
N SER D 11 27.24 -22.39 -7.93
CA SER D 11 27.65 -23.71 -8.37
C SER D 11 26.44 -24.54 -8.74
N GLY D 12 26.67 -25.56 -9.57
CA GLY D 12 25.63 -26.47 -10.00
C GLY D 12 26.16 -27.74 -10.61
N SER D 13 25.39 -28.82 -10.50
CA SER D 13 25.81 -30.10 -11.06
C SER D 13 25.61 -30.12 -12.57
N LEU D 14 26.23 -31.11 -13.21
CA LEU D 14 26.10 -31.26 -14.66
C LEU D 14 24.68 -31.63 -15.04
N GLY D 15 24.15 -30.99 -16.07
CA GLY D 15 22.81 -31.27 -16.53
C GLY D 15 21.70 -30.75 -15.64
N GLN D 16 22.02 -29.88 -14.68
CA GLN D 16 21.03 -29.33 -13.76
C GLN D 16 20.73 -27.88 -14.13
N ARG D 17 19.46 -27.50 -13.98
CA ARG D 17 19.04 -26.13 -14.25
C ARG D 17 19.50 -25.23 -13.10
N VAL D 18 20.28 -24.20 -13.44
CA VAL D 18 20.88 -23.31 -12.45
C VAL D 18 20.57 -21.86 -12.85
N SER D 19 20.26 -21.04 -11.86
CA SER D 19 19.85 -19.66 -12.08
C SER D 19 20.81 -18.70 -11.41
N ILE D 20 21.09 -17.58 -12.09
CA ILE D 20 21.90 -16.49 -11.55
C ILE D 20 21.05 -15.24 -11.53
N THR D 21 21.07 -14.53 -10.41
CA THR D 21 20.23 -13.35 -10.20
C THR D 21 21.02 -12.07 -10.40
N CYS D 22 20.29 -10.98 -10.64
CA CYS D 22 20.88 -9.66 -10.83
C CYS D 22 19.91 -8.64 -10.25
N SER D 23 20.20 -8.19 -9.02
CA SER D 23 19.33 -7.25 -8.34
C SER D 23 19.78 -5.82 -8.58
N GLY D 24 18.82 -4.93 -8.77
CA GLY D 24 19.10 -3.52 -9.01
C GLY D 24 18.09 -2.60 -8.37
N SER D 25 17.61 -1.62 -9.13
CA SER D 25 16.67 -0.64 -8.61
C SER D 25 15.84 -0.12 -9.78
N SER D 26 15.02 0.90 -9.50
CA SER D 26 14.19 1.49 -10.55
C SER D 26 15.04 2.19 -11.60
N SER D 27 16.25 2.61 -11.24
CA SER D 27 17.03 3.45 -12.14
C SER D 27 17.69 2.65 -13.26
N ASN D 28 18.19 1.45 -12.97
CA ASN D 28 18.97 0.69 -13.92
C ASN D 28 18.17 -0.46 -14.51
N VAL D 29 17.73 -1.38 -13.65
CA VAL D 29 17.03 -2.58 -14.07
C VAL D 29 15.52 -2.44 -13.98
N GLY D 30 15.01 -1.37 -13.37
CA GLY D 30 13.58 -1.18 -13.27
C GLY D 30 12.89 -0.78 -14.56
N ASN D 31 13.60 -0.04 -15.42
CA ASN D 31 13.01 0.39 -16.69
C ASN D 31 12.96 -0.74 -17.71
N GLY D 32 13.91 -1.68 -17.65
CA GLY D 32 13.91 -2.85 -18.50
C GLY D 32 15.19 -2.94 -19.31
N TYR D 33 15.14 -3.79 -20.34
CA TYR D 33 16.23 -4.03 -21.27
C TYR D 33 17.54 -4.36 -20.52
N VAL D 34 17.55 -5.55 -19.94
CA VAL D 34 18.67 -6.03 -19.14
C VAL D 34 19.56 -6.87 -20.04
N SER D 35 20.86 -6.81 -19.80
CA SER D 35 21.85 -7.52 -20.61
C SER D 35 22.61 -8.52 -19.76
N TRP D 36 23.23 -9.49 -20.43
CA TRP D 36 24.03 -10.52 -19.80
C TRP D 36 25.22 -10.85 -20.69
N TYR D 37 26.33 -11.23 -20.07
CA TYR D 37 27.56 -11.51 -20.79
C TYR D 37 28.27 -12.70 -20.15
N GLN D 38 29.15 -13.32 -20.93
CA GLN D 38 29.94 -14.46 -20.48
C GLN D 38 31.41 -14.19 -20.77
N LEU D 39 32.26 -14.40 -19.76
CA LEU D 39 33.69 -14.12 -19.85
C LEU D 39 34.46 -15.40 -19.55
N ILE D 40 34.87 -16.10 -20.60
CA ILE D 40 35.70 -17.28 -20.43
C ILE D 40 37.16 -16.84 -20.33
N PRO D 41 37.92 -17.34 -19.35
CA PRO D 41 39.33 -16.93 -19.23
C PRO D 41 40.13 -17.32 -20.46
N GLY D 42 40.71 -16.31 -21.12
CA GLY D 42 41.47 -16.49 -22.33
C GLY D 42 40.76 -16.02 -23.58
N SER D 43 39.43 -15.90 -23.55
CA SER D 43 38.65 -15.45 -24.69
C SER D 43 37.97 -14.13 -24.37
N ALA D 44 37.52 -13.45 -25.42
CA ALA D 44 36.83 -12.18 -25.26
C ALA D 44 35.48 -12.39 -24.60
N PRO D 45 34.93 -11.34 -23.98
CA PRO D 45 33.58 -11.45 -23.41
C PRO D 45 32.57 -11.81 -24.48
N ARG D 46 31.56 -12.56 -24.07
CA ARG D 46 30.57 -13.14 -24.99
C ARG D 46 29.18 -12.71 -24.55
N THR D 47 28.49 -11.97 -25.43
CA THR D 47 27.14 -11.52 -25.14
C THR D 47 26.16 -12.68 -25.22
N LEU D 48 25.42 -12.93 -24.15
CA LEU D 48 24.48 -14.03 -24.09
C LEU D 48 23.03 -13.58 -24.25
N ILE D 49 22.57 -12.67 -23.40
CA ILE D 49 21.18 -12.23 -23.38
C ILE D 49 21.16 -10.72 -23.47
N TYR D 50 20.30 -10.19 -24.35
CA TYR D 50 20.06 -8.76 -24.45
C TYR D 50 18.55 -8.51 -24.48
N GLY D 51 18.15 -7.39 -23.91
CA GLY D 51 16.74 -7.05 -23.84
C GLY D 51 15.93 -8.03 -23.01
N ASP D 52 16.32 -8.21 -21.75
CA ASP D 52 15.63 -9.08 -20.80
C ASP D 52 15.63 -10.54 -21.25
N THR D 53 14.88 -10.87 -22.30
CA THR D 53 14.63 -12.26 -22.67
C THR D 53 15.20 -12.66 -24.03
N SER D 54 15.60 -11.71 -24.87
CA SER D 54 16.01 -12.04 -26.24
C SER D 54 17.41 -12.65 -26.23
N ARG D 55 17.54 -13.85 -26.79
CA ARG D 55 18.83 -14.49 -26.91
C ARG D 55 19.66 -13.84 -28.01
N ALA D 56 20.97 -13.92 -27.87
CA ALA D 56 21.88 -13.33 -28.83
C ALA D 56 21.95 -14.19 -30.10
N SER D 57 22.80 -13.77 -31.04
CA SER D 57 22.97 -14.48 -32.30
C SER D 57 24.05 -15.54 -32.13
N GLY D 58 23.65 -16.80 -32.14
CA GLY D 58 24.58 -17.91 -32.00
C GLY D 58 24.74 -18.47 -30.61
N VAL D 59 23.80 -18.19 -29.70
CA VAL D 59 23.88 -18.71 -28.34
C VAL D 59 22.91 -19.86 -28.19
N PRO D 60 23.21 -20.87 -27.37
CA PRO D 60 22.28 -21.98 -27.19
C PRO D 60 20.96 -21.55 -26.59
N ASP D 61 19.93 -22.36 -26.84
CA ASP D 61 18.59 -22.08 -26.34
C ASP D 61 18.44 -22.36 -24.85
N ARG D 62 19.44 -22.99 -24.22
CA ARG D 62 19.32 -23.32 -22.80
C ARG D 62 19.48 -22.08 -21.92
N PHE D 63 20.17 -21.06 -22.41
CA PHE D 63 20.29 -19.80 -21.67
C PHE D 63 18.97 -19.06 -21.73
N SER D 64 18.26 -19.00 -20.61
CA SER D 64 17.01 -18.28 -20.54
C SER D 64 17.24 -16.82 -20.14
N GLY D 65 16.17 -16.03 -20.21
CA GLY D 65 16.23 -14.64 -19.81
C GLY D 65 14.95 -14.20 -19.14
N SER D 66 15.06 -13.63 -17.95
CA SER D 66 13.90 -13.24 -17.17
C SER D 66 14.18 -11.96 -16.40
N ARG D 67 13.12 -11.35 -15.89
CA ARG D 67 13.21 -10.14 -15.08
C ARG D 67 11.89 -9.91 -14.36
N SER D 68 11.95 -9.72 -13.03
CA SER D 68 10.77 -9.48 -12.22
C SER D 68 11.04 -8.27 -11.34
N GLY D 69 10.40 -7.16 -11.65
CA GLY D 69 10.60 -5.94 -10.90
C GLY D 69 11.99 -5.37 -11.05
N ASN D 70 12.79 -5.43 -9.99
CA ASN D 70 14.17 -4.96 -10.02
C ASN D 70 15.18 -6.09 -9.92
N THR D 71 14.83 -7.28 -10.40
CA THR D 71 15.73 -8.43 -10.35
C THR D 71 15.61 -9.23 -11.63
N ALA D 72 16.67 -9.26 -12.42
CA ALA D 72 16.75 -10.09 -13.61
C ALA D 72 17.50 -11.37 -13.27
N THR D 73 17.02 -12.49 -13.80
CA THR D 73 17.54 -13.81 -13.47
C THR D 73 17.97 -14.53 -14.74
N LEU D 74 19.28 -14.79 -14.87
CA LEU D 74 19.80 -15.62 -15.93
C LEU D 74 19.68 -17.08 -15.51
N THR D 75 18.81 -17.83 -16.18
CA THR D 75 18.57 -19.22 -15.88
C THR D 75 19.13 -20.09 -17.00
N ILE D 76 19.95 -21.08 -16.64
CA ILE D 76 20.57 -21.98 -17.59
C ILE D 76 20.14 -23.40 -17.25
N SER D 77 19.50 -24.07 -18.20
CA SER D 77 19.07 -25.45 -18.04
C SER D 77 20.11 -26.39 -18.66
N SER D 78 20.31 -27.54 -18.01
CA SER D 78 21.29 -28.53 -18.44
C SER D 78 22.68 -27.91 -18.55
N LEU D 79 23.23 -27.61 -17.36
CA LEU D 79 24.52 -26.94 -17.28
C LEU D 79 25.63 -27.86 -17.79
N GLN D 80 26.40 -27.38 -18.77
CA GLN D 80 27.52 -28.10 -19.33
C GLN D 80 28.83 -27.51 -18.82
N ALA D 81 29.93 -28.22 -19.11
CA ALA D 81 31.23 -27.81 -18.57
C ALA D 81 31.72 -26.51 -19.17
N GLU D 82 31.45 -26.30 -20.46
CA GLU D 82 31.96 -25.12 -21.17
C GLU D 82 31.30 -23.84 -20.68
N ASP D 83 30.33 -23.95 -19.78
CA ASP D 83 29.68 -22.80 -19.17
C ASP D 83 30.39 -22.31 -17.91
N GLU D 84 31.58 -22.84 -17.63
CA GLU D 84 32.36 -22.40 -16.46
C GLU D 84 33.03 -21.09 -16.81
N ALA D 85 32.41 -19.98 -16.43
CA ALA D 85 32.93 -18.65 -16.72
C ALA D 85 32.24 -17.66 -15.79
N ASP D 86 32.73 -16.42 -15.82
CA ASP D 86 32.15 -15.34 -15.05
C ASP D 86 31.02 -14.69 -15.85
N TYR D 87 29.92 -14.39 -15.16
CA TYR D 87 28.73 -13.82 -15.79
C TYR D 87 28.44 -12.47 -15.16
N PHE D 88 28.30 -11.45 -16.01
CA PHE D 88 27.99 -10.09 -15.58
C PHE D 88 26.68 -9.65 -16.23
N CYS D 89 25.87 -8.92 -15.47
CA CYS D 89 24.65 -8.32 -15.99
C CYS D 89 24.86 -6.81 -16.13
N ALA D 90 24.15 -6.22 -17.09
CA ALA D 90 24.30 -4.80 -17.36
C ALA D 90 22.96 -4.23 -17.83
N SER D 91 22.83 -2.91 -17.70
CA SER D 91 21.64 -2.19 -18.15
C SER D 91 21.98 -0.71 -18.20
N ALA D 92 21.15 0.03 -18.92
CA ALA D 92 21.32 1.48 -19.01
C ALA D 92 20.67 2.17 -17.81
N GLU D 93 21.11 3.39 -17.55
CA GLU D 93 20.59 4.18 -16.44
C GLU D 93 20.66 5.65 -16.80
N ASP D 94 19.50 6.33 -16.74
CA ASP D 94 19.38 7.77 -16.98
C ASP D 94 19.67 8.16 -18.42
N SER D 95 20.57 7.44 -19.08
CA SER D 95 20.93 7.73 -20.47
C SER D 95 21.15 6.43 -21.22
N SER D 96 20.79 6.44 -22.50
CA SER D 96 21.01 5.27 -23.36
C SER D 96 22.48 5.08 -23.73
N SER D 97 23.37 5.95 -23.23
CA SER D 97 24.80 5.81 -23.45
C SER D 97 25.56 5.51 -22.16
N ASN D 98 24.87 5.45 -21.02
CA ASN D 98 25.48 5.16 -19.75
C ASN D 98 25.07 3.77 -19.29
N ALA D 99 26.05 2.93 -18.96
CA ALA D 99 25.81 1.55 -18.59
C ALA D 99 26.36 1.28 -17.19
N VAL D 100 25.68 0.39 -16.47
CA VAL D 100 26.10 -0.05 -15.15
C VAL D 100 26.13 -1.58 -15.15
N PHE D 101 27.23 -2.15 -14.66
CA PHE D 101 27.42 -3.59 -14.66
C PHE D 101 27.13 -4.18 -13.29
N GLY D 102 27.21 -5.51 -13.19
CA GLY D 102 27.01 -6.20 -11.95
C GLY D 102 28.33 -6.63 -11.32
N SER D 103 28.24 -7.09 -10.07
CA SER D 103 29.44 -7.46 -9.32
C SER D 103 30.12 -8.68 -9.93
N GLY D 104 29.37 -9.56 -10.58
CA GLY D 104 29.95 -10.73 -11.21
C GLY D 104 29.70 -12.01 -10.45
N THR D 105 29.47 -13.11 -11.18
CA THR D 105 29.22 -14.42 -10.59
C THR D 105 30.07 -15.45 -11.30
N THR D 106 30.84 -16.22 -10.52
CA THR D 106 31.67 -17.29 -11.06
C THR D 106 30.90 -18.59 -10.99
N LEU D 107 30.74 -19.25 -12.14
CA LEU D 107 29.99 -20.50 -12.24
C LEU D 107 30.98 -21.67 -12.28
N THR D 108 30.91 -22.53 -11.28
CA THR D 108 31.76 -23.71 -11.18
C THR D 108 30.90 -24.97 -11.26
N VAL D 109 31.36 -25.94 -12.04
CA VAL D 109 30.64 -27.21 -12.20
C VAL D 109 30.91 -28.07 -10.98
N LEU D 110 29.84 -28.44 -10.27
CA LEU D 110 29.97 -29.27 -9.09
C LEU D 110 30.39 -30.69 -9.46
N GLY D 111 30.86 -31.43 -8.46
CA GLY D 111 31.23 -32.82 -8.68
C GLY D 111 32.40 -33.30 -7.84
N GLN D 112 33.42 -32.47 -7.69
CA GLN D 112 34.62 -32.90 -6.99
C GLN D 112 34.36 -33.00 -5.49
N PRO D 113 34.90 -34.01 -4.82
CA PRO D 113 34.68 -34.19 -3.38
C PRO D 113 35.63 -33.31 -2.57
N LYS D 114 35.56 -33.47 -1.25
CA LYS D 114 36.43 -32.73 -0.35
C LYS D 114 37.87 -33.21 -0.50
N SER D 115 38.80 -32.25 -0.48
CA SER D 115 40.22 -32.56 -0.65
C SER D 115 41.05 -31.67 0.26
N PRO D 116 41.96 -32.23 1.06
CA PRO D 116 42.83 -31.41 1.89
C PRO D 116 43.94 -30.79 1.06
N PRO D 117 44.38 -29.58 1.41
CA PRO D 117 45.38 -28.89 0.59
C PRO D 117 46.79 -29.45 0.82
N SER D 118 47.53 -29.57 -0.28
CA SER D 118 48.93 -29.99 -0.25
C SER D 118 49.80 -28.73 -0.27
N VAL D 119 50.58 -28.53 0.77
CA VAL D 119 51.37 -27.32 0.96
C VAL D 119 52.84 -27.65 0.79
N THR D 120 53.56 -26.77 0.07
CA THR D 120 55.00 -26.91 -0.12
C THR D 120 55.62 -25.53 0.02
N LEU D 121 56.39 -25.33 1.08
CA LEU D 121 57.05 -24.05 1.35
C LEU D 121 58.46 -24.09 0.80
N PHE D 122 58.75 -23.20 -0.16
CA PHE D 122 60.06 -23.19 -0.80
C PHE D 122 60.91 -22.08 -0.23
N PRO D 123 62.15 -22.37 0.16
CA PRO D 123 63.06 -21.33 0.62
C PRO D 123 63.59 -20.52 -0.55
N PRO D 124 64.22 -19.37 -0.29
CA PRO D 124 64.83 -18.61 -1.40
C PRO D 124 65.99 -19.38 -2.01
N SER D 125 66.07 -19.32 -3.34
CA SER D 125 67.12 -20.01 -4.06
C SER D 125 68.49 -19.39 -3.75
N THR D 126 69.53 -20.20 -3.87
CA THR D 126 70.88 -19.71 -3.64
C THR D 126 71.25 -18.61 -4.64
N GLU D 127 70.75 -18.71 -5.88
CA GLU D 127 71.00 -17.67 -6.87
C GLU D 127 70.30 -16.37 -6.49
N GLU D 128 69.14 -16.46 -5.84
CA GLU D 128 68.42 -15.25 -5.45
C GLU D 128 69.09 -14.56 -4.27
N LEU D 129 69.64 -15.34 -3.33
CA LEU D 129 70.26 -14.76 -2.15
C LEU D 129 71.47 -13.90 -2.51
N ASN D 130 72.17 -14.23 -3.59
CA ASN D 130 73.34 -13.47 -3.99
C ASN D 130 72.99 -12.11 -4.57
N GLY D 131 71.70 -11.80 -4.72
CA GLY D 131 71.28 -10.47 -5.15
C GLY D 131 70.76 -9.65 -3.99
N ASN D 132 71.13 -10.05 -2.77
CA ASN D 132 70.71 -9.38 -1.54
C ASN D 132 69.18 -9.32 -1.45
N LYS D 133 68.53 -10.43 -1.78
CA LYS D 133 67.08 -10.52 -1.75
C LYS D 133 66.67 -11.97 -1.48
N ALA D 134 65.48 -12.14 -0.92
CA ALA D 134 64.99 -13.46 -0.56
C ALA D 134 63.47 -13.45 -0.59
N THR D 135 62.88 -14.20 -1.53
CA THR D 135 61.44 -14.33 -1.64
C THR D 135 61.05 -15.77 -1.29
N LEU D 136 60.28 -15.93 -0.22
CA LEU D 136 59.77 -17.24 0.17
C LEU D 136 58.46 -17.49 -0.57
N VAL D 137 58.36 -18.66 -1.22
CA VAL D 137 57.21 -19.03 -2.02
C VAL D 137 56.50 -20.20 -1.35
N CYS D 138 55.20 -20.04 -1.13
CA CYS D 138 54.37 -21.09 -0.52
C CYS D 138 53.30 -21.48 -1.54
N LEU D 139 53.41 -22.68 -2.08
CA LEU D 139 52.53 -23.16 -3.13
C LEU D 139 51.53 -24.16 -2.55
N ILE D 140 50.24 -23.93 -2.81
CA ILE D 140 49.17 -24.79 -2.36
C ILE D 140 48.48 -25.37 -3.59
N SER D 141 47.99 -26.60 -3.46
CA SER D 141 47.35 -27.26 -4.58
C SER D 141 46.50 -28.43 -4.10
N ASP D 142 45.62 -28.89 -4.99
CA ASP D 142 44.83 -30.10 -4.81
C ASP D 142 43.96 -30.02 -3.55
N PHE D 143 43.11 -28.99 -3.52
CA PHE D 143 42.10 -28.87 -2.48
C PHE D 143 40.78 -28.44 -3.10
N TYR D 144 39.69 -28.82 -2.43
CA TYR D 144 38.33 -28.50 -2.85
C TYR D 144 37.49 -28.41 -1.60
N PRO D 145 36.61 -27.40 -1.48
CA PRO D 145 36.33 -26.32 -2.45
C PRO D 145 37.46 -25.29 -2.58
N GLY D 146 37.22 -24.27 -3.40
CA GLY D 146 38.23 -23.28 -3.69
C GLY D 146 38.26 -22.10 -2.75
N SER D 147 38.58 -22.34 -1.49
CA SER D 147 38.70 -21.28 -0.50
C SER D 147 39.76 -21.67 0.52
N VAL D 148 40.77 -20.83 0.68
CA VAL D 148 41.87 -21.08 1.61
C VAL D 148 42.29 -19.77 2.25
N THR D 149 42.90 -19.88 3.43
CA THR D 149 43.42 -18.74 4.17
C THR D 149 44.89 -18.99 4.48
N VAL D 150 45.74 -18.02 4.17
CA VAL D 150 47.18 -18.15 4.33
C VAL D 150 47.65 -17.08 5.32
N VAL D 151 48.38 -17.52 6.35
CA VAL D 151 49.04 -16.63 7.29
C VAL D 151 50.48 -17.06 7.44
N TRP D 152 51.38 -16.09 7.60
CA TRP D 152 52.81 -16.33 7.70
C TRP D 152 53.26 -16.09 9.13
N LYS D 153 53.99 -17.05 9.70
CA LYS D 153 54.52 -16.95 11.04
C LYS D 153 56.05 -17.06 10.98
N ALA D 154 56.73 -15.98 11.32
CA ALA D 154 58.19 -15.94 11.35
C ALA D 154 58.64 -16.01 12.80
N ASP D 155 59.26 -17.14 13.17
CA ASP D 155 59.67 -17.40 14.55
C ASP D 155 58.48 -17.31 15.51
N GLY D 156 57.37 -17.95 15.12
CA GLY D 156 56.16 -17.93 15.91
C GLY D 156 55.40 -16.62 15.92
N SER D 157 55.92 -15.58 15.26
CA SER D 157 55.28 -14.28 15.24
C SER D 157 54.61 -14.06 13.89
N THR D 158 53.37 -13.58 13.93
CA THR D 158 52.62 -13.33 12.69
C THR D 158 53.27 -12.21 11.90
N ILE D 159 53.51 -12.47 10.61
CA ILE D 159 54.11 -11.50 9.69
C ILE D 159 53.03 -11.04 8.72
N THR D 160 52.94 -9.72 8.52
CA THR D 160 51.96 -9.14 7.61
C THR D 160 52.57 -8.28 6.51
N ARG D 161 53.76 -7.73 6.71
CA ARG D 161 54.39 -6.92 5.68
C ARG D 161 54.91 -7.80 4.55
N ASN D 162 54.80 -7.28 3.33
CA ASN D 162 55.37 -7.93 2.14
C ASN D 162 54.82 -9.34 1.95
N VAL D 163 53.54 -9.52 2.25
CA VAL D 163 52.85 -10.80 2.09
C VAL D 163 51.78 -10.61 1.02
N GLU D 164 51.89 -11.38 -0.06
CA GLU D 164 50.92 -11.37 -1.14
C GLU D 164 50.46 -12.80 -1.42
N THR D 165 49.19 -12.97 -1.73
CA THR D 165 48.62 -14.28 -1.97
C THR D 165 47.73 -14.25 -3.20
N THR D 166 47.99 -15.14 -4.15
CA THR D 166 47.15 -15.23 -5.33
C THR D 166 45.84 -15.94 -4.99
N ARG D 167 44.78 -15.53 -5.68
CA ARG D 167 43.47 -16.11 -5.43
C ARG D 167 43.43 -17.57 -5.87
N ALA D 168 42.39 -18.28 -5.43
CA ALA D 168 42.24 -19.68 -5.77
C ALA D 168 41.91 -19.83 -7.25
N SER D 169 42.75 -20.59 -7.97
CA SER D 169 42.57 -20.85 -9.39
C SER D 169 42.43 -22.35 -9.63
N LYS D 170 41.50 -22.73 -10.49
CA LYS D 170 41.29 -24.14 -10.81
C LYS D 170 42.47 -24.67 -11.61
N GLN D 171 43.00 -25.81 -11.20
CA GLN D 171 44.14 -26.42 -11.87
C GLN D 171 43.74 -27.23 -13.10
N SER D 172 44.61 -28.16 -13.49
CA SER D 172 44.39 -28.98 -14.65
C SER D 172 43.38 -30.10 -14.41
N ASN D 173 43.13 -30.46 -13.15
CA ASN D 173 42.26 -31.58 -12.81
C ASN D 173 41.10 -31.14 -11.92
N SER D 174 40.58 -29.94 -12.17
CA SER D 174 39.32 -29.44 -11.61
C SER D 174 39.34 -29.28 -10.09
N LYS D 175 40.52 -29.23 -9.47
CA LYS D 175 40.62 -28.89 -8.06
C LYS D 175 40.90 -27.39 -7.94
N TYR D 176 41.41 -26.95 -6.80
CA TYR D 176 41.71 -25.54 -6.60
C TYR D 176 43.08 -25.39 -5.95
N ALA D 177 43.80 -24.34 -6.34
CA ALA D 177 45.16 -24.12 -5.91
C ALA D 177 45.41 -22.62 -5.76
N ALA D 178 46.46 -22.28 -5.01
CA ALA D 178 46.81 -20.89 -4.78
C ALA D 178 48.30 -20.80 -4.43
N SER D 179 48.82 -19.58 -4.48
CA SER D 179 50.21 -19.32 -4.16
C SER D 179 50.32 -18.11 -3.24
N SER D 180 51.42 -18.05 -2.50
CA SER D 180 51.68 -16.97 -1.57
C SER D 180 53.17 -16.69 -1.53
N TYR D 181 53.52 -15.42 -1.36
CA TYR D 181 54.90 -14.98 -1.42
C TYR D 181 55.22 -14.09 -0.21
N LEU D 182 56.43 -14.25 0.31
CA LEU D 182 56.95 -13.40 1.40
C LEU D 182 58.25 -12.79 0.91
N SER D 183 58.20 -11.52 0.52
CA SER D 183 59.36 -10.82 -0.02
C SER D 183 60.20 -10.26 1.12
N LEU D 184 61.45 -10.70 1.21
CA LEU D 184 62.37 -10.25 2.24
C LEU D 184 63.71 -9.91 1.60
N THR D 185 64.62 -9.40 2.41
CA THR D 185 66.00 -9.19 2.02
C THR D 185 66.86 -10.36 2.48
N SER D 186 68.06 -10.46 1.92
CA SER D 186 68.95 -11.57 2.27
C SER D 186 69.34 -11.52 3.74
N SER D 187 69.62 -10.33 4.25
CA SER D 187 69.99 -10.20 5.66
C SER D 187 68.80 -10.47 6.58
N ASP D 188 67.59 -10.14 6.14
CA ASP D 188 66.39 -10.41 6.93
C ASP D 188 65.98 -11.88 6.88
N TRP D 189 66.41 -12.61 5.85
CA TRP D 189 66.08 -14.04 5.76
C TRP D 189 66.86 -14.84 6.80
N LYS D 190 68.12 -14.50 7.02
CA LYS D 190 68.95 -15.20 7.99
C LYS D 190 68.72 -14.71 9.42
N SER D 191 67.87 -13.71 9.62
CA SER D 191 67.64 -13.19 10.96
C SER D 191 66.87 -14.17 11.82
N LYS D 192 65.76 -14.69 11.30
CA LYS D 192 64.92 -15.60 12.05
C LYS D 192 65.43 -17.03 11.91
N GLY D 193 64.70 -17.98 12.51
CA GLY D 193 65.11 -19.36 12.48
C GLY D 193 64.01 -20.33 12.11
N SER D 194 62.77 -19.85 12.03
CA SER D 194 61.64 -20.72 11.69
C SER D 194 60.59 -19.89 10.97
N TYR D 195 60.53 -20.04 9.65
CA TYR D 195 59.47 -19.46 8.83
C TYR D 195 58.45 -20.55 8.51
N SER D 196 57.17 -20.26 8.72
CA SER D 196 56.11 -21.22 8.52
C SER D 196 55.00 -20.61 7.68
N CYS D 197 54.43 -21.44 6.79
CA CYS D 197 53.30 -21.06 5.96
C CYS D 197 52.09 -21.86 6.44
N GLU D 198 51.25 -21.21 7.25
CA GLU D 198 50.07 -21.85 7.82
C GLU D 198 48.90 -21.68 6.86
N VAL D 199 48.36 -22.79 6.37
CA VAL D 199 47.33 -22.80 5.34
C VAL D 199 46.05 -23.36 5.95
N THR D 200 45.03 -22.52 6.07
CA THR D 200 43.74 -22.90 6.63
C THR D 200 42.75 -23.18 5.49
N HIS D 201 42.15 -24.36 5.51
CA HIS D 201 41.18 -24.76 4.49
C HIS D 201 40.07 -25.55 5.16
N GLU D 202 38.91 -24.92 5.34
CA GLU D 202 37.72 -25.54 5.90
C GLU D 202 38.00 -26.12 7.29
N GLY D 203 38.41 -25.23 8.19
CA GLY D 203 38.70 -25.64 9.56
C GLY D 203 40.06 -26.27 9.72
N SER D 204 40.31 -27.37 9.01
CA SER D 204 41.61 -28.03 9.06
C SER D 204 42.69 -27.10 8.55
N THR D 205 43.80 -27.04 9.28
CA THR D 205 44.88 -26.11 8.99
C THR D 205 46.18 -26.88 8.78
N VAL D 206 46.83 -26.65 7.64
CA VAL D 206 48.09 -27.30 7.29
C VAL D 206 49.21 -26.29 7.45
N THR D 207 50.37 -26.76 7.92
CA THR D 207 51.50 -25.88 8.17
C THR D 207 52.79 -26.56 7.73
N LYS D 208 53.58 -25.86 6.93
CA LYS D 208 54.90 -26.30 6.52
C LYS D 208 55.94 -25.31 7.02
N THR D 209 57.04 -25.83 7.57
CA THR D 209 58.07 -25.02 8.20
C THR D 209 59.41 -25.24 7.52
N VAL D 210 60.15 -24.16 7.35
CA VAL D 210 61.52 -24.21 6.83
C VAL D 210 62.45 -23.57 7.84
N LYS D 211 63.69 -24.05 7.86
CA LYS D 211 64.70 -23.54 8.80
C LYS D 211 65.88 -22.99 8.02
N PRO D 212 66.15 -21.69 8.08
CA PRO D 212 67.29 -21.14 7.33
C PRO D 212 68.63 -21.74 7.75
N SER D 213 68.79 -22.09 9.02
CA SER D 213 70.03 -22.67 9.51
C SER D 213 70.16 -24.15 9.20
N GLU D 214 69.11 -24.79 8.67
CA GLU D 214 69.13 -26.22 8.37
C GLU D 214 68.69 -26.51 6.94
N CYS D 215 68.75 -25.52 6.06
CA CYS D 215 68.31 -25.71 4.67
C CYS D 215 69.21 -24.93 3.71
N VAL E 2 -54.32 -4.22 25.76
CA VAL E 2 -53.10 -3.44 25.92
C VAL E 2 -53.32 -2.03 25.39
N GLN E 3 -53.37 -1.06 26.30
CA GLN E 3 -53.59 0.34 25.96
C GLN E 3 -52.32 1.14 26.22
N LEU E 4 -52.01 2.04 25.29
CA LEU E 4 -50.86 2.93 25.40
C LEU E 4 -51.31 4.34 25.07
N ARG E 5 -51.08 5.27 25.99
CA ARG E 5 -51.52 6.65 25.82
C ARG E 5 -50.40 7.59 26.28
N GLU E 6 -49.87 8.37 25.35
CA GLU E 6 -48.87 9.37 25.68
C GLU E 6 -49.51 10.61 26.26
N SER E 7 -48.77 11.32 27.10
CA SER E 7 -49.27 12.53 27.74
C SER E 7 -48.12 13.51 27.89
N GLY E 8 -48.42 14.80 27.74
CA GLY E 8 -47.44 15.84 27.87
C GLY E 8 -47.71 17.03 26.97
N PRO E 9 -46.76 17.95 26.91
CA PRO E 9 -46.93 19.14 26.08
C PRO E 9 -46.69 18.86 24.61
N SER E 10 -47.16 19.79 23.77
CA SER E 10 -46.97 19.71 22.33
C SER E 10 -46.15 20.87 21.78
N LEU E 11 -45.78 21.84 22.61
CA LEU E 11 -44.95 22.97 22.19
C LEU E 11 -43.94 23.24 23.28
N VAL E 12 -42.66 23.23 22.92
CA VAL E 12 -41.57 23.44 23.87
C VAL E 12 -40.55 24.38 23.23
N LYS E 13 -40.14 25.40 23.97
CA LYS E 13 -39.13 26.32 23.48
C LYS E 13 -37.78 25.62 23.35
N PRO E 14 -36.94 26.04 22.40
CA PRO E 14 -35.63 25.41 22.24
C PRO E 14 -34.75 25.61 23.46
N SER E 15 -33.72 24.78 23.55
CA SER E 15 -32.77 24.80 24.68
C SER E 15 -33.48 24.58 26.01
N GLN E 16 -34.47 23.69 26.01
CA GLN E 16 -35.22 23.33 27.21
C GLN E 16 -35.29 21.81 27.29
N THR E 17 -36.03 21.32 28.28
CA THR E 17 -36.17 19.88 28.53
C THR E 17 -37.58 19.44 28.16
N LEU E 18 -37.67 18.46 27.26
CA LEU E 18 -38.94 17.85 26.89
C LEU E 18 -39.23 16.72 27.88
N SER E 19 -40.46 16.68 28.38
CA SER E 19 -40.89 15.67 29.34
C SER E 19 -42.21 15.08 28.89
N LEU E 20 -42.24 13.76 28.70
CA LEU E 20 -43.45 13.05 28.30
C LEU E 20 -43.60 11.80 29.16
N THR E 21 -44.86 11.46 29.47
CA THR E 21 -45.18 10.30 30.27
C THR E 21 -46.11 9.38 29.48
N CYS E 22 -45.94 8.08 29.65
CA CYS E 22 -46.71 7.08 28.93
C CYS E 22 -47.45 6.19 29.91
N THR E 23 -48.77 6.38 30.00
CA THR E 23 -49.61 5.49 30.78
C THR E 23 -49.79 4.17 30.04
N ALA E 24 -50.04 3.10 30.80
CA ALA E 24 -50.16 1.76 30.24
C ALA E 24 -51.35 1.06 30.87
N SER E 25 -51.72 -0.07 30.27
CA SER E 25 -52.83 -0.89 30.75
C SER E 25 -52.70 -2.28 30.16
N GLY E 26 -53.42 -3.22 30.75
CA GLY E 26 -53.42 -4.59 30.29
C GLY E 26 -52.09 -5.30 30.44
N ASP E 31 -44.99 -7.68 31.65
CA ASP E 31 -44.67 -8.84 30.84
C ASP E 31 -43.46 -8.55 29.94
N LYS E 32 -43.45 -7.37 29.34
CA LYS E 32 -42.38 -6.96 28.46
C LYS E 32 -41.87 -5.60 28.91
N ALA E 33 -41.12 -4.92 28.03
CA ALA E 33 -40.58 -3.60 28.31
C ALA E 33 -41.37 -2.54 27.58
N VAL E 34 -41.16 -1.29 27.98
CA VAL E 34 -41.82 -0.12 27.39
C VAL E 34 -40.74 0.76 26.76
N GLY E 35 -40.86 1.03 25.47
CA GLY E 35 -39.89 1.79 24.74
C GLY E 35 -40.48 3.08 24.15
N TRP E 36 -39.59 3.93 23.68
CA TRP E 36 -39.95 5.21 23.08
C TRP E 36 -39.39 5.28 21.67
N VAL E 37 -40.28 5.47 20.69
CA VAL E 37 -39.90 5.60 19.29
C VAL E 37 -40.55 6.87 18.75
N ARG E 38 -39.76 7.72 18.10
CA ARG E 38 -40.24 8.96 17.52
C ARG E 38 -39.82 9.06 16.07
N GLN E 39 -40.62 9.78 15.28
CA GLN E 39 -40.37 9.95 13.86
C GLN E 39 -40.58 11.42 13.49
N ALA E 40 -39.53 12.04 12.95
CA ALA E 40 -39.67 13.39 12.43
C ALA E 40 -40.45 13.36 11.11
N PRO E 41 -41.18 14.44 10.80
CA PRO E 41 -41.95 14.46 9.55
C PRO E 41 -41.04 14.40 8.33
N GLY E 42 -41.27 13.40 7.49
CA GLY E 42 -40.44 13.19 6.31
C GLY E 42 -39.16 12.43 6.57
N LYS E 43 -38.94 11.95 7.78
CA LYS E 43 -37.74 11.20 8.13
C LYS E 43 -38.12 9.81 8.62
N ALA E 44 -37.12 8.93 8.66
CA ALA E 44 -37.32 7.61 9.21
C ALA E 44 -37.53 7.68 10.72
N LEU E 45 -38.23 6.69 11.26
CA LEU E 45 -38.47 6.67 12.70
C LEU E 45 -37.19 6.29 13.43
N GLU E 46 -37.11 6.68 14.70
CA GLU E 46 -35.88 6.68 15.46
C GLU E 46 -36.08 6.00 16.80
N TRP E 47 -35.10 5.19 17.20
CA TRP E 47 -35.13 4.54 18.51
C TRP E 47 -34.54 5.46 19.57
N LEU E 48 -35.21 5.52 20.72
CA LEU E 48 -34.74 6.33 21.83
C LEU E 48 -34.22 5.46 22.96
N GLY E 49 -35.12 4.86 23.73
CA GLY E 49 -34.73 4.01 24.83
C GLY E 49 -35.89 3.17 25.30
N SER E 50 -35.60 2.29 26.26
CA SER E 50 -36.61 1.40 26.81
C SER E 50 -36.16 0.92 28.18
N ILE E 51 -37.13 0.62 29.03
CA ILE E 51 -36.88 0.11 30.38
C ILE E 51 -37.72 -1.14 30.59
N ASP E 52 -37.11 -2.17 31.16
CA ASP E 52 -37.79 -3.45 31.36
C ASP E 52 -38.45 -3.48 32.74
N THR E 53 -38.85 -4.69 33.17
CA THR E 53 -39.53 -4.83 34.45
C THR E 53 -38.56 -4.61 35.61
N GLY E 54 -37.32 -5.09 35.47
CA GLY E 54 -36.31 -4.92 36.50
C GLY E 54 -35.73 -3.54 36.61
N GLY E 55 -36.30 -2.53 35.96
CA GLY E 55 -35.76 -1.19 36.05
C GLY E 55 -34.53 -0.93 35.23
N ASN E 56 -34.09 -1.89 34.43
CA ASN E 56 -32.90 -1.72 33.60
C ASN E 56 -33.25 -0.95 32.34
N ALA E 57 -32.48 0.09 32.05
CA ALA E 57 -32.73 0.96 30.91
C ALA E 57 -31.58 0.87 29.91
N GLY E 58 -31.91 1.18 28.65
CA GLY E 58 -30.93 1.19 27.58
C GLY E 58 -31.31 2.17 26.49
N TYR E 59 -30.43 3.11 26.19
CA TYR E 59 -30.73 4.20 25.27
C TYR E 59 -29.96 4.04 23.95
N ASN E 60 -30.33 4.87 22.98
CA ASN E 60 -29.61 4.92 21.73
C ASN E 60 -28.22 5.51 21.96
N PRO E 61 -27.17 4.94 21.34
CA PRO E 61 -25.82 5.45 21.60
C PRO E 61 -25.61 6.89 21.16
N GLY E 62 -26.30 7.34 20.12
CA GLY E 62 -26.13 8.71 19.65
C GLY E 62 -26.93 9.75 20.42
N LEU E 63 -27.81 9.33 21.33
CA LEU E 63 -28.64 10.26 22.08
C LEU E 63 -28.62 9.98 23.58
N LYS E 64 -27.77 9.06 24.05
CA LYS E 64 -27.78 8.69 25.47
C LYS E 64 -27.37 9.85 26.36
N SER E 65 -26.57 10.79 25.85
CA SER E 65 -26.15 11.92 26.66
C SER E 65 -27.30 12.86 26.97
N ARG E 66 -28.41 12.76 26.26
CA ARG E 66 -29.57 13.64 26.47
C ARG E 66 -30.80 12.92 26.97
N LEU E 67 -30.90 11.61 26.80
CA LEU E 67 -32.10 10.87 27.16
C LEU E 67 -32.11 10.51 28.64
N SER E 68 -33.31 10.26 29.16
CA SER E 68 -33.49 9.86 30.54
C SER E 68 -34.86 9.21 30.67
N ILE E 69 -34.90 7.96 31.11
CA ILE E 69 -36.14 7.19 31.22
C ILE E 69 -36.25 6.64 32.63
N THR E 70 -37.33 6.98 33.31
CA THR E 70 -37.62 6.50 34.66
C THR E 70 -38.85 5.61 34.65
N GLN E 71 -39.21 5.10 35.82
CA GLN E 71 -40.37 4.23 35.97
C GLN E 71 -41.05 4.51 37.30
N ASP E 72 -42.35 4.25 37.34
CA ASP E 72 -43.16 4.41 38.55
C ASP E 72 -44.21 3.30 38.52
N ASN E 73 -43.87 2.16 39.13
CA ASN E 73 -44.76 1.00 39.09
C ASN E 73 -46.06 1.27 39.85
N SER E 74 -46.05 2.18 40.82
CA SER E 74 -47.25 2.50 41.56
C SER E 74 -48.30 3.20 40.71
N LYS E 75 -47.88 3.86 39.63
CA LYS E 75 -48.79 4.56 38.73
C LYS E 75 -48.76 4.03 37.32
N SER E 76 -47.94 3.03 37.01
CA SER E 76 -47.83 2.44 35.68
C SER E 76 -47.50 3.50 34.63
N GLN E 77 -46.48 4.31 34.93
CA GLN E 77 -46.07 5.40 34.07
C GLN E 77 -44.58 5.29 33.77
N VAL E 78 -44.22 5.44 32.50
CA VAL E 78 -42.84 5.47 32.05
C VAL E 78 -42.56 6.86 31.49
N SER E 79 -41.63 7.58 32.12
CA SER E 79 -41.34 8.96 31.75
C SER E 79 -40.15 9.02 30.80
N LEU E 80 -40.20 10.01 29.90
CA LEU E 80 -39.12 10.27 28.95
C LEU E 80 -38.70 11.72 29.07
N SER E 81 -37.38 11.95 29.01
CA SER E 81 -36.83 13.29 29.14
C SER E 81 -35.74 13.50 28.11
N VAL E 82 -35.83 14.60 27.36
CA VAL E 82 -34.83 14.99 26.37
C VAL E 82 -34.37 16.39 26.71
N SER E 83 -33.10 16.52 27.09
CA SER E 83 -32.54 17.81 27.47
C SER E 83 -31.92 18.49 26.26
N THR E 84 -31.87 19.83 26.32
CA THR E 84 -31.33 20.67 25.26
C THR E 84 -32.00 20.36 23.93
N VAL E 85 -33.32 20.61 23.88
CA VAL E 85 -34.09 20.33 22.68
C VAL E 85 -33.76 21.35 21.60
N THR E 86 -33.93 20.92 20.35
CA THR E 86 -33.68 21.77 19.19
C THR E 86 -34.78 21.52 18.16
N THR E 87 -34.68 22.23 17.03
CA THR E 87 -35.65 22.05 15.96
C THR E 87 -35.58 20.66 15.34
N GLU E 88 -34.46 19.96 15.51
CA GLU E 88 -34.34 18.60 15.00
C GLU E 88 -35.17 17.60 15.80
N ASP E 89 -35.57 17.96 17.02
CA ASP E 89 -36.36 17.08 17.87
C ASP E 89 -37.86 17.22 17.64
N SER E 90 -38.28 18.00 16.65
CA SER E 90 -39.69 18.12 16.31
C SER E 90 -40.15 16.84 15.63
N ALA E 91 -40.96 16.05 16.34
CA ALA E 91 -41.35 14.74 15.84
C ALA E 91 -42.60 14.27 16.57
N THR E 92 -43.18 13.19 16.05
CA THR E 92 -44.29 12.50 16.71
C THR E 92 -43.72 11.37 17.57
N TYR E 93 -43.99 11.41 18.87
CA TYR E 93 -43.40 10.48 19.82
C TYR E 93 -44.38 9.35 20.11
N TYR E 94 -44.00 8.13 19.73
CA TYR E 94 -44.80 6.94 19.99
C TYR E 94 -44.28 6.22 21.22
N CYS E 95 -45.20 5.76 22.06
CA CYS E 95 -44.88 4.86 23.16
C CYS E 95 -45.18 3.44 22.74
N THR E 96 -44.24 2.54 22.98
CA THR E 96 -44.33 1.18 22.45
C THR E 96 -43.91 0.18 23.51
N THR E 97 -44.48 -1.01 23.42
CA THR E 97 -44.05 -2.17 24.20
C THR E 97 -43.07 -2.98 23.36
N VAL E 98 -41.91 -3.30 23.94
CA VAL E 98 -40.84 -3.94 23.20
C VAL E 98 -40.42 -5.21 23.91
N HIS E 99 -39.88 -6.15 23.15
CA HIS E 99 -39.39 -7.43 23.65
C HIS E 99 -37.88 -7.46 23.50
N GLN E 100 -37.17 -7.53 24.63
CA GLN E 100 -35.71 -7.49 24.65
C GLN E 100 -35.18 -8.74 25.33
N LYS E 101 -34.15 -9.33 24.74
CA LYS E 101 -33.57 -10.57 25.23
C LYS E 101 -32.24 -10.81 24.54
N THR E 102 -31.23 -11.21 25.33
CA THR E 102 -29.94 -11.61 24.80
C THR E 102 -29.75 -13.10 25.08
N THR E 103 -29.67 -13.89 24.02
CA THR E 103 -29.55 -15.35 24.13
C THR E 103 -28.17 -15.78 23.65
N ARG E 104 -27.39 -16.34 24.56
CA ARG E 104 -26.10 -16.93 24.22
C ARG E 104 -26.31 -18.38 23.78
N ASN E 105 -25.80 -18.73 22.61
CA ASN E 105 -26.03 -20.04 22.02
C ASN E 105 -24.69 -20.65 21.61
N CYS E 106 -24.38 -21.83 22.17
CA CYS E 106 -23.21 -22.61 21.77
C CYS E 106 -23.66 -23.75 20.87
N PRO E 107 -22.96 -24.00 19.75
CA PRO E 107 -23.38 -25.05 18.83
C PRO E 107 -22.91 -26.42 19.31
N ALA E 108 -23.85 -27.35 19.44
CA ALA E 108 -23.58 -28.76 19.75
C ALA E 108 -22.92 -28.95 21.11
N GLY E 109 -21.83 -28.23 21.38
CA GLY E 109 -21.11 -28.42 22.62
C GLY E 109 -21.97 -28.16 23.84
N TYR E 110 -22.70 -27.04 23.83
CA TYR E 110 -23.62 -26.68 24.91
C TYR E 110 -22.91 -26.63 26.26
N SER E 111 -21.77 -25.95 26.29
CA SER E 111 -20.98 -25.78 27.50
C SER E 111 -20.90 -24.31 27.90
N VAL E 112 -21.97 -23.55 27.66
CA VAL E 112 -21.98 -22.13 27.97
C VAL E 112 -21.95 -21.94 29.48
N HIS E 113 -21.05 -21.07 29.95
CA HIS E 113 -20.90 -20.81 31.37
C HIS E 113 -20.20 -19.48 31.56
N TYR E 114 -20.63 -18.72 32.55
CA TYR E 114 -20.03 -17.44 32.87
C TYR E 114 -18.65 -17.63 33.51
N SER E 136 -16.22 -19.67 20.00
CA SER E 136 -16.68 -18.60 20.87
C SER E 136 -18.19 -18.47 20.82
N VAL E 137 -18.77 -17.86 21.87
CA VAL E 137 -20.22 -17.75 21.96
C VAL E 137 -20.74 -16.80 20.89
N THR E 138 -21.80 -17.22 20.20
CA THR E 138 -22.45 -16.40 19.18
C THR E 138 -23.74 -15.83 19.78
N TYR E 139 -23.78 -14.52 19.96
CA TYR E 139 -24.92 -13.86 20.57
C TYR E 139 -26.02 -13.61 19.54
N THR E 140 -27.23 -13.42 20.02
CA THR E 140 -28.38 -13.09 19.18
C THR E 140 -29.24 -12.10 19.95
N TYR E 141 -29.06 -10.81 19.66
CA TYR E 141 -29.81 -9.76 20.34
C TYR E 141 -31.23 -9.72 19.79
N GLU E 142 -32.20 -9.86 20.69
CA GLU E 142 -33.61 -9.96 20.31
C GLU E 142 -34.31 -8.63 20.56
N TRP E 143 -35.03 -8.14 19.54
CA TRP E 143 -35.70 -6.86 19.64
C TRP E 143 -36.78 -6.77 18.59
N TYR E 144 -37.98 -6.34 19.00
CA TYR E 144 -39.07 -6.01 18.09
C TYR E 144 -40.15 -5.32 18.89
N VAL E 145 -40.84 -4.39 18.24
CA VAL E 145 -41.93 -3.65 18.88
C VAL E 145 -43.20 -4.50 18.85
N ASP E 146 -43.81 -4.69 20.02
CA ASP E 146 -45.01 -5.51 20.14
C ASP E 146 -46.27 -4.70 19.82
N ALA E 147 -46.57 -3.69 20.64
CA ALA E 147 -47.74 -2.85 20.47
C ALA E 147 -47.32 -1.41 20.32
N TRP E 148 -47.90 -0.72 19.34
CA TRP E 148 -47.61 0.68 19.08
C TRP E 148 -48.67 1.57 19.72
N GLY E 149 -48.25 2.76 20.16
CA GLY E 149 -49.15 3.73 20.71
C GLY E 149 -49.73 4.65 19.63
N GLN E 150 -50.63 5.52 20.06
CA GLN E 150 -51.25 6.46 19.13
C GLN E 150 -50.27 7.55 18.70
N GLY E 151 -49.31 7.89 19.55
CA GLY E 151 -48.32 8.88 19.21
C GLY E 151 -48.73 10.30 19.54
N LEU E 152 -47.80 11.08 20.06
CA LEU E 152 -48.03 12.48 20.40
C LEU E 152 -47.07 13.35 19.59
N LEU E 153 -47.63 14.32 18.87
CA LEU E 153 -46.84 15.23 18.04
C LEU E 153 -46.36 16.40 18.90
N VAL E 154 -45.05 16.55 19.02
CA VAL E 154 -44.44 17.63 19.79
C VAL E 154 -43.67 18.52 18.83
N THR E 155 -43.85 19.83 18.96
CA THR E 155 -43.18 20.82 18.13
C THR E 155 -42.26 21.68 18.99
N VAL E 156 -41.07 21.95 18.47
CA VAL E 156 -40.06 22.73 19.18
C VAL E 156 -39.84 24.02 18.40
N SER E 157 -40.32 25.14 18.95
CA SER E 157 -40.16 26.44 18.31
C SER E 157 -40.48 27.51 19.35
N SER E 158 -39.91 28.70 19.12
CA SER E 158 -40.15 29.86 19.98
C SER E 158 -41.17 30.82 19.40
N ALA E 159 -42.02 30.35 18.48
CA ALA E 159 -42.98 31.19 17.79
C ALA E 159 -44.27 31.42 18.57
N SER E 160 -44.31 31.01 19.85
CA SER E 160 -45.51 31.11 20.68
C SER E 160 -46.68 30.37 20.02
N THR E 161 -47.91 30.78 20.34
CA THR E 161 -49.09 30.11 19.83
C THR E 161 -50.20 31.12 19.59
N THR E 162 -51.12 30.74 18.70
CA THR E 162 -52.34 31.50 18.45
C THR E 162 -53.51 30.54 18.54
N ALA E 163 -54.45 30.83 19.44
CA ALA E 163 -55.54 29.91 19.72
C ALA E 163 -56.43 29.74 18.48
N PRO E 164 -57.12 28.61 18.36
CA PRO E 164 -57.96 28.37 17.19
C PRO E 164 -59.35 28.94 17.35
N LYS E 165 -59.97 29.23 16.20
CA LYS E 165 -61.34 29.73 16.13
C LYS E 165 -62.17 28.76 15.31
N VAL E 166 -63.33 28.38 15.84
CA VAL E 166 -64.20 27.39 15.22
C VAL E 166 -65.43 28.10 14.66
N TYR E 167 -65.78 27.77 13.41
CA TYR E 167 -66.96 28.31 12.75
C TYR E 167 -67.78 27.15 12.19
N PRO E 168 -69.09 27.13 12.40
CA PRO E 168 -69.90 26.05 11.84
C PRO E 168 -70.09 26.22 10.34
N LEU E 169 -70.23 25.09 9.64
CA LEU E 169 -70.41 25.07 8.20
C LEU E 169 -71.74 24.41 7.86
N SER E 170 -72.38 24.92 6.81
CA SER E 170 -73.67 24.39 6.36
C SER E 170 -73.86 24.75 4.89
N SER E 171 -74.80 24.05 4.26
CA SER E 171 -75.05 24.23 2.84
C SER E 171 -75.83 25.51 2.59
N CYS E 172 -75.87 25.92 1.32
CA CYS E 172 -76.56 27.13 0.89
C CYS E 172 -78.03 26.90 0.56
N CYS E 173 -78.55 25.70 0.83
CA CYS E 173 -79.95 25.35 0.59
C CYS E 173 -80.44 25.78 -0.80
N SER E 179 -81.79 14.30 -1.77
CA SER E 179 -80.40 14.61 -1.49
C SER E 179 -80.06 14.33 -0.04
N THR E 180 -78.78 14.45 0.31
CA THR E 180 -78.30 14.24 1.66
C THR E 180 -77.71 15.53 2.21
N VAL E 181 -77.86 15.72 3.52
CA VAL E 181 -77.39 16.93 4.20
C VAL E 181 -75.92 16.75 4.58
N THR E 182 -75.14 17.82 4.40
CA THR E 182 -73.73 17.82 4.71
C THR E 182 -73.41 19.01 5.60
N LEU E 183 -73.00 18.74 6.84
CA LEU E 183 -72.56 19.78 7.76
C LEU E 183 -71.04 19.79 7.80
N GLY E 184 -70.48 20.57 8.73
CA GLY E 184 -69.03 20.65 8.84
C GLY E 184 -68.62 21.65 9.90
N CYS E 185 -67.33 21.64 10.20
CA CYS E 185 -66.72 22.57 11.15
C CYS E 185 -65.41 23.07 10.58
N LEU E 186 -65.15 24.37 10.75
CA LEU E 186 -63.94 25.00 10.24
C LEU E 186 -63.11 25.50 11.41
N VAL E 187 -61.95 24.88 11.62
CA VAL E 187 -60.97 25.33 12.59
C VAL E 187 -59.93 26.15 11.84
N SER E 188 -60.00 27.47 11.99
CA SER E 188 -59.18 28.38 11.21
C SER E 188 -58.27 29.20 12.11
N SER E 189 -57.10 29.55 11.56
CA SER E 189 -56.16 30.46 12.20
C SER E 189 -55.66 29.95 13.54
N TYR E 190 -54.77 28.97 13.51
CA TYR E 190 -54.08 28.46 14.70
C TYR E 190 -52.67 28.07 14.30
N MET E 191 -51.75 28.14 15.25
CA MET E 191 -50.32 27.99 14.96
C MET E 191 -49.69 26.95 15.89
N PRO E 192 -50.24 25.74 15.93
CA PRO E 192 -49.50 24.59 16.46
C PRO E 192 -50.09 23.33 15.87
N GLU E 193 -49.34 22.62 15.01
CA GLU E 193 -49.93 21.68 14.07
C GLU E 193 -50.90 20.70 14.71
N PRO E 194 -50.68 20.25 15.95
CA PRO E 194 -51.65 19.30 16.55
C PRO E 194 -52.99 19.97 16.83
N VAL E 195 -54.04 19.46 16.17
CA VAL E 195 -55.42 19.90 16.42
C VAL E 195 -56.32 18.72 16.13
N THR E 196 -57.13 18.31 17.10
CA THR E 196 -57.95 17.12 17.01
C THR E 196 -59.41 17.49 17.17
N VAL E 197 -60.24 17.04 16.23
CA VAL E 197 -61.67 17.36 16.19
C VAL E 197 -62.46 16.07 16.15
N THR E 198 -63.47 15.97 17.00
CA THR E 198 -64.40 14.85 17.02
C THR E 198 -65.83 15.40 17.00
N TRP E 199 -66.78 14.51 16.70
CA TRP E 199 -68.18 14.88 16.57
C TRP E 199 -69.01 14.13 17.60
N ASN E 200 -69.90 14.85 18.30
CA ASN E 200 -70.82 14.28 19.29
C ASN E 200 -70.05 13.50 20.37
N SER E 201 -68.87 14.01 20.74
CA SER E 201 -68.01 13.37 21.74
C SER E 201 -67.67 11.94 21.35
N GLY E 202 -67.61 11.66 20.05
CA GLY E 202 -67.30 10.34 19.54
C GLY E 202 -68.50 9.50 19.15
N ALA E 203 -69.71 9.99 19.40
CA ALA E 203 -70.92 9.22 19.08
C ALA E 203 -71.14 9.11 17.58
N LEU E 204 -70.52 9.97 16.78
CA LEU E 204 -70.68 9.97 15.33
C LEU E 204 -69.34 9.69 14.69
N LYS E 205 -69.28 8.62 13.88
CA LYS E 205 -68.05 8.28 13.16
C LYS E 205 -68.29 7.83 11.72
N SER E 206 -69.50 7.40 11.36
CA SER E 206 -69.77 6.97 9.99
C SER E 206 -69.90 8.18 9.09
N GLY E 207 -69.23 8.14 7.93
CA GLY E 207 -69.32 9.22 6.97
C GLY E 207 -68.76 10.53 7.47
N VAL E 208 -67.69 10.49 8.26
CA VAL E 208 -67.02 11.68 8.77
C VAL E 208 -65.65 11.78 8.11
N HIS E 209 -65.28 13.00 7.73
CA HIS E 209 -64.01 13.24 7.05
C HIS E 209 -63.38 14.50 7.61
N THR E 210 -62.15 14.36 8.13
CA THR E 210 -61.35 15.49 8.58
C THR E 210 -60.13 15.61 7.68
N PHE E 211 -59.95 16.80 7.10
CA PHE E 211 -58.91 17.01 6.12
C PHE E 211 -57.64 17.56 6.77
N PRO E 212 -56.49 17.33 6.14
CA PRO E 212 -55.25 17.95 6.65
C PRO E 212 -55.32 19.46 6.54
N ALA E 213 -54.64 20.13 7.47
CA ALA E 213 -54.66 21.58 7.53
C ALA E 213 -53.84 22.18 6.40
N VAL E 214 -54.04 23.48 6.18
CA VAL E 214 -53.32 24.24 5.17
C VAL E 214 -52.51 25.32 5.88
N LEU E 215 -51.32 25.61 5.34
CA LEU E 215 -50.43 26.61 5.92
C LEU E 215 -50.52 27.87 5.07
N GLN E 216 -51.19 28.89 5.58
CA GLN E 216 -51.40 30.14 4.87
C GLN E 216 -50.11 30.97 4.89
N SER E 217 -50.18 32.15 4.26
CA SER E 217 -49.03 33.05 4.26
C SER E 217 -48.78 33.67 5.63
N SER E 218 -49.81 33.76 6.48
CA SER E 218 -49.67 34.31 7.82
C SER E 218 -49.06 33.33 8.80
N GLY E 219 -48.71 32.12 8.36
CA GLY E 219 -48.16 31.11 9.24
C GLY E 219 -49.18 30.34 10.06
N LEU E 220 -50.45 30.75 10.04
CA LEU E 220 -51.49 30.08 10.80
C LEU E 220 -52.07 28.91 9.99
N TYR E 221 -52.34 27.81 10.69
CA TYR E 221 -52.93 26.64 10.06
C TYR E 221 -54.45 26.77 10.02
N SER E 222 -55.07 25.95 9.18
CA SER E 222 -56.52 25.94 9.04
C SER E 222 -56.96 24.63 8.41
N LEU E 223 -57.86 23.92 9.08
CA LEU E 223 -58.39 22.64 8.60
C LEU E 223 -59.90 22.67 8.64
N SER E 224 -60.51 21.63 8.09
CA SER E 224 -61.96 21.49 8.05
C SER E 224 -62.34 20.04 8.28
N SER E 225 -63.58 19.84 8.73
CA SER E 225 -64.09 18.50 9.02
C SER E 225 -65.58 18.48 8.73
N MET E 226 -65.97 17.79 7.66
CA MET E 226 -67.36 17.69 7.25
C MET E 226 -67.92 16.31 7.58
N VAL E 227 -69.25 16.26 7.70
CA VAL E 227 -69.97 15.03 7.99
C VAL E 227 -71.13 14.89 7.01
N THR E 228 -71.41 13.65 6.61
CA THR E 228 -72.48 13.35 5.66
C THR E 228 -73.52 12.50 6.40
N VAL E 229 -74.62 13.14 6.79
CA VAL E 229 -75.69 12.46 7.52
C VAL E 229 -76.89 12.28 6.59
N PRO E 230 -77.74 11.28 6.82
CA PRO E 230 -78.93 11.13 5.98
C PRO E 230 -79.94 12.24 6.27
N GLY E 231 -80.56 12.73 5.20
CA GLY E 231 -81.51 13.81 5.31
C GLY E 231 -82.76 13.45 6.07
N THR E 237 -79.29 18.11 16.48
CA THR E 237 -78.09 18.91 16.62
C THR E 237 -76.83 18.06 16.48
N PHE E 238 -75.77 18.67 15.98
CA PHE E 238 -74.49 17.99 15.76
C PHE E 238 -73.37 18.89 16.27
N THR E 239 -72.72 18.47 17.36
CA THR E 239 -71.67 19.25 17.98
C THR E 239 -70.31 18.64 17.64
N CYS E 240 -69.41 19.47 17.12
CA CYS E 240 -68.04 19.06 16.84
C CYS E 240 -67.15 19.54 17.99
N ASN E 241 -66.29 18.65 18.47
CA ASN E 241 -65.44 18.92 19.62
C ASN E 241 -64.01 19.18 19.12
N VAL E 242 -63.58 20.43 19.19
CA VAL E 242 -62.26 20.84 18.73
C VAL E 242 -61.35 21.01 19.93
N ALA E 243 -60.12 20.50 19.82
CA ALA E 243 -59.14 20.56 20.89
C ALA E 243 -57.80 21.00 20.33
N HIS E 244 -57.23 22.04 20.92
CA HIS E 244 -55.90 22.53 20.56
C HIS E 244 -55.00 22.43 21.79
N PRO E 245 -54.23 21.35 21.92
CA PRO E 245 -53.50 21.11 23.18
C PRO E 245 -52.43 22.15 23.49
N ALA E 246 -51.92 22.85 22.48
CA ALA E 246 -50.87 23.84 22.71
C ALA E 246 -51.39 25.15 23.29
N SER E 247 -52.69 25.27 23.54
CA SER E 247 -53.25 26.48 24.13
C SER E 247 -54.28 26.17 25.20
N SER E 248 -54.43 24.91 25.62
CA SER E 248 -55.41 24.50 26.63
C SER E 248 -56.83 24.92 26.26
N THR E 249 -57.14 24.92 24.98
CA THR E 249 -58.41 25.40 24.47
C THR E 249 -59.23 24.24 23.93
N LYS E 250 -60.48 24.14 24.38
CA LYS E 250 -61.42 23.14 23.91
C LYS E 250 -62.73 23.83 23.54
N VAL E 251 -63.19 23.61 22.31
CA VAL E 251 -64.39 24.25 21.78
C VAL E 251 -65.34 23.17 21.28
N ASP E 252 -66.55 23.15 21.82
CA ASP E 252 -67.61 22.26 21.37
C ASP E 252 -68.65 23.12 20.66
N LYS E 253 -68.54 23.20 19.33
CA LYS E 253 -69.39 24.09 18.53
C LYS E 253 -70.61 23.32 18.03
N ALA E 254 -71.79 23.94 18.20
CA ALA E 254 -73.03 23.33 17.72
C ALA E 254 -73.28 23.73 16.28
N VAL E 255 -73.67 22.75 15.47
CA VAL E 255 -73.93 22.94 14.05
C VAL E 255 -75.32 22.41 13.72
N GLU E 256 -76.05 23.15 12.88
CA GLU E 256 -77.35 22.73 12.41
C GLU E 256 -77.56 23.30 11.01
N PRO E 257 -78.37 22.66 10.17
CA PRO E 257 -78.62 23.19 8.83
C PRO E 257 -79.36 24.52 8.88
N LYS E 258 -79.29 25.23 7.76
CA LYS E 258 -79.95 26.52 7.66
C LYS E 258 -81.47 26.35 7.50
N SER E 259 -82.20 27.42 7.84
CA SER E 259 -83.65 27.37 7.79
C SER E 259 -84.17 27.53 6.36
N CYS E 260 -83.88 28.68 5.75
CA CYS E 260 -84.33 29.00 4.40
C CYS E 260 -85.84 28.89 4.24
N ALA F 2 -26.61 2.56 11.98
CA ALA F 2 -27.43 3.72 12.31
C ALA F 2 -28.76 3.67 11.60
N VAL F 3 -28.72 3.67 10.26
CA VAL F 3 -29.91 3.60 9.43
C VAL F 3 -29.72 2.53 8.38
N LEU F 4 -30.67 1.60 8.28
CA LEU F 4 -30.61 0.55 7.28
C LEU F 4 -31.09 1.08 5.94
N ASN F 5 -30.46 0.61 4.86
CA ASN F 5 -30.75 1.13 3.53
C ASN F 5 -31.98 0.43 2.95
N GLN F 6 -32.94 1.22 2.48
CA GLN F 6 -34.13 0.75 1.81
C GLN F 6 -34.38 1.57 0.55
N PRO F 7 -34.98 0.98 -0.47
CA PRO F 7 -35.35 1.76 -1.66
C PRO F 7 -36.44 2.77 -1.33
N SER F 8 -36.41 3.90 -2.05
CA SER F 8 -37.37 4.96 -1.79
C SER F 8 -38.78 4.53 -2.18
N SER F 9 -38.95 4.06 -3.41
CA SER F 9 -40.26 3.64 -3.90
C SER F 9 -40.13 2.31 -4.63
N VAL F 10 -41.11 1.44 -4.44
CA VAL F 10 -41.21 0.16 -5.11
C VAL F 10 -42.64 -0.02 -5.59
N SER F 11 -42.80 -0.32 -6.87
CA SER F 11 -44.12 -0.40 -7.49
C SER F 11 -44.46 -1.83 -7.85
N GLY F 12 -45.77 -2.11 -7.88
CA GLY F 12 -46.27 -3.43 -8.24
C GLY F 12 -47.74 -3.40 -8.60
N SER F 13 -48.13 -4.18 -9.62
CA SER F 13 -49.51 -4.18 -10.06
C SER F 13 -50.40 -4.92 -9.08
N LEU F 14 -51.71 -4.87 -9.33
CA LEU F 14 -52.67 -5.59 -8.51
C LEU F 14 -52.50 -7.09 -8.72
N GLY F 15 -52.30 -7.83 -7.62
CA GLY F 15 -52.09 -9.25 -7.70
C GLY F 15 -50.76 -9.62 -8.33
N GLN F 16 -49.69 -8.94 -7.91
CA GLN F 16 -48.36 -9.16 -8.42
C GLN F 16 -47.38 -9.32 -7.25
N ARG F 17 -46.43 -10.23 -7.40
CA ARG F 17 -45.42 -10.44 -6.37
C ARG F 17 -44.44 -9.27 -6.36
N VAL F 18 -44.40 -8.55 -5.24
CA VAL F 18 -43.53 -7.38 -5.08
C VAL F 18 -42.64 -7.62 -3.89
N SER F 19 -41.44 -7.03 -3.92
CA SER F 19 -40.42 -7.27 -2.91
C SER F 19 -39.81 -5.95 -2.44
N ILE F 20 -39.44 -5.92 -1.16
CA ILE F 20 -38.75 -4.79 -0.56
C ILE F 20 -37.51 -5.32 0.15
N THR F 21 -36.35 -4.77 -0.18
CA THR F 21 -35.09 -5.26 0.35
C THR F 21 -34.57 -4.33 1.44
N CYS F 22 -34.05 -4.92 2.51
CA CYS F 22 -33.45 -4.20 3.63
C CYS F 22 -31.98 -4.54 3.70
N SER F 23 -31.12 -3.54 3.48
CA SER F 23 -29.68 -3.73 3.44
C SER F 23 -29.07 -3.17 4.72
N GLY F 24 -28.43 -4.04 5.50
CA GLY F 24 -27.77 -3.63 6.72
C GLY F 24 -26.39 -4.26 6.84
N SER F 25 -25.73 -3.96 7.95
CA SER F 25 -24.41 -4.49 8.23
C SER F 25 -24.50 -5.79 9.02
N SER F 26 -23.34 -6.39 9.30
CA SER F 26 -23.33 -7.65 10.03
C SER F 26 -23.80 -7.48 11.46
N SER F 27 -23.41 -6.38 12.11
CA SER F 27 -23.86 -6.13 13.48
C SER F 27 -25.35 -5.79 13.53
N ASN F 28 -25.92 -5.29 12.44
CA ASN F 28 -27.33 -4.92 12.42
C ASN F 28 -28.18 -6.07 11.89
N VAL F 29 -28.19 -6.25 10.57
CA VAL F 29 -29.03 -7.28 9.95
C VAL F 29 -28.30 -8.62 9.86
N GLY F 30 -26.97 -8.61 9.78
CA GLY F 30 -26.22 -9.86 9.75
C GLY F 30 -26.57 -10.78 10.90
N ASN F 31 -26.52 -10.26 12.12
CA ASN F 31 -27.14 -10.95 13.24
C ASN F 31 -28.64 -11.06 12.99
N GLY F 32 -29.20 -12.24 13.19
CA GLY F 32 -30.58 -12.51 12.86
C GLY F 32 -31.60 -11.69 13.60
N TYR F 33 -32.88 -12.07 13.49
CA TYR F 33 -33.98 -11.42 14.17
C TYR F 33 -34.17 -9.98 13.67
N VAL F 34 -34.62 -9.84 12.43
CA VAL F 34 -35.03 -8.56 11.90
C VAL F 34 -36.54 -8.45 12.01
N SER F 35 -37.07 -7.25 11.75
CA SER F 35 -38.50 -7.01 11.88
C SER F 35 -38.97 -6.10 10.76
N TRP F 36 -40.28 -6.02 10.60
CA TRP F 36 -40.91 -5.21 9.57
C TRP F 36 -42.15 -4.53 10.13
N TYR F 37 -42.31 -3.26 9.80
CA TYR F 37 -43.43 -2.46 10.28
C TYR F 37 -44.04 -1.69 9.12
N GLN F 38 -45.34 -1.39 9.25
CA GLN F 38 -46.10 -0.75 8.18
C GLN F 38 -46.76 0.52 8.71
N LEU F 39 -46.42 1.65 8.09
CA LEU F 39 -47.01 2.95 8.44
C LEU F 39 -48.03 3.31 7.38
N ILE F 40 -49.30 3.07 7.70
CA ILE F 40 -50.42 3.46 6.84
C ILE F 40 -50.94 4.81 7.33
N PRO F 41 -51.14 5.79 6.44
CA PRO F 41 -51.60 7.10 6.90
C PRO F 41 -52.99 7.02 7.52
N GLY F 42 -53.17 7.71 8.63
CA GLY F 42 -54.41 7.65 9.38
C GLY F 42 -54.51 6.51 10.34
N SER F 43 -53.42 5.79 10.60
CA SER F 43 -53.42 4.67 11.53
C SER F 43 -52.07 4.57 12.21
N ALA F 44 -52.04 3.86 13.33
CA ALA F 44 -50.81 3.66 14.07
C ALA F 44 -49.90 2.69 13.34
N PRO F 45 -48.59 2.73 13.60
CA PRO F 45 -47.68 1.75 13.01
C PRO F 45 -48.10 0.33 13.38
N ARG F 46 -48.03 -0.57 12.40
CA ARG F 46 -48.45 -1.94 12.55
C ARG F 46 -47.26 -2.87 12.36
N THR F 47 -46.94 -3.63 13.40
CA THR F 47 -45.84 -4.59 13.32
C THR F 47 -46.24 -5.73 12.38
N LEU F 48 -45.48 -5.91 11.30
CA LEU F 48 -45.80 -6.92 10.30
C LEU F 48 -45.07 -8.24 10.55
N ILE F 49 -43.76 -8.20 10.69
CA ILE F 49 -42.95 -9.41 10.84
C ILE F 49 -41.88 -9.18 11.90
N TYR F 50 -41.39 -10.29 12.45
CA TYR F 50 -40.27 -10.29 13.38
C TYR F 50 -39.65 -11.68 13.36
N GLY F 51 -38.43 -11.76 13.90
CA GLY F 51 -37.71 -13.02 13.83
C GLY F 51 -37.41 -13.44 12.41
N ASP F 52 -37.08 -12.48 11.54
CA ASP F 52 -36.79 -12.72 10.13
C ASP F 52 -38.01 -13.23 9.37
N THR F 53 -38.65 -14.28 9.86
CA THR F 53 -39.75 -14.92 9.15
C THR F 53 -41.06 -14.99 9.93
N SER F 54 -41.03 -14.91 11.25
CA SER F 54 -42.25 -15.07 12.04
C SER F 54 -43.19 -13.90 11.82
N ARG F 55 -44.43 -14.20 11.42
CA ARG F 55 -45.43 -13.18 11.22
C ARG F 55 -46.04 -12.75 12.55
N ALA F 56 -46.59 -11.53 12.56
CA ALA F 56 -47.23 -11.00 13.75
C ALA F 56 -48.68 -11.48 13.85
N SER F 57 -49.37 -11.03 14.89
CA SER F 57 -50.74 -11.46 15.14
C SER F 57 -51.70 -10.73 14.22
N GLY F 58 -52.43 -11.49 13.40
CA GLY F 58 -53.46 -10.91 12.57
C GLY F 58 -53.00 -10.31 11.26
N VAL F 59 -51.89 -10.80 10.71
CA VAL F 59 -51.41 -10.33 9.42
C VAL F 59 -51.70 -11.39 8.36
N PRO F 60 -51.98 -10.99 7.12
CA PRO F 60 -52.32 -11.98 6.09
C PRO F 60 -51.12 -12.87 5.75
N ASP F 61 -51.42 -13.92 4.98
CA ASP F 61 -50.40 -14.88 4.57
C ASP F 61 -49.51 -14.38 3.45
N ARG F 62 -49.85 -13.25 2.83
CA ARG F 62 -49.09 -12.75 1.70
C ARG F 62 -47.86 -11.93 2.10
N PHE F 63 -47.74 -11.56 3.37
CA PHE F 63 -46.56 -10.87 3.86
C PHE F 63 -45.57 -11.92 4.38
N SER F 64 -44.47 -12.11 3.66
CA SER F 64 -43.49 -13.13 3.99
C SER F 64 -42.11 -12.50 4.05
N GLY F 65 -41.45 -12.61 5.20
CA GLY F 65 -40.11 -12.07 5.38
C GLY F 65 -39.04 -13.13 5.16
N SER F 66 -37.86 -12.67 4.79
CA SER F 66 -36.74 -13.56 4.54
C SER F 66 -35.44 -12.80 4.74
N ARG F 67 -34.35 -13.56 4.87
CA ARG F 67 -33.02 -12.97 5.05
C ARG F 67 -31.98 -13.97 4.57
N SER F 68 -31.00 -13.48 3.80
CA SER F 68 -29.89 -14.29 3.31
C SER F 68 -28.61 -13.46 3.50
N GLY F 69 -28.10 -13.47 4.73
CA GLY F 69 -26.92 -12.69 5.06
C GLY F 69 -27.24 -11.32 5.60
N ASN F 70 -26.55 -10.29 5.10
CA ASN F 70 -26.74 -8.92 5.54
C ASN F 70 -27.89 -8.22 4.82
N THR F 71 -28.81 -8.96 4.21
CA THR F 71 -29.90 -8.37 3.44
C THR F 71 -31.19 -9.12 3.74
N ALA F 72 -32.15 -8.43 4.33
CA ALA F 72 -33.48 -8.97 4.55
C ALA F 72 -34.41 -8.56 3.40
N THR F 73 -35.52 -9.26 3.28
CA THR F 73 -36.45 -9.03 2.18
C THR F 73 -37.87 -9.25 2.63
N LEU F 74 -38.74 -8.28 2.39
CA LEU F 74 -40.17 -8.38 2.63
C LEU F 74 -40.87 -8.49 1.29
N THR F 75 -41.56 -9.61 1.07
CA THR F 75 -42.24 -9.88 -0.20
C THR F 75 -43.75 -9.92 0.03
N ILE F 76 -44.48 -9.18 -0.79
CA ILE F 76 -45.93 -9.08 -0.68
C ILE F 76 -46.52 -9.62 -1.98
N SER F 77 -47.04 -10.83 -1.94
CA SER F 77 -47.70 -11.44 -3.10
C SER F 77 -49.18 -11.09 -3.09
N SER F 78 -49.80 -11.23 -4.26
CA SER F 78 -51.22 -10.90 -4.47
C SER F 78 -51.53 -9.51 -3.92
N LEU F 79 -50.91 -8.53 -4.57
CA LEU F 79 -50.93 -7.16 -4.07
C LEU F 79 -52.34 -6.58 -4.07
N GLN F 80 -52.68 -5.90 -2.99
CA GLN F 80 -53.97 -5.24 -2.82
C GLN F 80 -53.80 -3.73 -2.91
N ALA F 81 -54.94 -3.04 -2.98
CA ALA F 81 -54.91 -1.58 -3.01
C ALA F 81 -54.60 -0.98 -1.65
N GLU F 82 -55.00 -1.65 -0.57
CA GLU F 82 -54.76 -1.17 0.78
C GLU F 82 -53.35 -1.45 1.27
N ASP F 83 -52.50 -2.06 0.45
CA ASP F 83 -51.11 -2.30 0.81
C ASP F 83 -50.23 -1.07 0.63
N GLU F 84 -50.74 -0.02 -0.01
CA GLU F 84 -49.95 1.19 -0.25
C GLU F 84 -49.66 1.88 1.08
N ALA F 85 -48.40 1.84 1.49
CA ALA F 85 -47.95 2.46 2.73
C ALA F 85 -46.43 2.47 2.74
N ASP F 86 -45.85 2.99 3.82
CA ASP F 86 -44.42 2.94 4.03
C ASP F 86 -44.06 1.70 4.83
N TYR F 87 -42.96 1.05 4.46
CA TYR F 87 -42.51 -0.18 5.08
C TYR F 87 -41.09 0.00 5.58
N PHE F 88 -40.90 -0.15 6.89
CA PHE F 88 -39.59 0.01 7.52
C PHE F 88 -39.13 -1.32 8.09
N CYS F 89 -37.82 -1.55 8.03
CA CYS F 89 -37.19 -2.69 8.68
C CYS F 89 -36.43 -2.22 9.90
N ALA F 90 -36.16 -3.16 10.81
CA ALA F 90 -35.45 -2.82 12.04
C ALA F 90 -34.81 -4.08 12.61
N SER F 91 -33.77 -3.86 13.42
CA SER F 91 -33.06 -4.94 14.08
C SER F 91 -32.22 -4.36 15.20
N ALA F 92 -31.81 -5.23 16.12
CA ALA F 92 -30.97 -4.81 17.23
C ALA F 92 -29.53 -4.59 16.77
N GLU F 93 -28.72 -4.00 17.64
CA GLU F 93 -27.33 -3.72 17.31
C GLU F 93 -26.53 -3.61 18.60
N ASP F 94 -25.67 -4.59 18.85
CA ASP F 94 -24.75 -4.61 19.98
C ASP F 94 -25.47 -4.67 21.32
N SER F 95 -26.81 -4.70 21.31
CA SER F 95 -27.57 -4.76 22.55
C SER F 95 -29.02 -5.08 22.21
N SER F 96 -29.71 -5.70 23.17
CA SER F 96 -31.13 -6.01 22.99
C SER F 96 -32.02 -4.79 23.14
N SER F 97 -31.49 -3.68 23.64
CA SER F 97 -32.26 -2.45 23.83
C SER F 97 -31.83 -1.34 22.88
N ASN F 98 -30.91 -1.63 21.96
CA ASN F 98 -30.44 -0.66 20.97
C ASN F 98 -30.83 -1.17 19.59
N ALA F 99 -31.68 -0.41 18.89
CA ALA F 99 -32.19 -0.81 17.59
C ALA F 99 -31.94 0.29 16.56
N VAL F 100 -31.87 -0.12 15.31
CA VAL F 100 -31.74 0.79 14.18
C VAL F 100 -32.89 0.54 13.22
N PHE F 101 -33.35 1.60 12.58
CA PHE F 101 -34.45 1.53 11.63
C PHE F 101 -33.94 1.72 10.21
N GLY F 102 -34.82 1.45 9.25
CA GLY F 102 -34.52 1.62 7.85
C GLY F 102 -35.03 2.95 7.31
N SER F 103 -34.56 3.30 6.11
CA SER F 103 -34.97 4.55 5.49
C SER F 103 -36.43 4.56 5.07
N GLY F 104 -37.01 3.39 4.84
CA GLY F 104 -38.41 3.31 4.47
C GLY F 104 -38.59 3.08 2.99
N THR F 105 -39.72 2.47 2.64
CA THR F 105 -40.05 2.18 1.24
C THR F 105 -41.54 2.44 1.04
N THR F 106 -41.86 3.40 0.17
CA THR F 106 -43.24 3.76 -0.12
C THR F 106 -43.75 2.85 -1.23
N LEU F 107 -44.65 1.94 -0.88
CA LEU F 107 -45.22 1.00 -1.84
C LEU F 107 -46.38 1.67 -2.57
N THR F 108 -46.31 1.69 -3.90
CA THR F 108 -47.38 2.21 -4.74
C THR F 108 -47.89 1.08 -5.63
N VAL F 109 -49.20 0.89 -5.63
CA VAL F 109 -49.83 -0.20 -6.38
C VAL F 109 -50.44 0.42 -7.64
N LEU F 110 -49.77 0.25 -8.77
CA LEU F 110 -50.28 0.74 -10.04
C LEU F 110 -51.29 -0.24 -10.62
N GLY F 111 -51.90 0.14 -11.74
CA GLY F 111 -52.95 -0.66 -12.34
C GLY F 111 -54.29 -0.55 -11.66
N GLN F 112 -54.48 0.42 -10.78
CA GLN F 112 -55.67 0.72 -10.00
C GLN F 112 -56.63 1.60 -10.80
N PRO F 113 -57.93 1.35 -10.73
CA PRO F 113 -58.88 2.15 -11.50
C PRO F 113 -58.96 3.58 -10.98
N LYS F 114 -59.24 4.50 -11.90
CA LYS F 114 -59.36 5.91 -11.55
C LYS F 114 -60.77 6.22 -11.09
N SER F 115 -60.90 7.31 -10.34
CA SER F 115 -62.20 7.75 -9.82
C SER F 115 -62.23 9.26 -9.80
N PRO F 116 -63.28 9.89 -10.31
CA PRO F 116 -63.36 11.35 -10.30
C PRO F 116 -63.56 11.87 -8.88
N PRO F 117 -63.16 13.11 -8.61
CA PRO F 117 -63.27 13.65 -7.25
C PRO F 117 -64.68 14.07 -6.90
N SER F 118 -64.92 14.17 -5.60
CA SER F 118 -66.17 14.68 -5.05
C SER F 118 -65.90 16.03 -4.40
N VAL F 119 -66.56 17.07 -4.89
CA VAL F 119 -66.31 18.44 -4.47
C VAL F 119 -67.48 18.93 -3.64
N THR F 120 -67.18 19.58 -2.51
CA THR F 120 -68.17 20.16 -1.63
C THR F 120 -67.73 21.57 -1.28
N LEU F 121 -68.47 22.57 -1.76
CA LEU F 121 -68.15 23.97 -1.54
C LEU F 121 -68.96 24.52 -0.38
N PHE F 122 -68.28 25.09 0.61
CA PHE F 122 -68.94 25.64 1.79
C PHE F 122 -68.86 27.16 1.80
N PRO F 123 -69.96 27.83 2.14
CA PRO F 123 -69.94 29.29 2.22
C PRO F 123 -69.35 29.76 3.54
N PRO F 124 -68.99 31.04 3.65
CA PRO F 124 -68.53 31.55 4.95
C PRO F 124 -69.66 31.56 5.97
N SER F 125 -69.31 31.21 7.21
CA SER F 125 -70.29 31.10 8.27
C SER F 125 -70.85 32.47 8.64
N THR F 126 -72.01 32.46 9.28
CA THR F 126 -72.62 33.71 9.74
C THR F 126 -71.80 34.34 10.86
N GLU F 127 -71.21 33.51 11.73
CA GLU F 127 -70.42 34.04 12.84
C GLU F 127 -69.11 34.66 12.34
N GLU F 128 -68.52 34.12 11.28
CA GLU F 128 -67.30 34.70 10.74
C GLU F 128 -67.60 35.98 9.97
N LEU F 129 -68.73 36.02 9.25
CA LEU F 129 -69.09 37.24 8.51
C LEU F 129 -69.35 38.41 9.46
N ASN F 130 -69.78 38.13 10.68
CA ASN F 130 -69.97 39.18 11.67
C ASN F 130 -68.65 39.73 12.21
N GLY F 131 -67.51 39.21 11.74
CA GLY F 131 -66.22 39.74 12.12
C GLY F 131 -65.50 40.35 10.93
N ASN F 132 -66.26 40.69 9.88
CA ASN F 132 -65.72 41.31 8.67
C ASN F 132 -64.66 40.42 8.02
N LYS F 133 -64.99 39.14 7.86
CA LYS F 133 -64.09 38.18 7.23
C LYS F 133 -64.92 37.07 6.60
N ALA F 134 -64.45 36.57 5.46
CA ALA F 134 -65.15 35.52 4.73
C ALA F 134 -64.15 34.48 4.26
N THR F 135 -64.52 33.21 4.39
CA THR F 135 -63.66 32.10 3.98
C THR F 135 -64.52 31.02 3.34
N LEU F 136 -64.28 30.75 2.07
CA LEU F 136 -64.99 29.71 1.33
C LEU F 136 -64.16 28.44 1.36
N VAL F 137 -64.73 27.36 1.88
CA VAL F 137 -64.04 26.09 2.02
C VAL F 137 -64.53 25.15 0.93
N CYS F 138 -63.61 24.70 0.07
CA CYS F 138 -63.91 23.79 -1.03
C CYS F 138 -63.17 22.48 -0.77
N LEU F 139 -63.90 21.45 -0.37
CA LEU F 139 -63.32 20.19 0.06
C LEU F 139 -63.35 19.18 -1.08
N ILE F 140 -62.22 18.55 -1.35
CA ILE F 140 -62.08 17.55 -2.40
C ILE F 140 -61.64 16.23 -1.78
N SER F 141 -62.22 15.13 -2.25
CA SER F 141 -61.90 13.83 -1.70
C SER F 141 -62.30 12.75 -2.69
N ASP F 142 -61.75 11.55 -2.46
CA ASP F 142 -62.09 10.34 -3.21
C ASP F 142 -61.80 10.51 -4.70
N PHE F 143 -60.51 10.65 -5.01
CA PHE F 143 -60.06 10.71 -6.39
C PHE F 143 -58.70 10.03 -6.52
N TYR F 144 -58.52 9.30 -7.62
CA TYR F 144 -57.30 8.57 -7.91
C TYR F 144 -57.02 8.73 -9.40
N PRO F 145 -55.78 9.03 -9.80
CA PRO F 145 -54.60 9.28 -8.96
C PRO F 145 -54.66 10.60 -8.19
N GLY F 146 -53.65 10.86 -7.37
CA GLY F 146 -53.64 12.04 -6.53
C GLY F 146 -53.09 13.28 -7.20
N SER F 147 -53.65 13.62 -8.36
CA SER F 147 -53.27 14.83 -9.09
C SER F 147 -54.53 15.65 -9.33
N VAL F 148 -54.55 16.88 -8.84
CA VAL F 148 -55.72 17.74 -8.90
C VAL F 148 -55.29 19.16 -9.27
N THR F 149 -56.20 19.89 -9.91
CA THR F 149 -55.99 21.28 -10.28
C THR F 149 -57.22 22.08 -9.89
N VAL F 150 -57.03 23.07 -9.03
CA VAL F 150 -58.14 23.87 -8.48
C VAL F 150 -58.02 25.29 -9.00
N VAL F 151 -59.09 25.79 -9.59
CA VAL F 151 -59.20 27.18 -10.01
C VAL F 151 -60.49 27.76 -9.45
N TRP F 152 -60.45 29.01 -9.02
CA TRP F 152 -61.60 29.70 -8.46
C TRP F 152 -62.07 30.76 -9.44
N LYS F 153 -63.31 30.64 -9.90
CA LYS F 153 -63.91 31.59 -10.83
C LYS F 153 -65.04 32.32 -10.13
N ALA F 154 -64.94 33.63 -10.04
CA ALA F 154 -65.96 34.48 -9.43
C ALA F 154 -66.68 35.22 -10.55
N ASP F 155 -67.89 34.74 -10.88
CA ASP F 155 -68.70 35.31 -11.96
C ASP F 155 -67.94 35.30 -13.30
N GLY F 156 -67.34 34.16 -13.60
CA GLY F 156 -66.66 33.96 -14.86
C GLY F 156 -65.20 34.35 -14.91
N SER F 157 -64.72 35.09 -13.93
CA SER F 157 -63.34 35.58 -13.90
C SER F 157 -62.54 34.78 -12.88
N THR F 158 -61.35 34.34 -13.28
CA THR F 158 -60.51 33.54 -12.39
C THR F 158 -59.93 34.40 -11.28
N ILE F 159 -60.04 33.91 -10.05
CA ILE F 159 -59.48 34.57 -8.87
C ILE F 159 -58.05 34.07 -8.67
N THR F 160 -57.14 35.00 -8.42
CA THR F 160 -55.72 34.68 -8.24
C THR F 160 -55.21 34.92 -6.83
N ARG F 161 -55.70 35.96 -6.15
CA ARG F 161 -55.20 36.33 -4.84
C ARG F 161 -56.04 35.71 -3.73
N ASN F 162 -55.41 35.55 -2.57
CA ASN F 162 -56.05 35.02 -1.36
C ASN F 162 -56.60 33.61 -1.60
N VAL F 163 -55.74 32.74 -2.12
CA VAL F 163 -56.10 31.36 -2.42
C VAL F 163 -54.99 30.45 -1.93
N GLU F 164 -55.34 29.46 -1.11
CA GLU F 164 -54.43 28.44 -0.65
C GLU F 164 -55.02 27.06 -0.91
N THR F 165 -54.18 26.13 -1.34
CA THR F 165 -54.61 24.78 -1.69
C THR F 165 -53.71 23.77 -0.99
N THR F 166 -54.33 22.77 -0.35
CA THR F 166 -53.59 21.72 0.31
C THR F 166 -53.20 20.63 -0.69
N ARG F 167 -51.97 20.14 -0.57
CA ARG F 167 -51.52 19.06 -1.43
C ARG F 167 -52.36 17.81 -1.22
N ALA F 168 -52.53 17.03 -2.29
CA ALA F 168 -53.35 15.82 -2.25
C ALA F 168 -52.85 14.84 -1.19
N SER F 169 -53.66 14.63 -0.15
CA SER F 169 -53.32 13.71 0.92
C SER F 169 -53.97 12.35 0.68
N LYS F 170 -53.24 11.29 0.99
CA LYS F 170 -53.73 9.94 0.77
C LYS F 170 -54.63 9.51 1.92
N GLN F 171 -55.83 9.05 1.58
CA GLN F 171 -56.79 8.60 2.58
C GLN F 171 -56.46 7.18 3.03
N SER F 172 -57.28 6.66 3.94
CA SER F 172 -57.13 5.29 4.40
C SER F 172 -57.62 4.26 3.38
N ASN F 173 -58.37 4.69 2.37
CA ASN F 173 -58.90 3.80 1.34
C ASN F 173 -58.21 4.03 0.00
N SER F 174 -56.90 4.28 0.04
CA SER F 174 -56.04 4.41 -1.15
C SER F 174 -56.36 5.64 -1.98
N LYS F 175 -57.57 6.18 -1.86
CA LYS F 175 -57.92 7.38 -2.60
C LYS F 175 -57.30 8.61 -1.95
N TYR F 176 -57.38 9.74 -2.65
CA TYR F 176 -56.72 10.96 -2.23
C TYR F 176 -57.75 12.04 -1.89
N ALA F 177 -57.30 13.05 -1.16
CA ALA F 177 -58.15 14.15 -0.74
C ALA F 177 -57.31 15.42 -0.62
N ALA F 178 -57.97 16.56 -0.78
CA ALA F 178 -57.31 17.86 -0.69
C ALA F 178 -58.36 18.92 -0.36
N SER F 179 -57.87 20.08 0.09
CA SER F 179 -58.75 21.18 0.46
C SER F 179 -58.19 22.48 -0.09
N SER F 180 -59.10 23.37 -0.51
CA SER F 180 -58.73 24.67 -1.02
C SER F 180 -59.56 25.74 -0.31
N TYR F 181 -58.91 26.84 0.07
CA TYR F 181 -59.53 27.89 0.86
C TYR F 181 -59.46 29.21 0.11
N LEU F 182 -60.57 29.95 0.11
CA LEU F 182 -60.66 31.29 -0.46
C LEU F 182 -61.02 32.24 0.68
N SER F 183 -60.03 32.94 1.21
CA SER F 183 -60.21 33.84 2.35
C SER F 183 -60.42 35.25 1.81
N LEU F 184 -61.66 35.72 1.86
CA LEU F 184 -62.03 37.05 1.40
C LEU F 184 -62.45 37.91 2.61
N THR F 185 -62.99 39.08 2.32
CA THR F 185 -63.59 39.94 3.32
C THR F 185 -65.11 39.87 3.22
N SER F 186 -65.78 40.36 4.28
CA SER F 186 -67.24 40.34 4.29
C SER F 186 -67.81 41.20 3.16
N SER F 187 -67.11 42.28 2.78
CA SER F 187 -67.55 43.10 1.67
C SER F 187 -67.27 42.43 0.33
N ASP F 188 -66.14 41.72 0.23
CA ASP F 188 -65.85 40.98 -1.00
C ASP F 188 -66.78 39.79 -1.17
N TRP F 189 -67.26 39.22 -0.06
CA TRP F 189 -68.17 38.08 -0.14
C TRP F 189 -69.47 38.45 -0.83
N LYS F 190 -70.12 39.52 -0.37
CA LYS F 190 -71.35 40.00 -0.95
C LYS F 190 -71.12 40.93 -2.15
N SER F 191 -69.91 40.94 -2.71
CA SER F 191 -69.59 41.79 -3.84
C SER F 191 -69.95 41.17 -5.18
N LYS F 192 -69.76 39.85 -5.32
CA LYS F 192 -70.03 39.15 -6.57
C LYS F 192 -71.33 38.37 -6.46
N GLY F 193 -71.71 37.72 -7.56
CA GLY F 193 -72.94 36.97 -7.61
C GLY F 193 -72.76 35.48 -7.40
N SER F 194 -71.81 34.88 -8.10
CA SER F 194 -71.57 33.44 -8.04
C SER F 194 -70.08 33.17 -7.88
N TYR F 195 -69.75 32.33 -6.90
CA TYR F 195 -68.39 31.84 -6.70
C TYR F 195 -68.33 30.36 -7.07
N SER F 196 -67.30 29.98 -7.80
CA SER F 196 -67.15 28.63 -8.29
C SER F 196 -65.81 28.05 -7.86
N CYS F 197 -65.80 26.74 -7.64
CA CYS F 197 -64.58 25.99 -7.30
C CYS F 197 -64.42 24.90 -8.36
N GLU F 198 -63.94 25.29 -9.54
CA GLU F 198 -63.76 24.35 -10.64
C GLU F 198 -62.56 23.45 -10.34
N VAL F 199 -62.79 22.15 -10.31
CA VAL F 199 -61.77 21.16 -9.99
C VAL F 199 -61.52 20.32 -11.24
N THR F 200 -60.30 20.38 -11.76
CA THR F 200 -59.91 19.62 -12.94
C THR F 200 -59.00 18.48 -12.52
N HIS F 201 -59.36 17.26 -12.92
CA HIS F 201 -58.60 16.06 -12.57
C HIS F 201 -58.64 15.09 -13.73
N GLU F 202 -57.45 14.74 -14.24
CA GLU F 202 -57.30 13.75 -15.31
C GLU F 202 -58.13 14.13 -16.55
N GLY F 203 -58.08 15.41 -16.92
CA GLY F 203 -58.77 15.88 -18.10
C GLY F 203 -60.23 16.22 -17.91
N SER F 204 -60.84 15.84 -16.79
CA SER F 204 -62.25 16.12 -16.52
C SER F 204 -62.36 17.20 -15.44
N THR F 205 -63.36 18.07 -15.59
CA THR F 205 -63.55 19.20 -14.69
C THR F 205 -64.87 19.04 -13.94
N VAL F 206 -64.82 19.23 -12.62
CA VAL F 206 -66.00 19.22 -11.76
C VAL F 206 -66.10 20.57 -11.08
N THR F 207 -67.29 21.17 -11.10
CA THR F 207 -67.48 22.52 -10.61
C THR F 207 -68.68 22.58 -9.67
N LYS F 208 -68.50 23.30 -8.56
CA LYS F 208 -69.58 23.58 -7.62
C LYS F 208 -69.68 25.09 -7.44
N THR F 209 -70.92 25.59 -7.32
CA THR F 209 -71.17 27.02 -7.29
C THR F 209 -72.08 27.38 -6.12
N VAL F 210 -71.73 28.46 -5.43
CA VAL F 210 -72.56 29.02 -4.36
C VAL F 210 -72.77 30.50 -4.65
N LYS F 211 -73.92 31.01 -4.21
CA LYS F 211 -74.30 32.40 -4.46
C LYS F 211 -74.63 33.06 -3.13
N PRO F 212 -73.97 34.18 -2.78
CA PRO F 212 -74.26 34.83 -1.49
C PRO F 212 -75.70 35.28 -1.34
N SER F 213 -76.36 35.64 -2.44
CA SER F 213 -77.75 36.10 -2.35
C SER F 213 -78.67 34.94 -1.95
N GLU F 214 -78.53 33.79 -2.61
CA GLU F 214 -79.35 32.62 -2.32
C GLU F 214 -78.76 31.76 -1.21
N CYS F 215 -77.85 32.30 -0.40
CA CYS F 215 -77.26 31.55 0.69
C CYS F 215 -77.49 32.26 2.02
N SER F 216 -78.75 32.49 2.36
CA SER F 216 -79.10 33.17 3.61
C SER F 216 -79.00 32.21 4.79
N VAL G 2 2.13 3.13 -11.47
CA VAL G 2 0.77 2.75 -11.06
C VAL G 2 -0.20 2.96 -12.21
N GLN G 3 -0.27 2.00 -13.11
CA GLN G 3 -1.13 2.07 -14.29
C GLN G 3 -1.93 0.79 -14.41
N LEU G 4 -3.25 0.93 -14.53
CA LEU G 4 -4.16 -0.18 -14.70
C LEU G 4 -5.00 0.03 -15.96
N ARG G 5 -5.23 -1.06 -16.70
CA ARG G 5 -5.99 -0.99 -17.93
C ARG G 5 -6.95 -2.18 -18.01
N GLU G 6 -8.22 -1.90 -18.26
CA GLU G 6 -9.24 -2.94 -18.37
C GLU G 6 -9.41 -3.35 -19.82
N SER G 7 -9.57 -4.66 -20.04
CA SER G 7 -9.77 -5.21 -21.37
C SER G 7 -10.93 -6.20 -21.32
N GLY G 8 -11.90 -6.02 -22.21
CA GLY G 8 -13.04 -6.90 -22.27
C GLY G 8 -14.06 -6.46 -23.29
N PRO G 9 -15.15 -7.22 -23.43
CA PRO G 9 -16.18 -6.87 -24.41
C PRO G 9 -17.02 -5.70 -23.94
N SER G 10 -17.65 -5.04 -24.93
CA SER G 10 -18.51 -3.90 -24.64
C SER G 10 -19.97 -4.28 -24.46
N LEU G 11 -20.40 -5.38 -25.06
CA LEU G 11 -21.77 -5.85 -24.94
C LEU G 11 -21.77 -7.36 -24.71
N VAL G 12 -22.65 -7.81 -23.83
CA VAL G 12 -22.76 -9.23 -23.49
C VAL G 12 -24.21 -9.66 -23.63
N LYS G 13 -24.41 -10.88 -24.12
CA LYS G 13 -25.76 -11.42 -24.22
C LYS G 13 -26.32 -11.68 -22.82
N PRO G 14 -27.64 -11.59 -22.65
CA PRO G 14 -28.22 -11.80 -21.33
C PRO G 14 -28.12 -13.25 -20.89
N SER G 15 -27.99 -13.44 -19.58
CA SER G 15 -27.82 -14.76 -18.98
C SER G 15 -26.58 -15.47 -19.50
N GLN G 16 -25.53 -14.71 -19.80
CA GLN G 16 -24.25 -15.25 -20.24
C GLN G 16 -23.21 -15.04 -19.13
N THR G 17 -21.95 -15.23 -19.49
CA THR G 17 -20.83 -15.12 -18.55
C THR G 17 -20.01 -13.89 -18.90
N LEU G 18 -20.19 -12.81 -18.15
CA LEU G 18 -19.38 -11.62 -18.33
C LEU G 18 -17.94 -11.91 -17.91
N SER G 19 -16.99 -11.48 -18.74
CA SER G 19 -15.58 -11.71 -18.46
C SER G 19 -14.77 -10.49 -18.86
N LEU G 20 -13.98 -9.97 -17.92
CA LEU G 20 -13.11 -8.83 -18.17
C LEU G 20 -11.71 -9.15 -17.70
N THR G 21 -10.73 -8.52 -18.35
CA THR G 21 -9.31 -8.71 -18.04
C THR G 21 -8.67 -7.37 -17.76
N CYS G 22 -7.82 -7.34 -16.74
CA CYS G 22 -7.08 -6.14 -16.36
C CYS G 22 -5.58 -6.40 -16.48
N THR G 23 -4.84 -5.36 -16.85
CA THR G 23 -3.39 -5.44 -16.99
C THR G 23 -2.77 -4.36 -16.12
N ALA G 24 -1.89 -4.78 -15.20
CA ALA G 24 -1.24 -3.87 -14.26
C ALA G 24 0.19 -3.59 -14.69
N SER G 25 0.69 -2.42 -14.30
CA SER G 25 2.05 -2.01 -14.62
C SER G 25 2.46 -0.89 -13.68
N GLY G 26 3.49 -1.12 -12.89
CA GLY G 26 3.97 -0.11 -11.96
C GLY G 26 3.57 -0.39 -10.51
N LYS G 32 0.85 -5.06 -4.97
CA LYS G 32 -0.16 -5.29 -3.94
C LYS G 32 -1.26 -6.22 -4.44
N ALA G 33 -2.51 -5.87 -4.12
CA ALA G 33 -3.67 -6.66 -4.50
C ALA G 33 -4.50 -5.89 -5.52
N VAL G 34 -4.89 -6.58 -6.59
CA VAL G 34 -5.70 -5.99 -7.65
C VAL G 34 -7.17 -6.29 -7.36
N GLY G 35 -7.98 -5.23 -7.28
CA GLY G 35 -9.38 -5.36 -6.96
C GLY G 35 -10.28 -5.00 -8.15
N TRP G 36 -11.57 -5.26 -7.96
CA TRP G 36 -12.59 -4.99 -8.97
C TRP G 36 -13.75 -4.27 -8.32
N VAL G 37 -14.06 -3.06 -8.81
CA VAL G 37 -15.18 -2.27 -8.33
C VAL G 37 -16.06 -1.92 -9.51
N ARG G 38 -17.37 -2.03 -9.33
CA ARG G 38 -18.34 -1.72 -10.38
C ARG G 38 -19.33 -0.69 -9.87
N GLN G 39 -19.95 0.02 -10.81
CA GLN G 39 -20.96 1.02 -10.49
C GLN G 39 -21.95 1.13 -11.63
N ALA G 40 -23.24 0.98 -11.29
CA ALA G 40 -24.38 1.12 -12.18
C ALA G 40 -24.86 2.56 -12.20
N PRO G 41 -25.52 2.99 -13.28
CA PRO G 41 -26.00 4.39 -13.34
C PRO G 41 -27.00 4.67 -12.23
N GLY G 42 -26.77 5.77 -11.52
CA GLY G 42 -27.60 6.14 -10.39
C GLY G 42 -27.44 5.26 -9.17
N LYS G 43 -26.56 4.27 -9.21
CA LYS G 43 -26.33 3.36 -8.10
C LYS G 43 -24.96 3.63 -7.48
N ALA G 44 -24.79 3.16 -6.25
CA ALA G 44 -23.54 3.35 -5.53
C ALA G 44 -22.48 2.40 -6.06
N LEU G 45 -21.22 2.68 -5.69
CA LEU G 45 -20.12 1.78 -6.01
C LEU G 45 -20.34 0.45 -5.29
N GLU G 46 -20.24 -0.64 -6.03
CA GLU G 46 -20.45 -1.97 -5.48
C GLU G 46 -19.16 -2.77 -5.59
N TRP G 47 -18.66 -3.24 -4.45
CA TRP G 47 -17.43 -4.03 -4.43
C TRP G 47 -17.69 -5.43 -4.94
N LEU G 48 -16.77 -5.94 -5.76
CA LEU G 48 -16.86 -7.28 -6.32
C LEU G 48 -15.86 -8.24 -5.68
N GLY G 49 -14.58 -7.97 -5.81
CA GLY G 49 -13.57 -8.85 -5.23
C GLY G 49 -12.18 -8.35 -5.52
N SER G 50 -11.20 -9.13 -5.08
CA SER G 50 -9.80 -8.79 -5.27
C SER G 50 -8.97 -10.06 -5.16
N ILE G 51 -7.67 -9.91 -5.41
CA ILE G 51 -6.72 -11.01 -5.32
C ILE G 51 -5.33 -10.43 -5.14
N ASP G 52 -4.57 -11.03 -4.24
CA ASP G 52 -3.22 -10.56 -3.93
C ASP G 52 -2.19 -11.40 -4.68
N THR G 53 -0.91 -11.06 -4.48
CA THR G 53 0.16 -11.79 -5.15
C THR G 53 0.24 -13.24 -4.67
N GLY G 54 -0.12 -13.48 -3.40
CA GLY G 54 -0.01 -14.80 -2.82
C GLY G 54 -1.14 -15.73 -3.25
N GLY G 55 -1.90 -15.32 -4.25
CA GLY G 55 -2.99 -16.12 -4.77
C GLY G 55 -4.27 -16.08 -3.98
N ASN G 56 -4.24 -15.56 -2.75
CA ASN G 56 -5.45 -15.48 -1.94
C ASN G 56 -6.43 -14.49 -2.55
N ALA G 57 -7.70 -14.87 -2.57
CA ALA G 57 -8.75 -14.08 -3.18
C ALA G 57 -9.87 -13.81 -2.18
N GLY G 58 -10.58 -12.71 -2.40
CA GLY G 58 -11.73 -12.38 -1.59
C GLY G 58 -12.87 -11.92 -2.47
N TYR G 59 -14.10 -12.12 -1.99
CA TYR G 59 -15.28 -11.80 -2.76
C TYR G 59 -16.33 -11.18 -1.86
N ASN G 60 -17.24 -10.44 -2.49
CA ASN G 60 -18.39 -9.90 -1.77
C ASN G 60 -19.32 -11.05 -1.38
N PRO G 61 -19.81 -11.09 -0.14
CA PRO G 61 -20.63 -12.23 0.27
C PRO G 61 -21.93 -12.38 -0.51
N GLY G 62 -22.53 -11.26 -0.93
CA GLY G 62 -23.77 -11.33 -1.69
C GLY G 62 -23.60 -11.78 -3.13
N LEU G 63 -22.37 -11.76 -3.65
CA LEU G 63 -22.10 -12.12 -5.03
C LEU G 63 -20.99 -13.17 -5.15
N LYS G 64 -20.67 -13.86 -4.05
CA LYS G 64 -19.60 -14.86 -4.09
C LYS G 64 -19.99 -16.06 -4.95
N SER G 65 -21.27 -16.42 -4.99
CA SER G 65 -21.71 -17.56 -5.76
C SER G 65 -21.74 -17.31 -7.27
N ARG G 66 -21.32 -16.12 -7.72
CA ARG G 66 -21.34 -15.79 -9.13
C ARG G 66 -20.02 -15.26 -9.66
N LEU G 67 -19.07 -14.89 -8.81
CA LEU G 67 -17.84 -14.26 -9.24
C LEU G 67 -16.68 -15.24 -9.24
N SER G 68 -15.62 -14.86 -9.97
CA SER G 68 -14.41 -15.67 -10.05
C SER G 68 -13.27 -14.76 -10.50
N ILE G 69 -12.23 -14.64 -9.68
CA ILE G 69 -11.09 -13.76 -9.94
C ILE G 69 -9.84 -14.60 -9.98
N THR G 70 -9.20 -14.67 -11.15
CA THR G 70 -7.97 -15.42 -11.34
C THR G 70 -6.80 -14.43 -11.52
N GLN G 71 -5.64 -14.97 -11.89
CA GLN G 71 -4.45 -14.15 -12.08
C GLN G 71 -3.47 -14.91 -12.96
N ASP G 72 -2.59 -14.15 -13.60
CA ASP G 72 -1.53 -14.72 -14.44
C ASP G 72 -0.32 -13.80 -14.32
N ASN G 73 0.64 -14.20 -13.49
CA ASN G 73 1.80 -13.35 -13.23
C ASN G 73 2.71 -13.23 -14.45
N SER G 74 2.68 -14.21 -15.34
CA SER G 74 3.53 -14.15 -16.53
C SER G 74 3.11 -13.03 -17.47
N LYS G 75 1.82 -12.72 -17.52
CA LYS G 75 1.31 -11.65 -18.36
C LYS G 75 0.87 -10.43 -17.57
N SER G 76 1.03 -10.44 -16.24
CA SER G 76 0.59 -9.35 -15.37
C SER G 76 -0.88 -9.02 -15.61
N GLN G 77 -1.70 -10.06 -15.63
CA GLN G 77 -3.11 -9.94 -15.95
C GLN G 77 -3.96 -10.54 -14.83
N VAL G 78 -5.03 -9.83 -14.48
CA VAL G 78 -6.01 -10.28 -13.50
C VAL G 78 -7.37 -10.23 -14.16
N SER G 79 -8.05 -11.38 -14.21
CA SER G 79 -9.32 -11.52 -14.92
C SER G 79 -10.48 -11.62 -13.93
N LEU G 80 -11.61 -11.03 -14.31
CA LEU G 80 -12.84 -11.10 -13.53
C LEU G 80 -13.92 -11.78 -14.37
N SER G 81 -14.83 -12.47 -13.69
CA SER G 81 -15.88 -13.21 -14.37
C SER G 81 -17.16 -13.17 -13.56
N VAL G 82 -18.28 -12.88 -14.22
CA VAL G 82 -19.59 -12.88 -13.61
C VAL G 82 -20.46 -13.89 -14.36
N SER G 83 -21.15 -14.75 -13.61
CA SER G 83 -21.93 -15.83 -14.18
C SER G 83 -23.42 -15.45 -14.20
N THR G 84 -24.09 -15.81 -15.29
CA THR G 84 -25.52 -15.56 -15.48
C THR G 84 -25.84 -14.07 -15.30
N VAL G 85 -25.41 -13.29 -16.30
CA VAL G 85 -25.56 -11.85 -16.23
C VAL G 85 -27.03 -11.47 -16.42
N THR G 86 -27.50 -10.54 -15.59
CA THR G 86 -28.85 -10.00 -15.68
C THR G 86 -28.78 -8.53 -16.10
N THR G 87 -29.95 -7.89 -16.15
CA THR G 87 -30.00 -6.49 -16.52
C THR G 87 -29.34 -5.60 -15.48
N GLU G 88 -29.34 -6.04 -14.22
CA GLU G 88 -28.72 -5.28 -13.14
C GLU G 88 -27.20 -5.40 -13.11
N ASP G 89 -26.62 -6.23 -13.97
CA ASP G 89 -25.16 -6.35 -14.08
C ASP G 89 -24.55 -5.33 -15.03
N SER G 90 -25.37 -4.58 -15.76
CA SER G 90 -24.87 -3.53 -16.64
C SER G 90 -24.33 -2.39 -15.79
N ALA G 91 -23.00 -2.24 -15.77
CA ALA G 91 -22.35 -1.24 -14.91
C ALA G 91 -21.00 -0.91 -15.50
N THR G 92 -20.28 0.00 -14.84
CA THR G 92 -18.93 0.39 -15.22
C THR G 92 -17.96 -0.27 -14.25
N TYR G 93 -17.18 -1.22 -14.75
CA TYR G 93 -16.27 -2.00 -13.92
C TYR G 93 -14.90 -1.34 -13.91
N TYR G 94 -14.27 -1.31 -12.73
CA TYR G 94 -13.00 -0.64 -12.52
C TYR G 94 -11.97 -1.62 -12.00
N CYS G 95 -10.78 -1.58 -12.58
CA CYS G 95 -9.61 -2.21 -11.99
C CYS G 95 -9.02 -1.27 -10.94
N THR G 96 -8.43 -1.85 -9.89
CA THR G 96 -8.00 -1.03 -8.77
C THR G 96 -6.81 -1.68 -8.07
N THR G 97 -6.11 -0.86 -7.28
CA THR G 97 -5.06 -1.30 -6.38
C THR G 97 -5.55 -1.04 -4.96
N VAL G 98 -5.77 -2.12 -4.20
CA VAL G 98 -6.44 -2.04 -2.92
C VAL G 98 -5.45 -2.37 -1.81
N HIS G 99 -5.61 -1.70 -0.67
CA HIS G 99 -4.81 -1.93 0.52
C HIS G 99 -5.56 -2.88 1.44
N GLN G 100 -4.97 -4.05 1.70
CA GLN G 100 -5.61 -5.09 2.51
C GLN G 100 -4.64 -5.55 3.59
N LYS G 101 -4.83 -5.04 4.81
CA LYS G 101 -4.01 -5.40 5.96
C LYS G 101 -4.92 -5.73 7.13
N THR G 102 -4.82 -6.95 7.65
CA THR G 102 -5.62 -7.41 8.78
C THR G 102 -4.76 -7.36 10.03
N THR G 103 -4.95 -6.32 10.84
CA THR G 103 -4.20 -6.16 12.07
C THR G 103 -4.85 -6.99 13.18
N ARG G 104 -4.21 -6.98 14.36
CA ARG G 104 -4.71 -7.73 15.50
C ARG G 104 -4.14 -7.15 16.80
N ASN G 105 -4.52 -5.92 17.13
CA ASN G 105 -4.04 -5.26 18.32
C ASN G 105 -4.71 -5.84 19.57
N CYS G 106 -4.33 -5.31 20.73
CA CYS G 106 -4.88 -5.76 22.00
C CYS G 106 -4.68 -4.70 23.08
N ILE G 135 -9.35 -12.05 29.11
CA ILE G 135 -9.52 -10.84 28.31
C ILE G 135 -9.91 -11.19 26.88
N SER G 136 -10.22 -10.17 26.10
CA SER G 136 -10.63 -10.31 24.71
C SER G 136 -9.50 -9.85 23.79
N VAL G 137 -9.83 -9.56 22.53
CA VAL G 137 -8.87 -9.12 21.54
C VAL G 137 -9.60 -8.31 20.46
N THR G 138 -9.07 -7.14 20.15
CA THR G 138 -9.67 -6.28 19.15
C THR G 138 -9.16 -6.64 17.76
N TYR G 139 -9.92 -6.22 16.74
CA TYR G 139 -9.59 -6.50 15.35
C TYR G 139 -9.63 -5.22 14.55
N THR G 140 -8.76 -5.13 13.54
CA THR G 140 -8.68 -3.96 12.67
C THR G 140 -8.56 -4.45 11.23
N TYR G 141 -9.58 -4.17 10.43
CA TYR G 141 -9.60 -4.54 9.01
C TYR G 141 -9.40 -3.26 8.20
N GLU G 142 -8.25 -3.13 7.56
CA GLU G 142 -7.90 -1.95 6.78
C GLU G 142 -8.13 -2.23 5.31
N TRP G 143 -8.97 -1.42 4.67
CA TRP G 143 -9.24 -1.55 3.25
C TRP G 143 -9.46 -0.19 2.63
N TYR G 144 -8.75 0.09 1.53
CA TYR G 144 -9.05 1.23 0.67
C TYR G 144 -8.24 1.08 -0.62
N VAL G 145 -8.74 1.72 -1.68
CA VAL G 145 -8.16 1.59 -3.01
C VAL G 145 -7.12 2.69 -3.20
N ASP G 146 -5.95 2.31 -3.70
CA ASP G 146 -4.85 3.25 -3.93
C ASP G 146 -4.94 3.89 -5.31
N ALA G 147 -5.02 3.06 -6.36
CA ALA G 147 -5.05 3.54 -7.74
C ALA G 147 -6.31 3.03 -8.43
N TRP G 148 -7.01 3.92 -9.12
CA TRP G 148 -8.19 3.57 -9.88
C TRP G 148 -7.88 3.54 -11.38
N GLY G 149 -8.54 2.63 -12.08
CA GLY G 149 -8.39 2.55 -13.52
C GLY G 149 -9.37 3.45 -14.26
N GLN G 150 -9.20 3.52 -15.58
CA GLN G 150 -10.10 4.32 -16.40
C GLN G 150 -11.50 3.74 -16.47
N GLY G 151 -11.65 2.43 -16.23
CA GLY G 151 -12.94 1.79 -16.26
C GLY G 151 -13.28 1.21 -17.62
N LEU G 152 -14.39 0.48 -17.65
CA LEU G 152 -14.87 -0.14 -18.89
C LEU G 152 -16.37 -0.38 -18.72
N LEU G 153 -17.18 0.38 -19.47
CA LEU G 153 -18.63 0.26 -19.40
C LEU G 153 -19.07 -0.99 -20.16
N VAL G 154 -19.56 -1.98 -19.43
CA VAL G 154 -20.10 -3.20 -20.00
C VAL G 154 -21.62 -3.19 -19.85
N THR G 155 -22.32 -3.44 -20.94
CA THR G 155 -23.78 -3.39 -20.96
C THR G 155 -24.31 -4.72 -21.47
N VAL G 156 -25.23 -5.33 -20.72
CA VAL G 156 -25.81 -6.61 -21.06
C VAL G 156 -27.22 -6.36 -21.58
N SER G 157 -27.40 -6.56 -22.89
CA SER G 157 -28.69 -6.37 -23.54
C SER G 157 -29.02 -7.60 -24.38
N SER G 158 -30.26 -7.64 -24.87
CA SER G 158 -30.75 -8.83 -25.56
C SER G 158 -29.93 -9.14 -26.81
N ALA G 159 -29.79 -8.17 -27.71
CA ALA G 159 -29.13 -8.44 -28.97
C ALA G 159 -28.68 -7.14 -29.61
N SER G 160 -28.00 -7.28 -30.75
CA SER G 160 -27.65 -6.20 -31.67
C SER G 160 -26.47 -5.36 -31.18
N THR G 161 -25.47 -5.18 -32.05
CA THR G 161 -24.34 -4.28 -31.82
C THR G 161 -24.26 -3.34 -33.03
N THR G 162 -25.23 -2.44 -33.13
CA THR G 162 -25.37 -1.58 -34.31
C THR G 162 -24.45 -0.37 -34.17
N ALA G 163 -23.63 -0.13 -35.20
CA ALA G 163 -22.72 1.00 -35.20
C ALA G 163 -23.49 2.29 -35.52
N PRO G 164 -22.97 3.45 -35.11
CA PRO G 164 -23.69 4.70 -35.35
C PRO G 164 -23.53 5.22 -36.77
N LYS G 165 -24.41 6.15 -37.11
CA LYS G 165 -24.36 6.88 -38.38
C LYS G 165 -24.35 8.37 -38.04
N VAL G 166 -23.24 9.03 -38.35
CA VAL G 166 -23.05 10.43 -37.99
C VAL G 166 -23.67 11.32 -39.06
N TYR G 167 -24.51 12.26 -38.63
CA TYR G 167 -25.14 13.23 -39.50
C TYR G 167 -24.71 14.65 -39.12
N PRO G 168 -24.59 15.54 -40.10
CA PRO G 168 -24.22 16.93 -39.80
C PRO G 168 -25.39 17.70 -39.21
N LEU G 169 -25.09 18.90 -38.73
CA LEU G 169 -26.09 19.77 -38.13
C LEU G 169 -25.77 21.21 -38.46
N SER G 170 -26.67 21.88 -39.18
CA SER G 170 -26.51 23.28 -39.54
C SER G 170 -27.87 23.97 -39.47
N SER G 171 -27.84 25.27 -39.26
CA SER G 171 -29.07 26.04 -39.11
C SER G 171 -29.81 26.14 -40.44
N CYS G 172 -31.07 26.57 -40.36
CA CYS G 172 -31.92 26.74 -41.54
C CYS G 172 -31.72 28.08 -42.23
N CYS G 173 -30.72 28.85 -41.82
CA CYS G 173 -30.41 30.16 -42.40
C CYS G 173 -31.65 31.04 -42.55
N VAL G 181 -22.05 31.65 -35.13
CA VAL G 181 -22.59 30.47 -35.77
C VAL G 181 -22.30 29.24 -34.92
N THR G 182 -23.18 28.25 -35.00
CA THR G 182 -23.03 27.01 -34.24
C THR G 182 -23.35 25.83 -35.13
N LEU G 183 -22.40 24.91 -35.26
CA LEU G 183 -22.60 23.68 -36.01
C LEU G 183 -22.90 22.54 -35.06
N GLY G 184 -22.84 21.31 -35.56
CA GLY G 184 -23.12 20.17 -34.71
C GLY G 184 -22.89 18.87 -35.45
N CYS G 185 -23.15 17.78 -34.73
CA CYS G 185 -23.01 16.44 -35.26
C CYS G 185 -23.91 15.50 -34.46
N LEU G 186 -24.77 14.77 -35.16
CA LEU G 186 -25.73 13.87 -34.54
C LEU G 186 -25.31 12.43 -34.82
N VAL G 187 -24.84 11.75 -33.78
CA VAL G 187 -24.66 10.31 -33.81
C VAL G 187 -26.00 9.65 -33.48
N SER G 188 -26.47 8.78 -34.37
CA SER G 188 -27.83 8.26 -34.28
C SER G 188 -27.82 6.74 -34.38
N SER G 189 -28.58 6.10 -33.48
CA SER G 189 -28.90 4.67 -33.55
C SER G 189 -27.63 3.83 -33.52
N TYR G 190 -27.06 3.71 -32.31
CA TYR G 190 -25.90 2.87 -32.07
C TYR G 190 -26.10 2.06 -30.79
N MET G 191 -25.42 0.92 -30.71
CA MET G 191 -25.57 0.01 -29.57
C MET G 191 -24.28 -0.65 -29.13
N PRO G 192 -23.40 0.09 -28.54
CA PRO G 192 -23.12 -0.11 -27.12
C PRO G 192 -23.40 1.24 -26.53
N GLU G 193 -23.10 1.48 -25.27
CA GLU G 193 -23.39 2.85 -24.89
C GLU G 193 -22.17 3.79 -24.97
N PRO G 194 -20.91 3.33 -24.93
CA PRO G 194 -19.80 4.30 -24.94
C PRO G 194 -19.44 4.73 -26.35
N VAL G 195 -19.31 6.05 -26.53
CA VAL G 195 -18.86 6.64 -27.80
C VAL G 195 -18.08 7.90 -27.47
N THR G 196 -16.90 8.03 -28.08
CA THR G 196 -16.02 9.18 -27.84
C THR G 196 -15.92 10.00 -29.12
N VAL G 197 -16.35 11.26 -29.04
CA VAL G 197 -16.38 12.16 -30.19
C VAL G 197 -15.40 13.29 -29.95
N THR G 198 -14.42 13.44 -30.85
CA THR G 198 -13.45 14.52 -30.81
C THR G 198 -13.62 15.38 -32.06
N TRP G 199 -13.41 16.69 -31.90
CA TRP G 199 -13.65 17.65 -32.96
C TRP G 199 -12.33 18.03 -33.62
N ASN G 200 -12.25 17.85 -34.94
CA ASN G 200 -11.08 18.22 -35.74
C ASN G 200 -9.81 17.58 -35.19
N SER G 201 -9.91 16.30 -34.86
CA SER G 201 -8.80 15.53 -34.30
C SER G 201 -8.26 16.15 -33.02
N GLY G 202 -9.12 16.85 -32.29
CA GLY G 202 -8.72 17.51 -31.06
C GLY G 202 -8.13 18.89 -31.23
N ALA G 203 -8.14 19.45 -32.44
CA ALA G 203 -7.58 20.78 -32.65
C ALA G 203 -8.43 21.85 -31.98
N LEU G 204 -9.74 21.78 -32.16
CA LEU G 204 -10.67 22.76 -31.60
C LEU G 204 -11.25 22.19 -30.31
N LYS G 205 -10.80 22.72 -29.18
CA LYS G 205 -11.31 22.30 -27.87
C LYS G 205 -12.11 23.38 -27.17
N SER G 206 -11.85 24.66 -27.46
CA SER G 206 -12.60 25.74 -26.86
C SER G 206 -13.91 25.95 -27.60
N GLY G 207 -15.01 25.99 -26.86
CA GLY G 207 -16.31 26.15 -27.47
C GLY G 207 -16.93 24.87 -27.99
N VAL G 208 -16.53 23.72 -27.46
CA VAL G 208 -17.06 22.43 -27.87
C VAL G 208 -17.68 21.75 -26.66
N HIS G 209 -18.87 21.18 -26.84
CA HIS G 209 -19.60 20.51 -25.77
C HIS G 209 -20.25 19.26 -26.32
N THR G 210 -19.95 18.12 -25.71
CA THR G 210 -20.54 16.84 -26.09
C THR G 210 -21.68 16.52 -25.13
N PHE G 211 -22.88 16.39 -25.67
CA PHE G 211 -24.05 16.14 -24.84
C PHE G 211 -24.17 14.65 -24.51
N PRO G 212 -24.74 14.32 -23.36
CA PRO G 212 -24.99 12.90 -23.04
C PRO G 212 -26.01 12.30 -24.00
N ALA G 213 -25.94 10.98 -24.14
CA ALA G 213 -26.82 10.29 -25.06
C ALA G 213 -28.26 10.27 -24.54
N VAL G 214 -29.19 10.04 -25.45
CA VAL G 214 -30.61 9.96 -25.14
C VAL G 214 -31.15 8.68 -25.77
N LEU G 215 -31.43 7.67 -24.95
CA LEU G 215 -31.92 6.39 -25.44
C LEU G 215 -33.31 6.57 -26.04
N GLN G 216 -33.44 6.33 -27.34
CA GLN G 216 -34.72 6.47 -28.02
C GLN G 216 -35.60 5.25 -27.74
N SER G 217 -36.77 5.23 -28.37
CA SER G 217 -37.71 4.14 -28.15
C SER G 217 -37.24 2.84 -28.79
N SER G 218 -36.52 2.92 -29.91
CA SER G 218 -36.05 1.74 -30.62
C SER G 218 -34.98 0.97 -29.85
N GLY G 219 -34.53 1.47 -28.70
CA GLY G 219 -33.48 0.81 -27.97
C GLY G 219 -32.07 1.17 -28.39
N LEU G 220 -31.92 2.10 -29.32
CA LEU G 220 -30.61 2.56 -29.78
C LEU G 220 -30.38 3.99 -29.33
N TYR G 221 -29.18 4.25 -28.82
CA TYR G 221 -28.89 5.56 -28.24
C TYR G 221 -28.64 6.59 -29.33
N SER G 222 -28.50 7.85 -28.92
CA SER G 222 -28.27 8.95 -29.84
C SER G 222 -27.63 10.10 -29.06
N LEU G 223 -26.43 10.50 -29.48
CA LEU G 223 -25.70 11.59 -28.84
C LEU G 223 -25.49 12.72 -29.85
N SER G 224 -24.94 13.82 -29.36
CA SER G 224 -24.72 14.99 -30.22
C SER G 224 -23.64 15.87 -29.61
N SER G 225 -22.81 16.45 -30.47
CA SER G 225 -21.81 17.44 -30.07
C SER G 225 -22.01 18.70 -30.91
N MET G 226 -21.50 19.82 -30.40
CA MET G 226 -21.68 21.09 -31.06
C MET G 226 -20.48 21.99 -30.79
N VAL G 227 -20.16 22.84 -31.76
CA VAL G 227 -19.07 23.80 -31.67
C VAL G 227 -19.62 25.18 -32.02
N THR G 228 -19.44 26.14 -31.12
CA THR G 228 -19.91 27.50 -31.31
C THR G 228 -18.73 28.45 -31.30
N VAL G 229 -18.67 29.34 -32.28
CA VAL G 229 -17.55 30.27 -32.44
C VAL G 229 -18.05 31.52 -33.16
N PRO G 230 -17.34 32.64 -33.09
CA PRO G 230 -17.74 33.80 -33.90
C PRO G 230 -17.73 33.47 -35.38
N GLY G 231 -18.78 33.93 -36.08
CA GLY G 231 -19.02 33.45 -37.42
C GLY G 231 -18.04 33.95 -38.47
N SER G 232 -17.47 35.14 -38.26
CA SER G 232 -16.62 35.75 -39.27
C SER G 232 -15.39 34.88 -39.57
N THR G 233 -14.56 34.64 -38.54
CA THR G 233 -13.33 33.88 -38.71
C THR G 233 -13.65 32.38 -38.65
N SER G 234 -14.35 31.92 -39.69
CA SER G 234 -14.68 30.51 -39.85
C SER G 234 -13.78 29.83 -40.88
N GLY G 235 -12.54 30.29 -41.00
CA GLY G 235 -11.64 29.71 -41.99
C GLY G 235 -11.28 28.27 -41.71
N GLN G 236 -11.15 27.90 -40.43
CA GLN G 236 -10.81 26.53 -40.09
C GLN G 236 -11.98 25.59 -40.41
N THR G 237 -11.68 24.49 -41.09
CA THR G 237 -12.71 23.52 -41.40
C THR G 237 -13.17 22.80 -40.13
N PHE G 238 -14.39 22.26 -40.19
CA PHE G 238 -15.02 21.61 -39.04
C PHE G 238 -15.40 20.19 -39.42
N THR G 239 -14.78 19.22 -38.75
CA THR G 239 -15.11 17.81 -38.93
C THR G 239 -15.14 17.15 -37.57
N CYS G 240 -16.21 16.41 -37.30
CA CYS G 240 -16.38 15.71 -36.04
C CYS G 240 -15.97 14.26 -36.20
N ASN G 241 -15.20 13.74 -35.24
CA ASN G 241 -14.68 12.38 -35.28
C ASN G 241 -15.39 11.56 -34.20
N VAL G 242 -16.41 10.82 -34.62
CA VAL G 242 -17.18 9.97 -33.72
C VAL G 242 -16.59 8.56 -33.80
N ALA G 243 -15.90 8.14 -32.75
CA ALA G 243 -15.28 6.82 -32.68
C ALA G 243 -16.11 5.93 -31.75
N HIS G 244 -16.46 4.75 -32.24
CA HIS G 244 -17.30 3.82 -31.49
C HIS G 244 -16.54 2.51 -31.25
N PRO G 245 -16.11 2.23 -30.02
CA PRO G 245 -15.23 1.07 -29.81
C PRO G 245 -15.92 -0.28 -29.94
N ALA G 246 -17.21 -0.37 -29.61
CA ALA G 246 -17.87 -1.67 -29.61
C ALA G 246 -17.94 -2.27 -31.01
N SER G 247 -18.20 -1.43 -32.01
CA SER G 247 -18.20 -1.87 -33.39
C SER G 247 -16.83 -1.73 -34.04
N SER G 248 -15.81 -1.32 -33.28
CA SER G 248 -14.46 -1.08 -33.81
C SER G 248 -14.51 -0.15 -35.01
N THR G 249 -15.22 0.96 -34.84
CA THR G 249 -15.51 1.88 -35.93
C THR G 249 -15.13 3.30 -35.54
N LYS G 250 -14.46 4.00 -36.46
CA LYS G 250 -14.15 5.42 -36.32
C LYS G 250 -14.54 6.11 -37.61
N VAL G 251 -15.40 7.12 -37.51
CA VAL G 251 -15.97 7.79 -38.68
C VAL G 251 -15.84 9.30 -38.49
N ASP G 252 -15.38 9.98 -39.54
CA ASP G 252 -15.28 11.43 -39.55
C ASP G 252 -16.33 12.02 -40.49
N LYS G 253 -16.83 13.20 -40.14
CA LYS G 253 -17.85 13.88 -40.92
C LYS G 253 -17.60 15.38 -40.87
N ALA G 254 -17.34 15.98 -42.02
CA ALA G 254 -17.10 17.42 -42.10
C ALA G 254 -18.42 18.17 -42.21
N VAL G 255 -18.53 19.27 -41.47
CA VAL G 255 -19.72 20.09 -41.44
C VAL G 255 -19.33 21.54 -41.70
N GLU G 256 -20.12 22.22 -42.53
CA GLU G 256 -19.93 23.62 -42.84
C GLU G 256 -21.28 24.30 -42.94
N PRO G 257 -21.38 25.59 -42.61
CA PRO G 257 -22.67 26.27 -42.65
C PRO G 257 -23.27 26.29 -44.05
N LYS G 258 -24.59 26.37 -44.09
CA LYS G 258 -25.30 26.40 -45.36
C LYS G 258 -25.02 27.70 -46.12
N SER G 259 -25.17 27.64 -47.44
CA SER G 259 -24.89 28.80 -48.28
C SER G 259 -26.05 29.81 -48.23
N CYS G 260 -27.20 29.42 -48.78
CA CYS G 260 -28.37 30.28 -48.86
C CYS G 260 -28.07 31.61 -49.54
N ALA H 2 -24.24 -0.04 -1.34
CA ALA H 2 -25.11 0.91 -0.66
C ALA H 2 -25.46 0.43 0.74
N VAL H 3 -24.44 0.07 1.52
CA VAL H 3 -24.64 -0.44 2.87
C VAL H 3 -24.47 0.64 3.93
N LEU H 4 -23.86 1.78 3.62
CA LEU H 4 -23.66 2.87 4.57
C LEU H 4 -24.51 4.06 4.16
N ASN H 5 -25.26 4.60 5.11
CA ASN H 5 -26.13 5.74 4.83
C ASN H 5 -25.31 6.98 4.53
N GLN H 6 -25.74 7.74 3.53
CA GLN H 6 -25.06 8.95 3.12
C GLN H 6 -26.11 9.95 2.63
N PRO H 7 -25.95 11.23 2.94
CA PRO H 7 -26.95 12.22 2.49
C PRO H 7 -26.96 12.36 0.98
N SER H 8 -28.17 12.54 0.43
CA SER H 8 -28.33 12.61 -1.01
C SER H 8 -27.66 13.85 -1.60
N SER H 9 -27.70 14.97 -0.87
CA SER H 9 -27.12 16.21 -1.36
C SER H 9 -26.66 17.05 -0.17
N VAL H 10 -25.53 17.70 -0.34
CA VAL H 10 -24.97 18.60 0.67
C VAL H 10 -24.62 19.91 -0.03
N SER H 11 -25.44 20.94 0.18
CA SER H 11 -25.24 22.23 -0.47
C SER H 11 -24.44 23.18 0.41
N VAL H 18 -18.45 23.11 4.78
CA VAL H 18 -19.51 22.12 4.78
C VAL H 18 -18.98 20.79 5.33
N SER H 19 -19.89 19.84 5.53
CA SER H 19 -19.52 18.54 6.08
C SER H 19 -20.40 17.45 5.47
N ILE H 20 -19.80 16.29 5.23
CA ILE H 20 -20.51 15.13 4.70
C ILE H 20 -20.32 13.99 5.69
N THR H 21 -21.42 13.45 6.20
CA THR H 21 -21.40 12.40 7.20
C THR H 21 -21.57 11.04 6.55
N CYS H 22 -21.14 10.00 7.28
CA CYS H 22 -21.22 8.61 6.81
C CYS H 22 -21.65 7.74 7.98
N SER H 23 -22.94 7.47 8.07
CA SER H 23 -23.49 6.67 9.16
C SER H 23 -23.38 5.19 8.85
N GLY H 24 -23.01 4.40 9.86
CA GLY H 24 -22.86 2.95 9.70
C GLY H 24 -23.17 2.24 11.00
N SER H 25 -22.38 1.21 11.30
CA SER H 25 -22.55 0.44 12.52
C SER H 25 -21.17 0.09 13.06
N SER H 26 -21.10 -0.96 13.87
CA SER H 26 -19.84 -1.40 14.47
C SER H 26 -19.08 -2.40 13.62
N SER H 27 -19.68 -2.92 12.55
CA SER H 27 -19.00 -3.90 11.72
C SER H 27 -18.10 -3.25 10.68
N ASN H 28 -18.45 -2.05 10.23
CA ASN H 28 -17.71 -1.39 9.14
C ASN H 28 -17.10 -0.08 9.60
N VAL H 29 -17.90 0.93 9.95
CA VAL H 29 -17.35 2.23 10.32
C VAL H 29 -16.65 2.15 11.67
N GLY H 30 -17.16 1.32 12.58
CA GLY H 30 -16.57 1.26 13.91
C GLY H 30 -15.26 0.49 13.94
N ASN H 31 -15.27 -0.74 13.42
CA ASN H 31 -14.11 -1.61 13.47
C ASN H 31 -13.37 -1.54 12.13
N GLY H 32 -12.51 -0.53 12.02
CA GLY H 32 -11.70 -0.37 10.83
C GLY H 32 -11.49 1.10 10.53
N TYR H 33 -10.95 1.36 9.34
CA TYR H 33 -10.64 2.70 8.88
C TYR H 33 -11.52 3.02 7.67
N VAL H 34 -12.35 4.04 7.80
CA VAL H 34 -13.22 4.48 6.72
C VAL H 34 -12.40 5.28 5.71
N SER H 35 -12.73 5.11 4.43
CA SER H 35 -12.03 5.80 3.35
C SER H 35 -13.04 6.46 2.43
N TRP H 36 -12.75 7.70 2.04
CA TRP H 36 -13.63 8.47 1.19
C TRP H 36 -13.13 8.46 -0.26
N TYR H 37 -14.06 8.59 -1.20
CA TYR H 37 -13.75 8.60 -2.61
C TYR H 37 -14.55 9.70 -3.30
N GLN H 38 -13.89 10.42 -4.21
CA GLN H 38 -14.51 11.50 -4.97
C GLN H 38 -14.66 11.08 -6.42
N LEU H 39 -15.86 11.29 -6.98
CA LEU H 39 -16.18 10.91 -8.35
C LEU H 39 -16.70 12.13 -9.10
N ILE H 40 -15.84 12.74 -9.91
CA ILE H 40 -16.23 13.86 -10.74
C ILE H 40 -16.76 13.31 -12.06
N PRO H 41 -17.87 13.81 -12.58
CA PRO H 41 -18.45 13.27 -13.82
C PRO H 41 -17.47 13.41 -14.99
N GLY H 42 -17.10 12.27 -15.56
CA GLY H 42 -16.16 12.26 -16.67
C GLY H 42 -14.78 11.79 -16.26
N ALA H 44 -12.26 9.37 -13.75
CA ALA H 44 -11.91 8.29 -12.84
C ALA H 44 -12.07 8.71 -11.39
N PRO H 45 -12.48 7.79 -10.52
CA PRO H 45 -12.62 8.13 -9.11
C PRO H 45 -11.29 8.53 -8.50
N ARG H 46 -11.35 9.45 -7.53
CA ARG H 46 -10.17 9.98 -6.86
C ARG H 46 -10.23 9.61 -5.39
N THR H 47 -9.21 8.91 -4.92
CA THR H 47 -9.12 8.54 -3.51
C THR H 47 -8.74 9.78 -2.69
N LEU H 48 -9.65 10.23 -1.84
CA LEU H 48 -9.43 11.45 -1.07
C LEU H 48 -8.85 11.14 0.31
N ILE H 49 -9.71 10.78 1.26
CA ILE H 49 -9.29 10.52 2.63
C ILE H 49 -9.20 9.02 2.86
N TYR H 50 -8.35 8.64 3.81
CA TYR H 50 -8.17 7.24 4.18
C TYR H 50 -7.68 7.18 5.61
N GLY H 51 -7.87 6.03 6.24
CA GLY H 51 -7.47 5.84 7.62
C GLY H 51 -8.07 6.87 8.54
N ASP H 52 -9.39 7.07 8.43
CA ASP H 52 -10.14 8.04 9.23
C ASP H 52 -9.74 9.48 8.93
N THR H 53 -8.45 9.80 9.06
CA THR H 53 -7.99 11.17 8.91
C THR H 53 -6.81 11.36 7.95
N SER H 54 -6.11 10.30 7.57
CA SER H 54 -4.95 10.45 6.70
C SER H 54 -5.38 10.87 5.29
N ARG H 55 -4.56 11.70 4.67
CA ARG H 55 -4.82 12.20 3.32
C ARG H 55 -4.01 11.43 2.31
N ALA H 56 -4.58 11.23 1.12
CA ALA H 56 -3.92 10.50 0.06
C ALA H 56 -2.89 11.39 -0.63
N SER H 57 -2.14 10.80 -1.56
CA SER H 57 -1.10 11.53 -2.28
C SER H 57 -1.73 12.45 -3.33
N GLY H 58 -1.33 13.72 -3.31
CA GLY H 58 -1.84 14.68 -4.26
C GLY H 58 -3.21 15.24 -3.94
N VAL H 59 -3.56 15.32 -2.66
CA VAL H 59 -4.85 15.85 -2.25
C VAL H 59 -4.64 17.13 -1.45
N PRO H 60 -5.54 18.11 -1.56
CA PRO H 60 -5.37 19.35 -0.80
C PRO H 60 -5.53 19.12 0.70
N ASP H 61 -5.04 20.09 1.47
CA ASP H 61 -5.11 20.02 2.92
C ASP H 61 -6.50 20.42 3.42
N SER H 68 -16.16 9.69 15.02
CA SER H 68 -16.53 9.54 16.42
C SER H 68 -17.60 8.46 16.59
N GLY H 69 -17.18 7.21 16.65
CA GLY H 69 -18.09 6.09 16.79
C GLY H 69 -18.42 5.45 15.45
N ASN H 70 -19.71 5.21 15.22
CA ASN H 70 -20.17 4.61 13.98
C ASN H 70 -20.55 5.65 12.93
N THR H 71 -19.88 6.80 12.92
CA THR H 71 -20.19 7.87 11.97
C THR H 71 -18.96 8.74 11.81
N ALA H 72 -18.43 8.78 10.59
CA ALA H 72 -17.28 9.63 10.25
C ALA H 72 -17.72 10.76 9.34
N THR H 73 -17.08 11.91 9.50
CA THR H 73 -17.45 13.11 8.75
C THR H 73 -16.31 13.52 7.82
N LEU H 74 -16.66 14.32 6.82
CA LEU H 74 -15.72 14.88 5.87
C LEU H 74 -15.75 16.39 5.96
N THR H 75 -14.58 17.01 5.77
CA THR H 75 -14.43 18.45 5.93
C THR H 75 -14.45 19.15 4.58
N ILE H 76 -15.33 20.14 4.44
CA ILE H 76 -15.44 20.92 3.22
C ILE H 76 -15.51 22.41 3.54
N GLN H 80 -12.70 25.00 -3.75
CA GLN H 80 -12.64 25.75 -5.01
C GLN H 80 -13.92 25.55 -5.82
N ALA H 81 -13.78 25.51 -7.14
CA ALA H 81 -14.91 25.34 -8.04
C ALA H 81 -14.98 23.96 -8.67
N GLU H 82 -13.93 23.16 -8.57
CA GLU H 82 -13.89 21.83 -9.17
C GLU H 82 -14.36 20.75 -8.20
N ASP H 83 -14.78 21.11 -6.98
CA ASP H 83 -15.20 20.13 -5.99
C ASP H 83 -16.61 19.60 -6.24
N GLU H 84 -17.39 20.25 -7.10
CA GLU H 84 -18.74 19.80 -7.39
C GLU H 84 -18.73 18.41 -8.02
N ALA H 85 -18.97 17.39 -7.21
CA ALA H 85 -18.90 16.00 -7.66
C ALA H 85 -19.67 15.13 -6.68
N ASP H 86 -19.49 13.81 -6.80
CA ASP H 86 -20.09 12.85 -5.90
C ASP H 86 -19.04 12.31 -4.94
N TYR H 87 -19.48 11.97 -3.73
CA TYR H 87 -18.58 11.53 -2.67
C TYR H 87 -19.15 10.26 -2.03
N PHE H 88 -18.27 9.28 -1.81
CA PHE H 88 -18.64 8.01 -1.21
C PHE H 88 -17.70 7.69 -0.06
N CYS H 89 -18.23 7.04 0.96
CA CYS H 89 -17.44 6.50 2.06
C CYS H 89 -17.42 4.98 1.97
N ALA H 90 -16.33 4.38 2.41
CA ALA H 90 -16.17 2.93 2.29
C ALA H 90 -15.24 2.42 3.38
N SER H 91 -15.48 1.19 3.80
CA SER H 91 -14.63 0.52 4.78
C SER H 91 -14.86 -0.98 4.66
N ALA H 92 -13.97 -1.74 5.29
CA ALA H 92 -14.07 -3.19 5.26
C ALA H 92 -15.15 -3.67 6.22
N GLU H 93 -15.58 -4.92 6.02
CA GLU H 93 -16.62 -5.54 6.84
C GLU H 93 -16.28 -7.02 7.00
N ASP H 94 -15.92 -7.42 8.22
CA ASP H 94 -15.68 -8.81 8.59
C ASP H 94 -14.46 -9.43 7.90
N SER H 95 -13.96 -8.77 6.85
CA SER H 95 -12.83 -9.31 6.10
C SER H 95 -12.05 -8.16 5.49
N SER H 96 -10.73 -8.35 5.38
CA SER H 96 -9.88 -7.36 4.74
C SER H 96 -10.04 -7.33 3.22
N SER H 97 -10.71 -8.32 2.64
CA SER H 97 -10.96 -8.36 1.21
C SER H 97 -12.42 -8.12 0.86
N ASN H 98 -13.28 -7.89 1.85
CA ASN H 98 -14.68 -7.58 1.65
C ASN H 98 -14.92 -6.12 2.03
N ALA H 99 -15.56 -5.38 1.13
CA ALA H 99 -15.76 -3.95 1.33
C ALA H 99 -17.21 -3.56 1.08
N VAL H 100 -17.61 -2.44 1.66
CA VAL H 100 -18.94 -1.87 1.50
C VAL H 100 -18.79 -0.37 1.32
N PHE H 101 -19.63 0.22 0.48
CA PHE H 101 -19.56 1.63 0.14
C PHE H 101 -20.75 2.37 0.76
N GLY H 102 -20.84 3.67 0.44
CA GLY H 102 -21.92 4.50 0.89
C GLY H 102 -22.95 4.75 -0.20
N SER H 103 -24.03 5.43 0.19
CA SER H 103 -25.15 5.65 -0.72
C SER H 103 -24.77 6.60 -1.85
N GLY H 104 -24.28 7.80 -1.52
CA GLY H 104 -23.93 8.77 -2.52
C GLY H 104 -24.28 10.19 -2.12
N THR H 105 -23.31 11.10 -2.19
CA THR H 105 -23.50 12.50 -1.79
C THR H 105 -23.14 13.39 -2.98
N THR H 106 -24.13 14.08 -3.54
CA THR H 106 -23.92 14.97 -4.67
C THR H 106 -23.64 16.37 -4.15
N LEU H 107 -22.41 16.85 -4.36
CA LEU H 107 -22.00 18.17 -3.92
C LEU H 107 -22.31 19.18 -5.02
N THR H 108 -23.09 20.21 -4.66
CA THR H 108 -23.46 21.27 -5.59
C THR H 108 -23.19 22.61 -4.94
N VAL H 109 -22.33 23.41 -5.56
CA VAL H 109 -21.98 24.73 -5.02
C VAL H 109 -23.06 25.74 -5.38
N PRO H 113 -24.75 31.68 -9.37
CA PRO H 113 -24.88 32.64 -10.47
C PRO H 113 -25.82 32.15 -11.57
N LYS H 114 -26.98 32.77 -11.69
CA LYS H 114 -27.96 32.35 -12.68
C LYS H 114 -27.52 32.76 -14.09
N SER H 115 -28.15 32.15 -15.09
CA SER H 115 -27.83 32.42 -16.48
C SER H 115 -29.00 31.96 -17.34
N PRO H 116 -29.24 32.61 -18.48
CA PRO H 116 -30.32 32.19 -19.37
C PRO H 116 -29.85 31.11 -20.33
N PRO H 117 -30.69 30.12 -20.62
CA PRO H 117 -30.29 29.04 -21.53
C PRO H 117 -30.29 29.50 -22.98
N SER H 118 -29.18 29.27 -23.68
CA SER H 118 -29.06 29.58 -25.09
C SER H 118 -29.47 28.35 -25.89
N VAL H 119 -30.69 28.36 -26.41
CA VAL H 119 -31.26 27.22 -27.11
C VAL H 119 -31.00 27.36 -28.60
N THR H 120 -30.61 26.26 -29.24
CA THR H 120 -30.38 26.21 -30.68
C THR H 120 -31.03 24.95 -31.23
N LEU H 121 -31.88 25.11 -32.25
CA LEU H 121 -32.60 24.01 -32.86
C LEU H 121 -31.98 23.67 -34.20
N PHE H 122 -31.70 22.37 -34.40
CA PHE H 122 -31.10 21.89 -35.64
C PHE H 122 -32.07 21.00 -36.38
N PRO H 123 -32.27 21.22 -37.68
CA PRO H 123 -33.18 20.35 -38.45
C PRO H 123 -32.46 19.09 -38.89
N PRO H 124 -33.20 18.07 -39.32
CA PRO H 124 -32.54 16.89 -39.89
C PRO H 124 -31.82 17.23 -41.18
N SER H 125 -30.59 16.72 -41.31
CA SER H 125 -29.76 17.05 -42.46
C SER H 125 -30.35 16.45 -43.73
N THR H 126 -29.90 17.00 -44.87
CA THR H 126 -30.33 16.48 -46.17
C THR H 126 -29.89 15.04 -46.36
N GLU H 127 -28.72 14.68 -45.85
CA GLU H 127 -28.25 13.30 -45.94
C GLU H 127 -29.14 12.36 -45.13
N GLU H 128 -29.63 12.82 -43.97
CA GLU H 128 -30.49 11.98 -43.16
C GLU H 128 -31.87 11.82 -43.79
N LEU H 129 -32.38 12.86 -44.45
CA LEU H 129 -33.69 12.80 -45.08
C LEU H 129 -33.72 11.90 -46.30
N ASN H 130 -32.58 11.42 -46.76
CA ASN H 130 -32.52 10.53 -47.92
C ASN H 130 -32.63 9.07 -47.48
N THR H 135 -34.63 13.33 -37.76
CA THR H 135 -34.55 13.59 -36.33
C THR H 135 -34.20 15.05 -36.06
N LEU H 136 -35.02 15.70 -35.25
CA LEU H 136 -34.80 17.10 -34.88
C LEU H 136 -34.03 17.17 -33.57
N VAL H 137 -32.98 18.00 -33.56
CA VAL H 137 -32.11 18.15 -32.40
C VAL H 137 -32.32 19.55 -31.83
N CYS H 138 -32.58 19.63 -30.53
CA CYS H 138 -32.75 20.89 -29.82
C CYS H 138 -31.72 20.92 -28.69
N LEU H 139 -30.64 21.68 -28.89
CA LEU H 139 -29.52 21.71 -27.96
C LEU H 139 -29.60 22.98 -27.13
N ILE H 140 -29.82 22.83 -25.82
CA ILE H 140 -29.81 23.94 -24.88
C ILE H 140 -28.47 23.94 -24.15
N SER H 141 -28.02 25.13 -23.76
CA SER H 141 -26.73 25.27 -23.12
C SER H 141 -26.74 26.47 -22.18
N ASP H 142 -25.80 26.47 -21.23
CA ASP H 142 -25.64 27.55 -20.27
C ASP H 142 -26.92 27.77 -19.46
N PHE H 143 -27.55 26.68 -19.03
CA PHE H 143 -28.82 26.74 -18.32
C PHE H 143 -28.54 26.58 -16.81
N TYR H 144 -28.06 27.66 -16.21
CA TYR H 144 -27.83 27.71 -14.78
C TYR H 144 -28.81 28.68 -14.13
N PRO H 145 -29.55 28.27 -13.09
CA PRO H 145 -29.57 26.96 -12.40
C PRO H 145 -30.00 25.80 -13.29
N GLY H 146 -29.45 24.62 -13.02
CA GLY H 146 -29.67 23.46 -13.87
C GLY H 146 -31.01 22.78 -13.68
N SER H 147 -32.09 23.48 -14.06
CA SER H 147 -33.43 22.91 -14.03
C SER H 147 -34.20 23.46 -15.23
N VAL H 148 -34.59 22.58 -16.15
CA VAL H 148 -35.26 22.99 -17.38
C VAL H 148 -36.39 22.00 -17.68
N THR H 149 -37.33 22.46 -18.50
CA THR H 149 -38.47 21.64 -18.91
C THR H 149 -38.77 21.85 -20.39
N ASP H 155 -46.70 23.60 -35.37
CA ASP H 155 -47.62 24.62 -35.84
C ASP H 155 -48.53 25.10 -34.72
N GLY H 156 -48.09 24.88 -33.48
CA GLY H 156 -48.87 25.27 -32.32
C GLY H 156 -49.29 24.10 -31.47
N SER H 157 -49.62 22.98 -32.10
CA SER H 157 -50.03 21.79 -31.37
C SER H 157 -48.81 21.12 -30.74
N THR H 158 -48.97 20.70 -29.48
CA THR H 158 -47.87 20.08 -28.76
C THR H 158 -47.68 18.63 -29.23
N ILE H 159 -46.42 18.23 -29.35
CA ILE H 159 -46.08 16.88 -29.79
C ILE H 159 -45.68 16.03 -28.59
N VAL H 163 -40.48 11.59 -28.47
CA VAL H 163 -39.75 12.71 -27.89
C VAL H 163 -38.95 12.26 -26.68
N GLU H 164 -37.63 12.42 -26.76
CA GLU H 164 -36.72 12.05 -25.67
C GLU H 164 -35.98 13.29 -25.20
N THR H 165 -35.73 13.37 -23.90
CA THR H 165 -35.04 14.49 -23.29
C THR H 165 -33.90 13.99 -22.43
N THR H 166 -32.79 14.72 -22.45
CA THR H 166 -31.62 14.39 -21.66
C THR H 166 -31.62 15.18 -20.36
N ARG H 167 -31.31 14.49 -19.26
CA ARG H 167 -31.23 15.15 -17.96
C ARG H 167 -30.16 16.22 -17.97
N ALA H 168 -30.30 17.18 -17.04
CA ALA H 168 -29.38 18.31 -16.97
C ALA H 168 -27.97 17.82 -16.66
N SER H 169 -27.02 18.17 -17.52
CA SER H 169 -25.62 17.78 -17.37
C SER H 169 -24.78 19.02 -17.14
N LYS H 170 -23.91 18.96 -16.12
CA LYS H 170 -23.04 20.09 -15.82
C LYS H 170 -21.95 20.21 -16.87
N GLN H 171 -21.75 21.43 -17.37
CA GLN H 171 -20.71 21.69 -18.36
C GLN H 171 -19.36 21.91 -17.67
N SER H 172 -18.44 22.57 -18.38
CA SER H 172 -17.13 22.85 -17.81
C SER H 172 -17.11 24.16 -17.02
N ASN H 173 -17.81 25.18 -17.52
CA ASN H 173 -17.85 26.49 -16.87
C ASN H 173 -18.98 26.61 -15.85
N SER H 174 -19.19 25.58 -15.05
CA SER H 174 -20.21 25.54 -13.99
C SER H 174 -21.62 25.73 -14.50
N LYS H 175 -21.84 25.62 -15.82
CA LYS H 175 -23.17 25.74 -16.40
C LYS H 175 -23.75 24.36 -16.66
N TYR H 176 -25.06 24.33 -16.93
CA TYR H 176 -25.79 23.10 -17.19
C TYR H 176 -26.36 23.13 -18.59
N ALA H 177 -26.38 21.96 -19.23
CA ALA H 177 -26.89 21.84 -20.60
C ALA H 177 -27.72 20.56 -20.72
N ALA H 178 -28.58 20.54 -21.74
CA ALA H 178 -29.43 19.40 -21.99
C ALA H 178 -29.81 19.39 -23.47
N SER H 179 -30.22 18.21 -23.94
CA SER H 179 -30.60 18.02 -25.33
C SER H 179 -31.92 17.25 -25.41
N SER H 180 -32.70 17.57 -26.44
CA SER H 180 -33.99 16.94 -26.67
C SER H 180 -34.10 16.54 -28.13
N TYR H 181 -34.53 15.30 -28.37
CA TYR H 181 -34.67 14.80 -29.74
C TYR H 181 -36.14 14.59 -30.09
N LEU H 184 -38.88 11.66 -35.84
CA LEU H 184 -39.98 11.47 -36.78
C LEU H 184 -39.48 10.88 -38.10
N THR H 185 -40.35 10.87 -39.10
CA THR H 185 -40.03 10.34 -40.42
C THR H 185 -39.75 11.50 -41.38
N SER H 186 -39.25 11.13 -42.56
CA SER H 186 -38.95 12.14 -43.58
C SER H 186 -40.23 12.77 -44.14
N SER H 187 -41.34 12.03 -44.13
CA SER H 187 -42.60 12.59 -44.60
C SER H 187 -43.23 13.55 -43.60
N ASP H 188 -43.05 13.28 -42.30
CA ASP H 188 -43.59 14.16 -41.27
C ASP H 188 -42.84 15.48 -41.16
N TRP H 189 -41.66 15.59 -41.77
CA TRP H 189 -40.92 16.84 -41.72
C TRP H 189 -41.58 17.91 -42.58
N LYS H 190 -41.95 17.56 -43.81
CA LYS H 190 -42.60 18.51 -44.70
C LYS H 190 -44.12 18.49 -44.52
N SER H 196 -41.42 23.79 -33.43
CA SER H 196 -40.83 24.75 -32.48
C SER H 196 -40.44 24.06 -31.17
N CYS H 197 -39.22 24.32 -30.71
CA CYS H 197 -38.71 23.76 -29.46
C CYS H 197 -38.83 24.82 -28.38
N GLU H 198 -39.74 24.61 -27.43
CA GLU H 198 -39.98 25.54 -26.34
C GLU H 198 -39.24 25.05 -25.10
N VAL H 199 -38.35 25.89 -24.57
CA VAL H 199 -37.56 25.57 -23.39
C VAL H 199 -38.03 26.47 -22.25
N THR H 200 -38.38 25.84 -21.12
CA THR H 200 -38.85 26.55 -19.94
C THR H 200 -37.82 26.35 -18.83
N HIS H 201 -37.12 27.43 -18.48
CA HIS H 201 -36.10 27.39 -17.43
C HIS H 201 -36.46 28.43 -16.37
N GLU H 202 -37.01 27.96 -15.25
CA GLU H 202 -37.39 28.81 -14.13
C GLU H 202 -38.38 29.89 -14.57
N GLY H 203 -39.51 29.44 -15.08
CA GLY H 203 -40.57 30.36 -15.53
C GLY H 203 -40.35 31.00 -16.88
N SER H 204 -39.15 31.52 -17.13
CA SER H 204 -38.87 32.14 -18.42
C SER H 204 -38.88 31.10 -19.53
N THR H 205 -39.36 31.51 -20.70
CA THR H 205 -39.52 30.62 -21.84
C THR H 205 -38.69 31.12 -23.00
N VAL H 206 -37.87 30.24 -23.56
CA VAL H 206 -37.08 30.52 -24.75
C VAL H 206 -37.49 29.50 -25.82
N THR H 207 -37.83 30.00 -27.00
CA THR H 207 -38.36 29.16 -28.07
C THR H 207 -37.60 29.43 -29.37
N LYS H 208 -37.39 28.37 -30.15
CA LYS H 208 -36.77 28.46 -31.45
C LYS H 208 -37.62 27.71 -32.47
N THR H 209 -37.67 28.23 -33.69
CA THR H 209 -38.47 27.61 -34.74
C THR H 209 -37.69 27.50 -36.04
#